data_2NBA
#
_entry.id   2NBA
#
_entity_poly.entity_id   1
_entity_poly.type   'polypeptide(L)'
_entity_poly.pdbx_seq_one_letter_code
;HRSANLRAAHAALLENARFMEQFYAKKGSFKLTSTKWPELPVKEAGGFCIRMSGQAKGILEGKFTLKAVALDREAEPRVL
RLNESLTAVVCGKMKGKGSCTDGEEIFRGNDAECRPFTG
;
_entity_poly.pdbx_strand_id   A
#
# COMPACT_ATOMS: atom_id res chain seq x y z
N HIS A 1 -22.47 6.21 -0.96
CA HIS A 1 -21.41 6.36 -1.99
C HIS A 1 -20.13 6.93 -1.38
N ARG A 2 -19.05 6.16 -1.46
CA ARG A 2 -17.77 6.59 -0.92
C ARG A 2 -16.63 5.79 -1.54
N SER A 3 -16.98 4.85 -2.42
CA SER A 3 -15.97 4.02 -3.09
C SER A 3 -14.86 4.89 -3.65
N ALA A 4 -13.79 5.01 -2.88
CA ALA A 4 -12.64 5.81 -3.27
C ALA A 4 -12.04 5.32 -4.57
N ASN A 5 -11.01 6.01 -5.04
CA ASN A 5 -10.34 5.65 -6.29
C ASN A 5 -9.40 4.46 -6.10
N LEU A 6 -9.85 3.47 -5.31
CA LEU A 6 -9.04 2.28 -5.07
C LEU A 6 -8.71 1.59 -6.37
N ARG A 7 -9.53 1.86 -7.36
CA ARG A 7 -9.40 1.26 -8.68
C ARG A 7 -8.09 1.69 -9.33
N ALA A 8 -7.77 2.96 -9.19
CA ALA A 8 -6.53 3.48 -9.73
C ALA A 8 -5.36 2.88 -8.98
N ALA A 9 -5.57 2.73 -7.68
CA ALA A 9 -4.56 2.19 -6.81
C ALA A 9 -4.38 0.71 -7.04
N HIS A 10 -5.49 0.04 -7.29
CA HIS A 10 -5.49 -1.36 -7.55
C HIS A 10 -4.43 -1.68 -8.60
N ALA A 11 -4.25 -0.73 -9.51
CA ALA A 11 -3.25 -0.85 -10.56
C ALA A 11 -1.88 -0.39 -10.09
N ALA A 12 -1.86 0.50 -9.09
CA ALA A 12 -0.60 1.00 -8.54
C ALA A 12 0.04 -0.06 -7.65
N LEU A 13 -0.68 -0.45 -6.59
CA LEU A 13 -0.17 -1.49 -5.70
C LEU A 13 0.12 -2.73 -6.52
N LEU A 14 -0.57 -2.84 -7.65
CA LEU A 14 -0.35 -3.93 -8.58
C LEU A 14 0.93 -3.60 -9.33
N GLU A 15 0.99 -2.36 -9.79
CA GLU A 15 2.13 -1.82 -10.50
C GLU A 15 3.38 -2.03 -9.65
N ASN A 16 3.14 -2.10 -8.35
CA ASN A 16 4.20 -2.35 -7.39
C ASN A 16 4.38 -3.84 -7.25
N ALA A 17 3.26 -4.53 -7.06
CA ALA A 17 3.23 -5.98 -6.91
C ALA A 17 4.11 -6.68 -7.93
N ARG A 18 4.19 -6.12 -9.14
CA ARG A 18 5.03 -6.70 -10.18
C ARG A 18 6.47 -6.36 -9.88
N PHE A 19 6.70 -5.11 -9.48
CA PHE A 19 8.02 -4.65 -9.10
C PHE A 19 8.45 -5.40 -7.85
N MET A 20 7.44 -5.93 -7.13
CA MET A 20 7.67 -6.72 -5.94
C MET A 20 8.05 -8.12 -6.38
N GLU A 21 7.24 -8.64 -7.29
CA GLU A 21 7.46 -9.94 -7.87
C GLU A 21 8.82 -9.96 -8.57
N GLN A 22 9.25 -8.78 -8.99
CA GLN A 22 10.53 -8.61 -9.66
C GLN A 22 11.66 -8.42 -8.67
N PHE A 23 11.45 -7.52 -7.70
CA PHE A 23 12.47 -7.26 -6.69
C PHE A 23 12.91 -8.58 -6.09
N TYR A 24 11.94 -9.49 -5.93
CA TYR A 24 12.21 -10.81 -5.41
C TYR A 24 12.89 -11.64 -6.49
N ALA A 25 12.41 -11.45 -7.72
CA ALA A 25 12.98 -12.15 -8.87
C ALA A 25 14.42 -11.72 -9.11
N LYS A 26 14.78 -10.59 -8.51
CA LYS A 26 16.13 -10.04 -8.64
C LYS A 26 16.93 -10.25 -7.37
N LYS A 27 16.21 -10.32 -6.24
CA LYS A 27 16.84 -10.50 -4.94
C LYS A 27 16.44 -11.82 -4.30
N GLY A 28 15.27 -11.84 -3.66
CA GLY A 28 14.79 -13.03 -3.00
C GLY A 28 14.18 -12.70 -1.65
N SER A 29 14.33 -11.46 -1.23
CA SER A 29 13.79 -10.99 0.05
C SER A 29 13.70 -9.47 0.06
N PHE A 30 12.85 -8.93 0.92
CA PHE A 30 12.69 -7.47 1.01
C PHE A 30 13.44 -6.91 2.22
N LYS A 31 12.80 -6.81 3.38
CA LYS A 31 13.50 -6.30 4.56
C LYS A 31 14.65 -7.23 4.87
N LEU A 32 15.73 -6.64 5.30
CA LEU A 32 16.94 -7.37 5.62
C LEU A 32 17.14 -7.47 7.13
N THR A 33 16.62 -6.48 7.85
CA THR A 33 16.74 -6.42 9.29
C THR A 33 15.55 -5.71 9.91
N SER A 34 15.30 -6.00 11.18
CA SER A 34 14.20 -5.36 11.88
C SER A 34 14.48 -3.87 12.02
N THR A 35 13.52 -3.09 11.54
CA THR A 35 13.59 -1.62 11.53
C THR A 35 14.29 -1.09 10.29
N LYS A 36 13.96 -1.65 9.14
CA LYS A 36 14.51 -1.20 7.86
C LYS A 36 13.38 -0.87 6.88
N TRP A 37 13.66 0.01 5.91
CA TRP A 37 12.65 0.42 4.95
C TRP A 37 13.08 0.24 3.49
N PRO A 38 12.69 -0.88 2.86
CA PRO A 38 12.99 -1.11 1.44
C PRO A 38 12.19 -0.15 0.55
N GLU A 39 12.89 0.56 -0.34
CA GLU A 39 12.25 1.53 -1.22
C GLU A 39 11.12 0.92 -2.05
N LEU A 40 9.97 1.61 -2.07
CA LEU A 40 8.80 1.18 -2.82
C LEU A 40 8.79 1.78 -4.24
N PRO A 41 8.24 1.04 -5.22
CA PRO A 41 8.16 1.49 -6.61
C PRO A 41 7.11 2.57 -6.86
N VAL A 42 5.84 2.18 -6.94
CA VAL A 42 4.76 3.13 -7.21
C VAL A 42 4.48 4.02 -6.00
N LYS A 43 4.30 5.30 -6.26
CA LYS A 43 4.00 6.26 -5.20
C LYS A 43 2.70 6.99 -5.50
N GLU A 44 2.09 6.61 -6.62
CA GLU A 44 0.83 7.24 -7.03
C GLU A 44 0.15 6.46 -8.15
N ALA A 45 -1.15 6.33 -8.03
CA ALA A 45 -1.99 5.65 -9.01
C ALA A 45 -2.63 6.66 -9.96
N GLY A 46 -3.94 6.81 -9.85
CA GLY A 46 -4.67 7.76 -10.66
C GLY A 46 -5.63 8.58 -9.83
N GLY A 47 -5.69 8.23 -8.54
CA GLY A 47 -6.55 8.91 -7.60
C GLY A 47 -6.13 8.59 -6.18
N PHE A 48 -5.15 7.69 -6.07
CA PHE A 48 -4.58 7.29 -4.80
C PHE A 48 -3.07 7.53 -4.82
N CYS A 49 -2.46 7.55 -3.65
CA CYS A 49 -1.02 7.72 -3.56
C CYS A 49 -0.45 6.54 -2.79
N ILE A 50 0.68 6.05 -3.25
CA ILE A 50 1.29 4.87 -2.66
C ILE A 50 2.60 5.15 -1.95
N ARG A 51 2.88 4.30 -0.97
CA ARG A 51 4.10 4.39 -0.17
C ARG A 51 4.48 3.00 0.31
N MET A 52 5.63 2.88 0.97
CA MET A 52 6.09 1.61 1.46
C MET A 52 5.31 1.17 2.70
N SER A 53 5.25 -0.14 2.94
CA SER A 53 4.54 -0.68 4.10
C SER A 53 4.84 0.13 5.38
N GLY A 54 4.20 -0.25 6.48
CA GLY A 54 4.32 0.48 7.76
C GLY A 54 5.71 0.82 8.25
N GLN A 55 5.85 0.77 9.58
CA GLN A 55 7.11 1.06 10.27
C GLN A 55 8.19 0.05 9.93
N ALA A 56 9.40 0.55 9.76
CA ALA A 56 10.56 -0.28 9.44
C ALA A 56 10.63 -1.52 10.33
N LYS A 57 10.12 -1.40 11.55
CA LYS A 57 10.13 -2.50 12.51
C LYS A 57 9.13 -3.58 12.11
N GLY A 58 8.06 -3.15 11.44
CA GLY A 58 7.02 -4.06 10.98
C GLY A 58 6.90 -4.03 9.48
N ILE A 59 7.98 -4.39 8.80
CA ILE A 59 7.99 -4.36 7.35
C ILE A 59 8.04 -5.72 6.71
N LEU A 60 7.31 -5.79 5.60
CA LEU A 60 7.15 -6.99 4.80
C LEU A 60 8.35 -7.93 4.89
N GLU A 61 8.04 -9.22 5.02
CA GLU A 61 9.06 -10.27 5.10
C GLU A 61 8.47 -11.55 4.53
N GLY A 62 8.98 -11.98 3.39
CA GLY A 62 8.44 -13.15 2.74
C GLY A 62 7.13 -12.78 2.08
N LYS A 63 6.80 -11.50 2.21
CA LYS A 63 5.59 -10.91 1.66
C LYS A 63 5.91 -9.52 1.14
N PHE A 64 5.42 -9.16 -0.03
CA PHE A 64 5.65 -7.82 -0.55
C PHE A 64 4.31 -7.11 -0.76
N THR A 65 4.10 -5.98 -0.07
CA THR A 65 2.82 -5.27 -0.20
C THR A 65 2.96 -3.76 -0.01
N LEU A 66 2.15 -3.01 -0.75
CA LEU A 66 2.12 -1.56 -0.66
C LEU A 66 0.69 -1.09 -0.39
N LYS A 67 0.56 0.08 0.22
CA LYS A 67 -0.75 0.62 0.48
C LYS A 67 -0.91 1.97 -0.19
N ALA A 68 -2.08 2.16 -0.75
CA ALA A 68 -2.41 3.39 -1.44
C ALA A 68 -3.50 4.12 -0.69
N VAL A 69 -3.48 5.43 -0.76
CA VAL A 69 -4.46 6.25 -0.08
C VAL A 69 -5.11 7.23 -1.04
N ALA A 70 -6.38 7.51 -0.84
CA ALA A 70 -7.08 8.43 -1.71
C ALA A 70 -6.47 9.82 -1.64
N LEU A 71 -6.36 10.45 -2.80
CA LEU A 71 -5.84 11.80 -2.87
C LEU A 71 -6.89 12.71 -2.30
N ASP A 72 -8.14 12.34 -2.56
CA ASP A 72 -9.30 13.05 -2.03
C ASP A 72 -9.80 12.32 -0.79
N ARG A 73 -8.90 11.59 -0.14
CA ARG A 73 -9.23 10.79 1.03
C ARG A 73 -10.02 11.58 2.08
N GLU A 74 -9.82 12.89 2.14
CA GLU A 74 -10.57 13.71 3.10
C GLU A 74 -12.04 13.41 2.91
N ALA A 75 -12.35 13.00 1.69
CA ALA A 75 -13.69 12.62 1.28
C ALA A 75 -13.80 11.11 1.13
N GLU A 76 -12.65 10.45 0.93
CA GLU A 76 -12.61 9.00 0.75
C GLU A 76 -11.60 8.34 1.68
N PRO A 77 -11.94 8.16 2.98
CA PRO A 77 -11.07 7.50 3.96
C PRO A 77 -10.62 6.13 3.48
N ARG A 78 -11.29 5.62 2.44
CA ARG A 78 -10.96 4.31 1.89
C ARG A 78 -9.50 4.21 1.48
N VAL A 79 -8.91 3.09 1.86
CA VAL A 79 -7.51 2.80 1.57
C VAL A 79 -7.39 1.44 0.87
N LEU A 80 -6.29 1.19 0.16
CA LEU A 80 -6.12 -0.10 -0.52
C LEU A 80 -4.70 -0.63 -0.39
N ARG A 81 -4.55 -1.91 -0.65
CA ARG A 81 -3.26 -2.59 -0.61
C ARG A 81 -3.24 -3.73 -1.60
N LEU A 82 -2.08 -4.02 -2.17
CA LEU A 82 -1.96 -5.12 -3.11
C LEU A 82 -0.57 -5.73 -3.04
N ASN A 83 -0.50 -7.03 -2.81
CA ASN A 83 0.78 -7.72 -2.67
C ASN A 83 1.19 -8.44 -3.95
N GLU A 84 2.32 -9.15 -3.89
CA GLU A 84 2.83 -9.90 -5.02
C GLU A 84 1.86 -11.01 -5.43
N SER A 85 1.05 -11.45 -4.47
CA SER A 85 0.07 -12.50 -4.73
C SER A 85 -1.16 -11.89 -5.38
N LEU A 86 -1.03 -10.61 -5.71
CA LEU A 86 -2.09 -9.88 -6.36
C LEU A 86 -3.36 -9.92 -5.52
N THR A 87 -3.18 -10.07 -4.22
CA THR A 87 -4.27 -10.08 -3.27
C THR A 87 -4.40 -8.71 -2.63
N ALA A 88 -5.49 -8.03 -2.89
CA ALA A 88 -5.69 -6.69 -2.37
C ALA A 88 -6.66 -6.66 -1.21
N VAL A 89 -6.51 -5.63 -0.41
CA VAL A 89 -7.39 -5.40 0.72
C VAL A 89 -7.64 -3.92 0.89
N VAL A 90 -8.91 -3.59 0.96
CA VAL A 90 -9.35 -2.22 1.09
C VAL A 90 -9.84 -1.92 2.49
N CYS A 91 -9.67 -0.68 2.90
CA CYS A 91 -10.10 -0.22 4.21
C CYS A 91 -11.11 0.90 4.04
N GLY A 92 -11.91 1.11 5.07
CA GLY A 92 -12.91 2.15 5.01
C GLY A 92 -12.55 3.28 5.93
N LYS A 93 -11.42 3.11 6.61
CA LYS A 93 -10.94 4.10 7.54
C LYS A 93 -9.42 4.09 7.57
N MET A 94 -8.83 5.25 7.30
CA MET A 94 -7.40 5.38 7.33
C MET A 94 -7.03 6.31 8.48
N LYS A 95 -6.47 5.73 9.53
CA LYS A 95 -6.10 6.50 10.71
C LYS A 95 -4.61 6.79 10.74
N GLY A 96 -3.82 5.74 10.89
CA GLY A 96 -2.38 5.88 10.97
C GLY A 96 -1.71 5.81 9.62
N LYS A 97 -0.75 4.89 9.50
CA LYS A 97 -0.01 4.72 8.26
C LYS A 97 0.44 6.05 7.68
N GLY A 98 -0.36 6.57 6.76
CA GLY A 98 -0.07 7.83 6.11
C GLY A 98 -1.10 8.15 5.06
N SER A 99 -1.39 9.42 4.85
CA SER A 99 -2.40 9.80 3.88
C SER A 99 -1.88 10.84 2.89
N CYS A 100 -2.52 10.87 1.74
CA CYS A 100 -2.17 11.83 0.69
C CYS A 100 -2.62 13.22 1.10
N THR A 101 -2.41 14.19 0.21
CA THR A 101 -2.81 15.58 0.44
C THR A 101 -2.59 16.00 1.90
N ASP A 102 -1.61 15.39 2.55
CA ASP A 102 -1.30 15.69 3.94
C ASP A 102 0.15 15.34 4.28
N GLY A 103 0.46 14.05 4.24
CA GLY A 103 1.81 13.60 4.54
C GLY A 103 1.94 12.09 4.51
N GLU A 104 1.81 11.51 3.32
CA GLU A 104 1.92 10.07 3.16
C GLU A 104 3.34 9.59 3.48
N GLU A 105 3.47 8.41 4.07
CA GLU A 105 4.78 7.89 4.42
C GLU A 105 4.82 6.36 4.36
N ILE A 106 3.98 5.70 5.16
CA ILE A 106 3.98 4.24 5.21
C ILE A 106 2.61 3.67 5.56
N PHE A 107 2.53 2.33 5.56
CA PHE A 107 1.29 1.62 5.88
C PHE A 107 1.46 0.82 7.18
N ARG A 108 1.36 1.49 8.33
CA ARG A 108 1.51 0.81 9.60
C ARG A 108 0.13 0.53 10.22
N GLY A 109 -0.09 -0.76 10.49
CA GLY A 109 -1.36 -1.23 11.05
C GLY A 109 -2.13 -0.23 11.89
N ASN A 110 -3.02 0.52 11.24
CA ASN A 110 -3.87 1.50 11.91
C ASN A 110 -5.07 1.85 11.03
N ASP A 111 -5.76 0.83 10.55
CA ASP A 111 -6.93 1.05 9.69
C ASP A 111 -8.18 0.36 10.24
N ALA A 112 -9.33 0.82 9.76
CA ALA A 112 -10.61 0.25 10.17
C ALA A 112 -11.50 0.06 8.95
N GLU A 113 -12.57 -0.70 9.14
CA GLU A 113 -13.52 -0.95 8.06
C GLU A 113 -12.82 -1.51 6.83
N CYS A 114 -12.17 -2.67 6.96
CA CYS A 114 -11.46 -3.23 5.81
C CYS A 114 -11.95 -4.63 5.43
N ARG A 115 -11.92 -4.87 4.12
CA ARG A 115 -12.32 -6.12 3.54
C ARG A 115 -11.41 -6.47 2.36
N PRO A 116 -11.38 -7.74 1.92
CA PRO A 116 -10.53 -8.17 0.81
C PRO A 116 -11.03 -7.64 -0.53
N PHE A 117 -10.15 -6.95 -1.24
CA PHE A 117 -10.49 -6.37 -2.54
C PHE A 117 -9.78 -7.08 -3.68
N THR A 118 -10.48 -7.22 -4.80
CA THR A 118 -9.90 -7.86 -5.97
C THR A 118 -10.05 -6.98 -7.20
N GLY A 119 -8.94 -6.39 -7.64
CA GLY A 119 -8.94 -5.53 -8.81
C GLY A 119 -9.21 -6.30 -10.08
N HIS A 1 -20.72 1.95 1.38
CA HIS A 1 -20.77 2.89 0.22
C HIS A 1 -19.74 3.98 0.35
N ARG A 2 -18.51 3.70 -0.10
CA ARG A 2 -17.42 4.67 -0.03
C ARG A 2 -16.32 4.32 -1.02
N SER A 3 -16.60 3.35 -1.89
CA SER A 3 -15.62 2.92 -2.89
C SER A 3 -14.90 4.10 -3.52
N ALA A 4 -13.74 4.42 -2.97
CA ALA A 4 -12.93 5.52 -3.46
C ALA A 4 -12.26 5.18 -4.77
N ASN A 5 -11.20 5.92 -5.10
CA ASN A 5 -10.46 5.69 -6.33
C ASN A 5 -9.50 4.51 -6.17
N LEU A 6 -9.91 3.52 -5.39
CA LEU A 6 -9.08 2.34 -5.15
C LEU A 6 -8.69 1.68 -6.46
N ARG A 7 -9.56 1.81 -7.44
CA ARG A 7 -9.35 1.20 -8.74
C ARG A 7 -8.04 1.64 -9.36
N ALA A 8 -7.75 2.93 -9.24
CA ALA A 8 -6.50 3.45 -9.76
C ALA A 8 -5.35 2.85 -9.00
N ALA A 9 -5.56 2.69 -7.70
CA ALA A 9 -4.57 2.14 -6.82
C ALA A 9 -4.39 0.65 -7.06
N HIS A 10 -5.50 -0.01 -7.34
CA HIS A 10 -5.49 -1.41 -7.62
C HIS A 10 -4.42 -1.70 -8.64
N ALA A 11 -4.21 -0.75 -9.55
CA ALA A 11 -3.21 -0.86 -10.59
C ALA A 11 -1.86 -0.39 -10.07
N ALA A 12 -1.87 0.50 -9.09
CA ALA A 12 -0.63 1.01 -8.50
C ALA A 12 0.01 -0.06 -7.63
N LEU A 13 -0.71 -0.49 -6.60
CA LEU A 13 -0.21 -1.54 -5.71
C LEU A 13 0.07 -2.78 -6.53
N LEU A 14 -0.59 -2.86 -7.68
CA LEU A 14 -0.38 -3.95 -8.62
C LEU A 14 0.92 -3.67 -9.33
N GLU A 15 1.03 -2.43 -9.81
CA GLU A 15 2.22 -1.96 -10.49
C GLU A 15 3.42 -2.17 -9.58
N ASN A 16 3.13 -2.18 -8.28
CA ASN A 16 4.14 -2.41 -7.28
C ASN A 16 4.33 -3.91 -7.14
N ALA A 17 3.22 -4.61 -7.02
CA ALA A 17 3.21 -6.06 -6.88
C ALA A 17 4.10 -6.72 -7.93
N ARG A 18 4.11 -6.17 -9.13
CA ARG A 18 4.94 -6.72 -10.21
C ARG A 18 6.38 -6.35 -9.98
N PHE A 19 6.61 -5.08 -9.64
CA PHE A 19 7.95 -4.59 -9.37
C PHE A 19 8.51 -5.30 -8.14
N MET A 20 7.59 -5.81 -7.32
CA MET A 20 7.96 -6.55 -6.12
C MET A 20 8.19 -8.00 -6.50
N GLU A 21 7.30 -8.50 -7.36
CA GLU A 21 7.43 -9.85 -7.88
C GLU A 21 8.76 -9.93 -8.60
N GLN A 22 9.22 -8.76 -9.05
CA GLN A 22 10.48 -8.61 -9.75
C GLN A 22 11.63 -8.42 -8.77
N PHE A 23 11.47 -7.48 -7.84
CA PHE A 23 12.50 -7.22 -6.84
C PHE A 23 12.95 -8.54 -6.23
N TYR A 24 11.97 -9.42 -6.02
CA TYR A 24 12.24 -10.73 -5.47
C TYR A 24 12.92 -11.58 -6.54
N ALA A 25 12.41 -11.44 -7.77
CA ALA A 25 12.96 -12.17 -8.91
C ALA A 25 14.39 -11.71 -9.17
N LYS A 26 14.74 -10.57 -8.58
CA LYS A 26 16.07 -10.00 -8.73
C LYS A 26 16.90 -10.21 -7.46
N LYS A 27 16.20 -10.32 -6.33
CA LYS A 27 16.83 -10.49 -5.03
C LYS A 27 16.43 -11.80 -4.36
N GLY A 28 15.30 -11.77 -3.66
CA GLY A 28 14.81 -12.95 -2.98
C GLY A 28 14.15 -12.59 -1.65
N SER A 29 14.28 -11.33 -1.26
CA SER A 29 13.69 -10.84 -0.02
C SER A 29 13.60 -9.33 -0.03
N PHE A 30 12.77 -8.76 0.84
CA PHE A 30 12.62 -7.31 0.91
C PHE A 30 13.39 -6.73 2.08
N LYS A 31 12.95 -7.02 3.30
CA LYS A 31 13.64 -6.50 4.47
C LYS A 31 14.82 -7.40 4.83
N LEU A 32 15.82 -6.80 5.46
CA LEU A 32 17.03 -7.53 5.82
C LEU A 32 17.28 -7.49 7.33
N THR A 33 16.82 -6.43 7.98
CA THR A 33 17.01 -6.29 9.42
C THR A 33 15.85 -5.54 10.05
N SER A 34 15.81 -5.55 11.37
CA SER A 34 14.77 -4.84 12.08
C SER A 34 15.02 -3.35 12.00
N THR A 35 13.95 -2.62 11.72
CA THR A 35 14.00 -1.16 11.57
C THR A 35 14.74 -0.80 10.27
N LYS A 36 14.37 -1.51 9.20
CA LYS A 36 14.94 -1.30 7.88
C LYS A 36 13.82 -0.96 6.90
N TRP A 37 14.09 -0.14 5.89
CA TRP A 37 13.04 0.25 4.95
C TRP A 37 13.39 0.03 3.48
N PRO A 38 12.89 -1.06 2.86
CA PRO A 38 13.08 -1.32 1.44
C PRO A 38 12.26 -0.33 0.61
N GLU A 39 12.91 0.37 -0.33
CA GLU A 39 12.20 1.36 -1.13
C GLU A 39 11.06 0.77 -1.96
N LEU A 40 9.98 1.54 -2.04
CA LEU A 40 8.78 1.16 -2.77
C LEU A 40 8.81 1.68 -4.21
N PRO A 41 8.15 0.97 -5.15
CA PRO A 41 8.10 1.36 -6.55
C PRO A 41 7.06 2.45 -6.84
N VAL A 42 5.77 2.10 -6.78
CA VAL A 42 4.71 3.07 -7.05
C VAL A 42 4.40 3.92 -5.83
N LYS A 43 4.19 5.20 -6.06
CA LYS A 43 3.88 6.13 -4.99
C LYS A 43 2.61 6.89 -5.33
N GLU A 44 2.01 6.56 -6.46
CA GLU A 44 0.79 7.21 -6.91
C GLU A 44 0.13 6.45 -8.06
N ALA A 45 -1.18 6.32 -7.94
CA ALA A 45 -1.99 5.65 -8.96
C ALA A 45 -2.63 6.69 -9.88
N GLY A 46 -3.97 6.80 -9.79
CA GLY A 46 -4.69 7.76 -10.59
C GLY A 46 -5.62 8.60 -9.72
N GLY A 47 -5.70 8.20 -8.46
CA GLY A 47 -6.54 8.89 -7.49
C GLY A 47 -6.10 8.57 -6.07
N PHE A 48 -5.17 7.63 -5.97
CA PHE A 48 -4.60 7.22 -4.68
C PHE A 48 -3.09 7.46 -4.68
N CYS A 49 -2.49 7.46 -3.49
CA CYS A 49 -1.05 7.63 -3.36
C CYS A 49 -0.49 6.44 -2.60
N ILE A 50 0.64 5.95 -3.07
CA ILE A 50 1.22 4.74 -2.49
C ILE A 50 2.53 4.97 -1.74
N ARG A 51 2.78 4.09 -0.77
CA ARG A 51 3.99 4.14 0.05
C ARG A 51 4.31 2.74 0.57
N MET A 52 5.59 2.50 0.86
CA MET A 52 6.03 1.20 1.37
C MET A 52 5.33 0.87 2.68
N SER A 53 5.23 -0.42 2.99
CA SER A 53 4.58 -0.89 4.21
C SER A 53 4.97 -0.04 5.44
N GLY A 54 4.35 -0.34 6.58
CA GLY A 54 4.55 0.41 7.83
C GLY A 54 5.96 0.81 8.21
N GLN A 55 6.23 0.79 9.53
CA GLN A 55 7.52 1.17 10.08
C GLN A 55 8.61 0.15 9.77
N ALA A 56 9.81 0.65 9.54
CA ALA A 56 10.96 -0.19 9.25
C ALA A 56 11.07 -1.35 10.24
N LYS A 57 10.55 -1.13 11.44
CA LYS A 57 10.57 -2.14 12.49
C LYS A 57 9.56 -3.25 12.20
N GLY A 58 8.47 -2.86 11.54
CA GLY A 58 7.43 -3.81 11.17
C GLY A 58 7.23 -3.87 9.68
N ILE A 59 8.26 -4.28 8.97
CA ILE A 59 8.19 -4.35 7.52
C ILE A 59 8.15 -5.76 6.99
N LEU A 60 7.36 -5.86 5.92
CA LEU A 60 7.11 -7.09 5.21
C LEU A 60 8.29 -8.05 5.20
N GLU A 61 7.96 -9.34 5.15
CA GLU A 61 8.97 -10.41 5.12
C GLU A 61 8.36 -11.64 4.47
N GLY A 62 8.90 -12.02 3.32
CA GLY A 62 8.36 -13.15 2.59
C GLY A 62 7.05 -12.74 1.93
N LYS A 63 6.71 -11.48 2.14
CA LYS A 63 5.50 -10.88 1.59
C LYS A 63 5.79 -9.45 1.17
N PHE A 64 5.32 -9.03 0.01
CA PHE A 64 5.54 -7.66 -0.42
C PHE A 64 4.19 -6.96 -0.61
N THR A 65 3.94 -5.89 0.14
CA THR A 65 2.65 -5.20 0.03
C THR A 65 2.75 -3.69 0.26
N LEU A 66 1.99 -2.95 -0.54
CA LEU A 66 1.94 -1.50 -0.42
C LEU A 66 0.50 -1.06 -0.20
N LYS A 67 0.33 0.05 0.50
CA LYS A 67 -1.01 0.58 0.75
C LYS A 67 -1.18 1.95 0.16
N ALA A 68 -2.17 2.07 -0.70
CA ALA A 68 -2.48 3.31 -1.37
C ALA A 68 -3.57 4.06 -0.61
N VAL A 69 -3.54 5.37 -0.70
CA VAL A 69 -4.50 6.22 -0.01
C VAL A 69 -5.12 7.23 -0.98
N ALA A 70 -6.41 7.47 -0.85
CA ALA A 70 -7.08 8.41 -1.72
C ALA A 70 -6.44 9.79 -1.64
N LEU A 71 -6.32 10.43 -2.78
CA LEU A 71 -5.77 11.76 -2.85
C LEU A 71 -6.83 12.71 -2.34
N ASP A 72 -8.06 12.34 -2.63
CA ASP A 72 -9.23 13.07 -2.16
C ASP A 72 -9.78 12.37 -0.92
N ARG A 73 -8.89 11.66 -0.23
CA ARG A 73 -9.26 10.89 0.96
C ARG A 73 -10.04 11.74 1.97
N GLU A 74 -9.84 13.05 1.95
CA GLU A 74 -10.60 13.93 2.85
C GLU A 74 -12.07 13.63 2.67
N ALA A 75 -12.37 13.14 1.48
CA ALA A 75 -13.71 12.75 1.08
C ALA A 75 -13.83 11.24 1.03
N GLU A 76 -12.70 10.56 0.79
CA GLU A 76 -12.65 9.10 0.69
C GLU A 76 -11.66 8.50 1.68
N PRO A 77 -12.05 8.28 2.95
CA PRO A 77 -11.15 7.70 3.95
C PRO A 77 -10.67 6.32 3.55
N ARG A 78 -11.30 5.76 2.52
CA ARG A 78 -10.95 4.43 2.03
C ARG A 78 -9.47 4.34 1.69
N VAL A 79 -8.97 3.11 1.77
CA VAL A 79 -7.57 2.80 1.49
C VAL A 79 -7.47 1.45 0.78
N LEU A 80 -6.38 1.21 0.06
CA LEU A 80 -6.22 -0.07 -0.64
C LEU A 80 -4.81 -0.61 -0.51
N ARG A 81 -4.66 -1.90 -0.76
CA ARG A 81 -3.36 -2.57 -0.69
C ARG A 81 -3.34 -3.72 -1.67
N LEU A 82 -2.17 -3.99 -2.24
CA LEU A 82 -2.03 -5.11 -3.17
C LEU A 82 -0.62 -5.67 -3.08
N ASN A 83 -0.53 -6.96 -2.81
CA ASN A 83 0.78 -7.61 -2.67
C ASN A 83 1.21 -8.32 -3.94
N GLU A 84 2.42 -8.89 -3.90
CA GLU A 84 2.96 -9.60 -5.06
C GLU A 84 2.08 -10.78 -5.44
N SER A 85 1.27 -11.22 -4.48
CA SER A 85 0.35 -12.35 -4.70
C SER A 85 -0.93 -11.84 -5.32
N LEU A 86 -0.90 -10.57 -5.70
CA LEU A 86 -2.02 -9.92 -6.33
C LEU A 86 -3.28 -10.01 -5.48
N THR A 87 -3.08 -10.04 -4.17
CA THR A 87 -4.18 -10.08 -3.21
C THR A 87 -4.36 -8.68 -2.62
N ALA A 88 -5.49 -8.06 -2.90
CA ALA A 88 -5.73 -6.71 -2.42
C ALA A 88 -6.75 -6.66 -1.30
N VAL A 89 -6.61 -5.61 -0.50
CA VAL A 89 -7.53 -5.35 0.59
C VAL A 89 -7.77 -3.88 0.75
N VAL A 90 -9.04 -3.54 0.85
CA VAL A 90 -9.48 -2.17 0.98
C VAL A 90 -9.97 -1.88 2.38
N CYS A 91 -9.77 -0.64 2.80
CA CYS A 91 -10.21 -0.18 4.10
C CYS A 91 -11.16 0.98 3.92
N GLY A 92 -12.02 1.18 4.90
CA GLY A 92 -12.98 2.25 4.83
C GLY A 92 -12.61 3.35 5.80
N LYS A 93 -11.50 3.12 6.49
CA LYS A 93 -11.00 4.06 7.47
C LYS A 93 -9.49 3.93 7.59
N MET A 94 -8.79 5.04 7.48
CA MET A 94 -7.35 5.06 7.61
C MET A 94 -6.96 6.02 8.73
N LYS A 95 -6.51 5.44 9.84
CA LYS A 95 -6.14 6.23 11.01
C LYS A 95 -4.69 6.70 11.00
N GLY A 96 -3.75 5.76 11.15
CA GLY A 96 -2.35 6.12 11.18
C GLY A 96 -1.67 6.10 9.83
N LYS A 97 -0.92 5.03 9.57
CA LYS A 97 -0.17 4.84 8.32
C LYS A 97 0.28 6.17 7.72
N GLY A 98 -0.53 6.70 6.82
CA GLY A 98 -0.22 7.95 6.16
C GLY A 98 -1.26 8.27 5.11
N SER A 99 -1.52 9.55 4.90
CA SER A 99 -2.52 9.94 3.92
C SER A 99 -2.02 11.03 3.00
N CYS A 100 -2.46 10.96 1.74
CA CYS A 100 -2.08 11.97 0.75
C CYS A 100 -2.53 13.34 1.22
N THR A 101 -2.30 14.36 0.40
CA THR A 101 -2.68 15.74 0.74
C THR A 101 -1.81 16.30 1.87
N ASP A 102 -1.18 15.41 2.64
CA ASP A 102 -0.33 15.83 3.74
C ASP A 102 1.12 15.40 3.53
N GLY A 103 1.33 14.09 3.42
CA GLY A 103 2.67 13.58 3.22
C GLY A 103 2.80 12.11 3.56
N GLU A 104 2.23 11.26 2.70
CA GLU A 104 2.29 9.81 2.90
C GLU A 104 3.72 9.32 2.98
N GLU A 105 3.95 8.29 3.78
CA GLU A 105 5.29 7.73 3.93
C GLU A 105 5.25 6.21 3.97
N ILE A 106 4.39 5.67 4.83
CA ILE A 106 4.27 4.21 4.97
C ILE A 106 2.89 3.81 5.49
N PHE A 107 2.69 2.50 5.60
CA PHE A 107 1.43 1.94 6.08
C PHE A 107 1.58 1.29 7.48
N ARG A 108 1.66 2.13 8.53
CA ARG A 108 1.76 1.62 9.91
C ARG A 108 0.70 2.26 10.81
N GLY A 109 -0.09 1.42 11.49
CA GLY A 109 -1.11 1.95 12.37
C GLY A 109 -2.31 1.02 12.52
N ASN A 110 -3.51 1.60 12.45
CA ASN A 110 -4.74 0.82 12.57
C ASN A 110 -5.83 1.34 11.65
N ASP A 111 -6.16 0.55 10.63
CA ASP A 111 -7.22 0.90 9.69
C ASP A 111 -8.52 0.23 10.09
N ALA A 112 -9.63 0.81 9.68
CA ALA A 112 -10.95 0.26 10.01
C ALA A 112 -11.81 0.09 8.77
N GLU A 113 -12.90 -0.64 8.93
CA GLU A 113 -13.81 -0.87 7.82
C GLU A 113 -13.09 -1.44 6.61
N CYS A 114 -12.46 -2.60 6.76
CA CYS A 114 -11.72 -3.19 5.64
C CYS A 114 -12.22 -4.57 5.25
N ARG A 115 -12.16 -4.82 3.95
CA ARG A 115 -12.57 -6.07 3.35
C ARG A 115 -11.60 -6.43 2.22
N PRO A 116 -11.56 -7.71 1.81
CA PRO A 116 -10.67 -8.14 0.73
C PRO A 116 -11.14 -7.64 -0.63
N PHE A 117 -10.27 -6.92 -1.31
CA PHE A 117 -10.60 -6.35 -2.62
C PHE A 117 -9.88 -7.09 -3.75
N THR A 118 -10.58 -7.22 -4.87
CA THR A 118 -10.01 -7.88 -6.04
C THR A 118 -10.15 -7.01 -7.28
N GLY A 119 -9.02 -6.46 -7.72
CA GLY A 119 -9.01 -5.61 -8.89
C GLY A 119 -9.37 -6.35 -10.16
N HIS A 1 -22.10 3.49 0.10
CA HIS A 1 -20.82 2.96 -0.44
C HIS A 1 -19.76 4.04 -0.52
N ARG A 2 -18.56 3.72 -0.06
CA ARG A 2 -17.45 4.67 -0.09
C ARG A 2 -16.39 4.24 -1.09
N SER A 3 -16.78 3.38 -2.04
CA SER A 3 -15.85 2.91 -3.07
C SER A 3 -15.07 4.07 -3.68
N ALA A 4 -13.93 4.38 -3.08
CA ALA A 4 -13.09 5.46 -3.55
C ALA A 4 -12.47 5.11 -4.88
N ASN A 5 -11.46 5.87 -5.28
CA ASN A 5 -10.77 5.62 -6.54
C ASN A 5 -9.75 4.51 -6.35
N LEU A 6 -10.11 3.50 -5.56
CA LEU A 6 -9.23 2.38 -5.29
C LEU A 6 -8.80 1.74 -6.59
N ARG A 7 -9.66 1.86 -7.59
CA ARG A 7 -9.42 1.28 -8.90
C ARG A 7 -8.11 1.79 -9.48
N ALA A 8 -7.72 2.98 -9.04
CA ALA A 8 -6.47 3.58 -9.47
C ALA A 8 -5.33 2.97 -8.69
N ALA A 9 -5.61 2.68 -7.43
CA ALA A 9 -4.64 2.10 -6.53
C ALA A 9 -4.45 0.63 -6.83
N HIS A 10 -5.55 -0.04 -7.12
CA HIS A 10 -5.52 -1.44 -7.43
C HIS A 10 -4.44 -1.71 -8.47
N ALA A 11 -4.26 -0.74 -9.36
CA ALA A 11 -3.26 -0.83 -10.40
C ALA A 11 -1.91 -0.35 -9.89
N ALA A 12 -1.93 0.53 -8.90
CA ALA A 12 -0.68 1.04 -8.32
C ALA A 12 -0.02 -0.03 -7.46
N LEU A 13 -0.74 -0.47 -6.42
CA LEU A 13 -0.24 -1.52 -5.54
C LEU A 13 0.07 -2.75 -6.39
N LEU A 14 -0.62 -2.85 -7.52
CA LEU A 14 -0.39 -3.92 -8.48
C LEU A 14 0.91 -3.60 -9.21
N GLU A 15 1.00 -2.35 -9.66
CA GLU A 15 2.18 -1.85 -10.35
C GLU A 15 3.38 -2.08 -9.46
N ASN A 16 3.12 -2.12 -8.15
CA ASN A 16 4.15 -2.37 -7.17
C ASN A 16 4.35 -3.88 -7.07
N ALA A 17 3.23 -4.57 -6.95
CA ALA A 17 3.23 -6.02 -6.84
C ALA A 17 4.09 -6.68 -7.91
N ARG A 18 4.10 -6.09 -9.10
CA ARG A 18 4.91 -6.63 -10.19
C ARG A 18 6.37 -6.28 -9.96
N PHE A 19 6.61 -5.01 -9.62
CA PHE A 19 7.94 -4.54 -9.35
C PHE A 19 8.51 -5.25 -8.12
N MET A 20 7.61 -5.75 -7.27
CA MET A 20 7.99 -6.49 -6.08
C MET A 20 8.20 -7.93 -6.47
N GLU A 21 7.30 -8.43 -7.31
CA GLU A 21 7.42 -9.77 -7.84
C GLU A 21 8.73 -9.86 -8.58
N GLN A 22 9.19 -8.68 -9.02
CA GLN A 22 10.45 -8.54 -9.73
C GLN A 22 11.61 -8.37 -8.77
N PHE A 23 11.45 -7.48 -7.79
CA PHE A 23 12.49 -7.26 -6.81
C PHE A 23 12.94 -8.59 -6.24
N TYR A 24 11.97 -9.49 -6.06
CA TYR A 24 12.25 -10.83 -5.58
C TYR A 24 12.89 -11.62 -6.70
N ALA A 25 12.42 -11.37 -7.92
CA ALA A 25 12.96 -12.03 -9.10
C ALA A 25 14.39 -11.58 -9.34
N LYS A 26 14.76 -10.47 -8.71
CA LYS A 26 16.09 -9.90 -8.83
C LYS A 26 16.92 -10.16 -7.58
N LYS A 27 16.23 -10.33 -6.45
CA LYS A 27 16.90 -10.56 -5.18
C LYS A 27 16.53 -11.91 -4.57
N GLY A 28 15.41 -11.94 -3.86
CA GLY A 28 14.95 -13.15 -3.21
C GLY A 28 14.29 -12.86 -1.88
N SER A 29 14.36 -11.59 -1.46
CA SER A 29 13.77 -11.13 -0.22
C SER A 29 13.60 -9.62 -0.25
N PHE A 30 12.96 -9.07 0.78
CA PHE A 30 12.74 -7.63 0.84
C PHE A 30 13.52 -6.99 1.99
N LYS A 31 13.00 -7.07 3.20
CA LYS A 31 13.71 -6.49 4.34
C LYS A 31 14.89 -7.34 4.72
N LEU A 32 15.88 -6.73 5.36
CA LEU A 32 17.09 -7.43 5.73
C LEU A 32 17.34 -7.41 7.23
N THR A 33 16.85 -6.38 7.91
CA THR A 33 17.04 -6.26 9.35
C THR A 33 15.87 -5.55 10.01
N SER A 34 15.86 -5.53 11.33
CA SER A 34 14.82 -4.86 12.06
C SER A 34 15.02 -3.36 11.96
N THR A 35 13.93 -2.65 11.69
CA THR A 35 13.96 -1.20 11.54
C THR A 35 14.71 -0.81 10.27
N LYS A 36 14.36 -1.49 9.18
CA LYS A 36 14.94 -1.25 7.87
C LYS A 36 13.83 -0.90 6.88
N TRP A 37 14.12 -0.05 5.91
CA TRP A 37 13.09 0.36 4.96
C TRP A 37 13.47 0.20 3.49
N PRO A 38 13.00 -0.88 2.84
CA PRO A 38 13.22 -1.10 1.40
C PRO A 38 12.37 -0.14 0.58
N GLU A 39 12.99 0.61 -0.33
CA GLU A 39 12.25 1.58 -1.12
C GLU A 39 11.12 0.96 -1.93
N LEU A 40 10.00 1.68 -1.99
CA LEU A 40 8.81 1.26 -2.71
C LEU A 40 8.81 1.78 -4.16
N PRO A 41 8.16 1.04 -5.08
CA PRO A 41 8.06 1.43 -6.48
C PRO A 41 7.03 2.54 -6.74
N VAL A 42 5.74 2.20 -6.68
CA VAL A 42 4.68 3.18 -6.91
C VAL A 42 4.41 3.99 -5.65
N LYS A 43 4.28 5.29 -5.82
CA LYS A 43 4.03 6.19 -4.69
C LYS A 43 2.73 6.94 -4.89
N GLU A 44 2.07 6.68 -6.02
CA GLU A 44 0.82 7.35 -6.33
C GLU A 44 0.10 6.68 -7.50
N ALA A 45 -1.17 6.41 -7.30
CA ALA A 45 -2.02 5.83 -8.33
C ALA A 45 -2.70 6.94 -9.11
N GLY A 46 -3.70 6.58 -9.91
CA GLY A 46 -4.42 7.57 -10.68
C GLY A 46 -5.34 8.43 -9.83
N GLY A 47 -5.45 8.08 -8.55
CA GLY A 47 -6.30 8.84 -7.63
C GLY A 47 -5.97 8.53 -6.19
N PHE A 48 -5.05 7.60 -6.00
CA PHE A 48 -4.58 7.19 -4.68
C PHE A 48 -3.09 7.44 -4.59
N CYS A 49 -2.54 7.40 -3.40
CA CYS A 49 -1.11 7.60 -3.22
C CYS A 49 -0.54 6.42 -2.47
N ILE A 50 0.62 5.96 -2.89
CA ILE A 50 1.22 4.78 -2.31
C ILE A 50 2.54 5.04 -1.60
N ARG A 51 2.81 4.18 -0.63
CA ARG A 51 4.04 4.23 0.16
C ARG A 51 4.37 2.83 0.69
N MET A 52 5.65 2.59 0.96
CA MET A 52 6.08 1.29 1.45
C MET A 52 5.40 0.95 2.77
N SER A 53 5.28 -0.35 3.06
CA SER A 53 4.63 -0.83 4.28
C SER A 53 5.01 0.02 5.51
N GLY A 54 4.34 -0.25 6.63
CA GLY A 54 4.52 0.51 7.87
C GLY A 54 5.94 0.84 8.31
N GLN A 55 6.15 0.79 9.63
CA GLN A 55 7.44 1.09 10.24
C GLN A 55 8.50 0.09 9.87
N ALA A 56 9.72 0.59 9.68
CA ALA A 56 10.85 -0.24 9.31
C ALA A 56 10.97 -1.48 10.18
N LYS A 57 10.39 -1.43 11.38
CA LYS A 57 10.43 -2.57 12.29
C LYS A 57 9.37 -3.61 11.91
N GLY A 58 8.27 -3.11 11.36
CA GLY A 58 7.18 -3.97 10.92
C GLY A 58 7.04 -3.97 9.43
N ILE A 59 8.11 -4.34 8.75
CA ILE A 59 8.12 -4.34 7.30
C ILE A 59 8.12 -5.72 6.69
N LEU A 60 7.40 -5.78 5.58
CA LEU A 60 7.21 -6.99 4.80
C LEU A 60 8.37 -7.96 4.88
N GLU A 61 8.04 -9.25 4.88
CA GLU A 61 9.04 -10.31 4.95
C GLU A 61 8.46 -11.57 4.33
N GLY A 62 9.02 -11.97 3.19
CA GLY A 62 8.47 -13.12 2.49
C GLY A 62 7.14 -12.75 1.88
N LYS A 63 6.78 -11.49 2.10
CA LYS A 63 5.54 -10.92 1.61
C LYS A 63 5.81 -9.48 1.15
N PHE A 64 5.31 -9.11 -0.02
CA PHE A 64 5.50 -7.74 -0.47
C PHE A 64 4.15 -7.05 -0.66
N THR A 65 3.91 -5.97 0.08
CA THR A 65 2.63 -5.27 -0.01
C THR A 65 2.78 -3.76 0.19
N LEU A 66 2.00 -3.00 -0.58
CA LEU A 66 1.98 -1.55 -0.48
C LEU A 66 0.56 -1.06 -0.29
N LYS A 67 0.39 0.01 0.47
CA LYS A 67 -0.94 0.57 0.67
C LYS A 67 -1.07 1.90 -0.05
N ALA A 68 -2.25 2.12 -0.56
CA ALA A 68 -2.55 3.33 -1.28
C ALA A 68 -3.63 4.12 -0.55
N VAL A 69 -3.54 5.44 -0.63
CA VAL A 69 -4.50 6.31 0.03
C VAL A 69 -5.02 7.37 -0.93
N ALA A 70 -6.34 7.49 -1.00
CA ALA A 70 -6.97 8.44 -1.89
C ALA A 70 -6.35 9.82 -1.77
N LEU A 71 -6.15 10.45 -2.91
CA LEU A 71 -5.59 11.78 -2.95
C LEU A 71 -6.64 12.74 -2.44
N ASP A 72 -7.89 12.40 -2.75
CA ASP A 72 -9.04 13.15 -2.28
C ASP A 72 -9.63 12.44 -1.06
N ARG A 73 -8.76 11.69 -0.37
CA ARG A 73 -9.16 10.92 0.80
C ARG A 73 -9.99 11.73 1.80
N GLU A 74 -9.78 13.04 1.85
CA GLU A 74 -10.56 13.88 2.75
C GLU A 74 -12.04 13.58 2.51
N ALA A 75 -12.29 13.14 1.29
CA ALA A 75 -13.61 12.76 0.83
C ALA A 75 -13.72 11.24 0.70
N GLU A 76 -12.57 10.58 0.54
CA GLU A 76 -12.54 9.13 0.37
C GLU A 76 -11.59 8.47 1.39
N PRO A 77 -12.06 8.25 2.64
CA PRO A 77 -11.26 7.61 3.68
C PRO A 77 -10.81 6.20 3.28
N ARG A 78 -11.44 5.67 2.22
CA ARG A 78 -11.12 4.33 1.74
C ARG A 78 -9.65 4.19 1.37
N VAL A 79 -9.06 3.09 1.81
CA VAL A 79 -7.67 2.77 1.54
C VAL A 79 -7.58 1.42 0.83
N LEU A 80 -6.42 1.10 0.26
CA LEU A 80 -6.26 -0.19 -0.43
C LEU A 80 -4.84 -0.73 -0.28
N ARG A 81 -4.71 -2.01 -0.55
CA ARG A 81 -3.41 -2.69 -0.49
C ARG A 81 -3.38 -3.82 -1.50
N LEU A 82 -2.22 -4.09 -2.06
CA LEU A 82 -2.07 -5.17 -3.02
C LEU A 82 -0.65 -5.74 -2.93
N ASN A 83 -0.56 -7.03 -2.68
CA ASN A 83 0.73 -7.67 -2.55
C ASN A 83 1.18 -8.34 -3.85
N GLU A 84 2.40 -8.88 -3.84
CA GLU A 84 2.95 -9.56 -5.02
C GLU A 84 2.08 -10.72 -5.46
N SER A 85 1.29 -11.25 -4.52
CA SER A 85 0.41 -12.38 -4.81
C SER A 85 -0.91 -11.86 -5.36
N LEU A 86 -0.90 -10.57 -5.68
CA LEU A 86 -2.05 -9.89 -6.23
C LEU A 86 -3.28 -10.02 -5.34
N THR A 87 -3.04 -10.09 -4.04
CA THR A 87 -4.12 -10.14 -3.06
C THR A 87 -4.34 -8.75 -2.49
N ALA A 88 -5.49 -8.17 -2.75
CA ALA A 88 -5.77 -6.83 -2.28
C ALA A 88 -6.78 -6.78 -1.17
N VAL A 89 -6.68 -5.72 -0.38
CA VAL A 89 -7.61 -5.47 0.71
C VAL A 89 -7.86 -3.98 0.84
N VAL A 90 -9.13 -3.65 0.88
CA VAL A 90 -9.57 -2.28 0.99
C VAL A 90 -10.08 -1.94 2.37
N CYS A 91 -9.87 -0.70 2.77
CA CYS A 91 -10.34 -0.20 4.03
C CYS A 91 -11.28 0.96 3.82
N GLY A 92 -12.06 1.27 4.82
CA GLY A 92 -13.00 2.36 4.74
C GLY A 92 -12.63 3.45 5.71
N LYS A 93 -11.53 3.24 6.40
CA LYS A 93 -11.04 4.17 7.38
C LYS A 93 -9.54 4.03 7.54
N MET A 94 -8.82 5.13 7.38
CA MET A 94 -7.38 5.13 7.53
C MET A 94 -6.99 6.05 8.68
N LYS A 95 -6.57 5.43 9.77
CA LYS A 95 -6.21 6.17 10.98
C LYS A 95 -4.79 6.75 10.91
N GLY A 96 -3.79 5.88 11.10
CA GLY A 96 -2.41 6.34 11.07
C GLY A 96 -1.78 6.25 9.71
N LYS A 97 -0.69 5.47 9.63
CA LYS A 97 0.04 5.27 8.37
C LYS A 97 0.40 6.60 7.72
N GLY A 98 0.30 6.66 6.40
CA GLY A 98 0.61 7.89 5.69
C GLY A 98 -0.37 8.14 4.57
N SER A 99 -0.64 9.41 4.28
CA SER A 99 -1.57 9.78 3.23
C SER A 99 -1.07 10.97 2.43
N CYS A 100 -1.30 10.95 1.13
CA CYS A 100 -0.90 12.07 0.29
C CYS A 100 -1.68 13.28 0.72
N THR A 101 -1.43 14.44 0.12
CA THR A 101 -2.11 15.68 0.49
C THR A 101 -2.20 15.79 2.02
N ASP A 102 -1.29 15.09 2.70
CA ASP A 102 -1.23 15.08 4.15
C ASP A 102 0.18 14.75 4.62
N GLY A 103 0.90 13.93 3.84
CA GLY A 103 2.25 13.55 4.19
C GLY A 103 2.46 12.05 4.23
N GLU A 104 2.31 11.39 3.08
CA GLU A 104 2.49 9.94 2.99
C GLU A 104 3.91 9.54 3.37
N GLU A 105 4.06 8.30 3.82
CA GLU A 105 5.37 7.79 4.19
C GLU A 105 5.35 6.26 4.20
N ILE A 106 4.43 5.69 4.97
CA ILE A 106 4.32 4.23 5.07
C ILE A 106 2.93 3.77 5.52
N PHE A 107 2.78 2.45 5.60
CA PHE A 107 1.51 1.82 5.99
C PHE A 107 1.59 1.21 7.41
N ARG A 108 1.65 2.06 8.44
CA ARG A 108 1.70 1.58 9.83
C ARG A 108 0.54 2.15 10.63
N GLY A 109 0.14 1.46 11.69
CA GLY A 109 -0.94 1.96 12.53
C GLY A 109 -2.14 1.04 12.56
N ASN A 110 -3.31 1.61 12.24
CA ASN A 110 -4.55 0.84 12.25
C ASN A 110 -5.54 1.32 11.21
N ASP A 111 -6.24 0.38 10.59
CA ASP A 111 -7.26 0.69 9.60
C ASP A 111 -8.60 0.10 10.00
N ALA A 112 -9.67 0.81 9.68
CA ALA A 112 -11.01 0.35 10.02
C ALA A 112 -11.85 0.16 8.78
N GLU A 113 -12.96 -0.56 8.95
CA GLU A 113 -13.87 -0.81 7.86
C GLU A 113 -13.14 -1.39 6.64
N CYS A 114 -12.54 -2.57 6.80
CA CYS A 114 -11.81 -3.17 5.69
C CYS A 114 -12.35 -4.54 5.30
N ARG A 115 -12.26 -4.81 4.00
CA ARG A 115 -12.69 -6.07 3.42
C ARG A 115 -11.73 -6.46 2.31
N PRO A 116 -11.69 -7.75 1.92
CA PRO A 116 -10.81 -8.22 0.86
C PRO A 116 -11.26 -7.74 -0.51
N PHE A 117 -10.34 -7.08 -1.22
CA PHE A 117 -10.63 -6.54 -2.54
C PHE A 117 -9.86 -7.27 -3.63
N THR A 118 -10.51 -7.42 -4.78
CA THR A 118 -9.89 -8.08 -5.92
C THR A 118 -10.00 -7.21 -7.17
N GLY A 119 -8.89 -6.61 -7.56
CA GLY A 119 -8.87 -5.77 -8.75
C GLY A 119 -9.18 -6.53 -10.02
N HIS A 1 -22.54 7.44 -1.90
CA HIS A 1 -21.39 6.56 -2.21
C HIS A 1 -20.09 7.13 -1.68
N ARG A 2 -19.13 6.25 -1.42
CA ARG A 2 -17.84 6.67 -0.89
C ARG A 2 -16.70 5.93 -1.58
N SER A 3 -17.04 4.85 -2.29
CA SER A 3 -16.04 4.04 -2.99
C SER A 3 -14.96 4.93 -3.59
N ALA A 4 -13.87 5.08 -2.84
CA ALA A 4 -12.76 5.91 -3.28
C ALA A 4 -12.15 5.38 -4.57
N ASN A 5 -11.12 6.06 -5.05
CA ASN A 5 -10.46 5.67 -6.30
C ASN A 5 -9.51 4.49 -6.09
N LEU A 6 -9.94 3.50 -5.32
CA LEU A 6 -9.11 2.33 -5.06
C LEU A 6 -8.79 1.62 -6.36
N ARG A 7 -9.63 1.86 -7.34
CA ARG A 7 -9.51 1.25 -8.65
C ARG A 7 -8.21 1.68 -9.32
N ALA A 8 -7.87 2.95 -9.18
CA ALA A 8 -6.63 3.46 -9.74
C ALA A 8 -5.47 2.83 -9.01
N ALA A 9 -5.64 2.72 -7.71
CA ALA A 9 -4.62 2.16 -6.83
C ALA A 9 -4.47 0.68 -7.07
N HIS A 10 -5.58 0.02 -7.33
CA HIS A 10 -5.59 -1.39 -7.60
C HIS A 10 -4.53 -1.70 -8.65
N ALA A 11 -4.34 -0.75 -9.56
CA ALA A 11 -3.35 -0.89 -10.62
C ALA A 11 -1.98 -0.42 -10.14
N ALA A 12 -1.97 0.48 -9.15
CA ALA A 12 -0.71 0.97 -8.59
C ALA A 12 -0.05 -0.09 -7.73
N LEU A 13 -0.75 -0.50 -6.67
CA LEU A 13 -0.24 -1.54 -5.79
C LEU A 13 0.06 -2.78 -6.62
N LEU A 14 -0.64 -2.88 -7.75
CA LEU A 14 -0.43 -3.96 -8.69
C LEU A 14 0.86 -3.66 -9.43
N GLU A 15 0.94 -2.42 -9.90
CA GLU A 15 2.11 -1.94 -10.62
C GLU A 15 3.34 -2.13 -9.76
N ASN A 16 3.11 -2.14 -8.46
CA ASN A 16 4.17 -2.37 -7.49
C ASN A 16 4.35 -3.86 -7.31
N ALA A 17 3.23 -4.55 -7.14
CA ALA A 17 3.21 -6.00 -6.95
C ALA A 17 4.11 -6.71 -7.94
N ARG A 18 4.18 -6.19 -9.17
CA ARG A 18 5.03 -6.79 -10.19
C ARG A 18 6.48 -6.44 -9.88
N PHE A 19 6.70 -5.18 -9.54
CA PHE A 19 8.02 -4.71 -9.15
C PHE A 19 8.45 -5.42 -7.89
N MET A 20 7.46 -5.93 -7.16
CA MET A 20 7.69 -6.69 -5.94
C MET A 20 8.10 -8.09 -6.35
N GLU A 21 7.27 -8.65 -7.22
CA GLU A 21 7.50 -9.97 -7.79
C GLU A 21 8.85 -10.00 -8.48
N GLN A 22 9.29 -8.82 -8.93
CA GLN A 22 10.58 -8.67 -9.60
C GLN A 22 11.70 -8.47 -8.61
N PHE A 23 11.53 -7.53 -7.68
CA PHE A 23 12.54 -7.27 -6.67
C PHE A 23 12.96 -8.58 -6.05
N TYR A 24 11.98 -9.45 -5.82
CA TYR A 24 12.23 -10.77 -5.26
C TYR A 24 12.91 -11.63 -6.32
N ALA A 25 12.44 -11.48 -7.56
CA ALA A 25 13.00 -12.22 -8.69
C ALA A 25 14.45 -11.81 -8.93
N LYS A 26 14.82 -10.66 -8.37
CA LYS A 26 16.17 -10.11 -8.51
C LYS A 26 16.95 -10.28 -7.22
N LYS A 27 16.23 -10.34 -6.11
CA LYS A 27 16.84 -10.48 -4.80
C LYS A 27 16.41 -11.77 -4.10
N GLY A 28 15.22 -11.74 -3.50
CA GLY A 28 14.70 -12.88 -2.80
C GLY A 28 14.09 -12.50 -1.45
N SER A 29 14.32 -11.25 -1.05
CA SER A 29 13.80 -10.74 0.21
C SER A 29 13.83 -9.22 0.22
N PHE A 30 12.89 -8.60 0.93
CA PHE A 30 12.85 -7.14 1.01
C PHE A 30 13.59 -6.64 2.25
N LYS A 31 12.94 -6.68 3.42
CA LYS A 31 13.62 -6.22 4.63
C LYS A 31 14.74 -7.17 4.95
N LEU A 32 15.73 -6.66 5.64
CA LEU A 32 16.90 -7.42 6.00
C LEU A 32 17.09 -7.46 7.51
N THR A 33 16.60 -6.42 8.18
CA THR A 33 16.74 -6.29 9.62
C THR A 33 15.56 -5.55 10.20
N SER A 34 15.31 -5.73 11.49
CA SER A 34 14.22 -5.04 12.16
C SER A 34 14.51 -3.55 12.17
N THR A 35 13.56 -2.77 11.66
CA THR A 35 13.64 -1.32 11.58
C THR A 35 14.39 -0.85 10.33
N LYS A 36 14.08 -1.48 9.20
CA LYS A 36 14.67 -1.09 7.91
C LYS A 36 13.57 -0.76 6.93
N TRP A 37 13.86 0.09 5.94
CA TRP A 37 12.82 0.50 5.00
C TRP A 37 13.21 0.38 3.52
N PRO A 38 12.85 -0.74 2.88
CA PRO A 38 13.06 -0.94 1.44
C PRO A 38 12.16 0.02 0.68
N GLU A 39 12.71 0.83 -0.22
CA GLU A 39 11.92 1.82 -0.95
C GLU A 39 10.82 1.18 -1.81
N LEU A 40 9.74 1.93 -1.96
CA LEU A 40 8.57 1.52 -2.74
C LEU A 40 8.68 1.98 -4.20
N PRO A 41 8.07 1.24 -5.16
CA PRO A 41 8.10 1.59 -6.57
C PRO A 41 7.02 2.61 -6.93
N VAL A 42 5.75 2.19 -6.92
CA VAL A 42 4.65 3.09 -7.26
C VAL A 42 4.34 4.00 -6.08
N LYS A 43 4.22 5.28 -6.35
CA LYS A 43 3.91 6.26 -5.32
C LYS A 43 2.61 6.97 -5.65
N GLU A 44 1.99 6.56 -6.75
CA GLU A 44 0.75 7.16 -7.19
C GLU A 44 0.07 6.33 -8.27
N ALA A 45 -1.25 6.25 -8.17
CA ALA A 45 -2.07 5.52 -9.12
C ALA A 45 -2.74 6.48 -10.10
N GLY A 46 -3.61 7.31 -9.55
CA GLY A 46 -4.35 8.29 -10.33
C GLY A 46 -5.32 9.03 -9.45
N GLY A 47 -5.77 8.33 -8.41
CA GLY A 47 -6.67 8.89 -7.43
C GLY A 47 -6.19 8.58 -6.04
N PHE A 48 -5.21 7.68 -5.98
CA PHE A 48 -4.58 7.28 -4.72
C PHE A 48 -3.07 7.49 -4.80
N CYS A 49 -2.41 7.53 -3.65
CA CYS A 49 -0.96 7.66 -3.61
C CYS A 49 -0.39 6.51 -2.81
N ILE A 50 0.73 5.97 -3.28
CA ILE A 50 1.30 4.79 -2.67
C ILE A 50 2.63 5.02 -1.96
N ARG A 51 2.88 4.18 -0.96
CA ARG A 51 4.11 4.20 -0.16
C ARG A 51 4.40 2.80 0.38
N MET A 52 5.64 2.56 0.78
CA MET A 52 6.04 1.26 1.31
C MET A 52 5.30 0.93 2.59
N SER A 53 5.17 -0.37 2.89
CA SER A 53 4.48 -0.86 4.08
C SER A 53 4.81 0.00 5.33
N GLY A 54 4.16 -0.33 6.44
CA GLY A 54 4.30 0.42 7.71
C GLY A 54 5.69 0.80 8.17
N GLN A 55 5.86 0.77 9.49
CA GLN A 55 7.13 1.12 10.14
C GLN A 55 8.23 0.13 9.81
N ALA A 56 9.43 0.66 9.63
CA ALA A 56 10.61 -0.15 9.31
C ALA A 56 10.70 -1.39 10.19
N LYS A 57 10.15 -1.30 11.41
CA LYS A 57 10.18 -2.42 12.34
C LYS A 57 9.17 -3.49 11.92
N GLY A 58 8.06 -3.04 11.37
CA GLY A 58 7.01 -3.95 10.92
C GLY A 58 6.90 -3.95 9.41
N ILE A 59 8.00 -4.28 8.76
CA ILE A 59 8.04 -4.29 7.31
C ILE A 59 8.05 -5.67 6.72
N LEU A 60 7.34 -5.76 5.60
CA LEU A 60 7.17 -6.97 4.83
C LEU A 60 8.39 -7.90 4.91
N GLU A 61 8.09 -9.20 4.94
CA GLU A 61 9.13 -10.22 4.99
C GLU A 61 8.58 -11.50 4.38
N GLY A 62 9.14 -11.90 3.25
CA GLY A 62 8.62 -13.07 2.58
C GLY A 62 7.27 -12.73 1.97
N LYS A 63 6.90 -11.46 2.14
CA LYS A 63 5.64 -10.92 1.65
C LYS A 63 5.89 -9.50 1.14
N PHE A 64 5.38 -9.17 -0.03
CA PHE A 64 5.56 -7.81 -0.54
C PHE A 64 4.21 -7.15 -0.76
N THR A 65 3.95 -6.04 -0.06
CA THR A 65 2.67 -5.34 -0.20
C THR A 65 2.80 -3.83 -0.02
N LEU A 66 2.05 -3.09 -0.82
CA LEU A 66 2.02 -1.64 -0.74
C LEU A 66 0.61 -1.15 -0.52
N LYS A 67 0.47 -0.04 0.18
CA LYS A 67 -0.85 0.51 0.41
C LYS A 67 -0.98 1.87 -0.24
N ALA A 68 -2.14 2.10 -0.77
CA ALA A 68 -2.45 3.34 -1.44
C ALA A 68 -3.52 4.10 -0.67
N VAL A 69 -3.45 5.41 -0.75
CA VAL A 69 -4.41 6.25 -0.06
C VAL A 69 -5.01 7.26 -1.02
N ALA A 70 -6.30 7.51 -0.87
CA ALA A 70 -6.97 8.46 -1.74
C ALA A 70 -6.30 9.82 -1.67
N LEU A 71 -6.24 10.48 -2.82
CA LEU A 71 -5.67 11.80 -2.91
C LEU A 71 -6.68 12.75 -2.30
N ASP A 72 -7.94 12.41 -2.53
CA ASP A 72 -9.07 13.15 -1.96
C ASP A 72 -9.54 12.42 -0.73
N ARG A 73 -8.64 11.66 -0.11
CA ARG A 73 -8.95 10.86 1.06
C ARG A 73 -9.66 11.66 2.15
N GLU A 74 -9.41 12.96 2.21
CA GLU A 74 -10.10 13.80 3.18
C GLU A 74 -11.59 13.56 3.06
N ALA A 75 -11.96 13.15 1.86
CA ALA A 75 -13.33 12.83 1.51
C ALA A 75 -13.50 11.32 1.36
N GLU A 76 -12.39 10.62 1.08
CA GLU A 76 -12.41 9.18 0.88
C GLU A 76 -11.41 8.46 1.78
N PRO A 77 -11.76 8.21 3.06
CA PRO A 77 -10.89 7.51 4.00
C PRO A 77 -10.48 6.13 3.50
N ARG A 78 -11.18 5.67 2.46
CA ARG A 78 -10.89 4.36 1.88
C ARG A 78 -9.44 4.22 1.46
N VAL A 79 -8.87 3.08 1.82
CA VAL A 79 -7.48 2.77 1.51
C VAL A 79 -7.40 1.41 0.80
N LEU A 80 -6.30 1.15 0.10
CA LEU A 80 -6.16 -0.14 -0.59
C LEU A 80 -4.75 -0.69 -0.47
N ARG A 81 -4.63 -1.98 -0.73
CA ARG A 81 -3.33 -2.66 -0.69
C ARG A 81 -3.32 -3.80 -1.68
N LEU A 82 -2.15 -4.10 -2.24
CA LEU A 82 -2.02 -5.20 -3.19
C LEU A 82 -0.63 -5.79 -3.11
N ASN A 83 -0.56 -7.10 -2.88
CA ASN A 83 0.72 -7.78 -2.75
C ASN A 83 1.14 -8.50 -4.03
N GLU A 84 2.28 -9.20 -3.97
CA GLU A 84 2.80 -9.94 -5.10
C GLU A 84 1.85 -11.05 -5.52
N SER A 85 1.05 -11.51 -4.58
CA SER A 85 0.08 -12.57 -4.83
C SER A 85 -1.15 -11.97 -5.50
N LEU A 86 -1.03 -10.68 -5.79
CA LEU A 86 -2.10 -9.94 -6.44
C LEU A 86 -3.39 -10.00 -5.63
N THR A 87 -3.22 -10.11 -4.31
CA THR A 87 -4.34 -10.13 -3.39
C THR A 87 -4.49 -8.76 -2.75
N ALA A 88 -5.58 -8.07 -3.04
CA ALA A 88 -5.79 -6.74 -2.51
C ALA A 88 -6.76 -6.70 -1.37
N VAL A 89 -6.60 -5.68 -0.55
CA VAL A 89 -7.49 -5.45 0.56
C VAL A 89 -7.73 -3.97 0.75
N VAL A 90 -9.00 -3.63 0.84
CA VAL A 90 -9.42 -2.26 0.99
C VAL A 90 -9.86 -1.96 2.42
N CYS A 91 -9.66 -0.71 2.81
CA CYS A 91 -10.05 -0.26 4.12
C CYS A 91 -11.04 0.89 3.99
N GLY A 92 -11.88 1.03 4.99
CA GLY A 92 -12.87 2.08 4.96
C GLY A 92 -12.50 3.18 5.92
N LYS A 93 -11.38 2.99 6.58
CA LYS A 93 -10.88 3.95 7.54
C LYS A 93 -9.36 3.91 7.60
N MET A 94 -8.74 5.06 7.40
CA MET A 94 -7.30 5.16 7.47
C MET A 94 -6.92 6.12 8.59
N LYS A 95 -6.41 5.58 9.67
CA LYS A 95 -6.04 6.38 10.83
C LYS A 95 -4.55 6.71 10.86
N GLY A 96 -3.73 5.68 11.05
CA GLY A 96 -2.30 5.87 11.14
C GLY A 96 -1.63 5.90 9.78
N LYS A 97 -0.81 4.87 9.52
CA LYS A 97 -0.08 4.75 8.26
C LYS A 97 0.37 6.10 7.73
N GLY A 98 -0.40 6.64 6.80
CA GLY A 98 -0.10 7.93 6.21
C GLY A 98 -1.17 8.34 5.22
N SER A 99 -1.42 9.63 5.10
CA SER A 99 -2.46 10.12 4.20
C SER A 99 -1.89 11.01 3.11
N CYS A 100 -2.42 10.86 1.90
CA CYS A 100 -2.02 11.68 0.79
C CYS A 100 -2.43 13.11 1.09
N THR A 101 -2.08 14.05 0.22
CA THR A 101 -2.42 15.45 0.42
C THR A 101 -2.26 15.85 1.89
N ASP A 102 -1.39 15.14 2.60
CA ASP A 102 -1.14 15.40 4.01
C ASP A 102 0.29 14.99 4.38
N GLY A 103 0.79 13.93 3.74
CA GLY A 103 2.14 13.47 4.01
C GLY A 103 2.25 11.96 4.13
N GLU A 104 1.79 11.25 3.11
CA GLU A 104 1.85 9.80 3.11
C GLU A 104 3.29 9.31 3.24
N GLU A 105 3.51 8.37 4.15
CA GLU A 105 4.85 7.84 4.36
C GLU A 105 4.87 6.31 4.27
N ILE A 106 4.01 5.66 5.05
CA ILE A 106 3.95 4.20 5.05
C ILE A 106 2.58 3.67 5.47
N PHE A 107 2.45 2.34 5.42
CA PHE A 107 1.22 1.64 5.79
C PHE A 107 1.41 0.86 7.08
N ARG A 108 1.32 1.54 8.23
CA ARG A 108 1.51 0.86 9.51
C ARG A 108 0.16 0.56 10.17
N GLY A 109 -0.05 -0.74 10.41
CA GLY A 109 -1.30 -1.24 11.00
C GLY A 109 -2.06 -0.26 11.87
N ASN A 110 -3.03 0.43 11.25
CA ASN A 110 -3.88 1.38 11.96
C ASN A 110 -5.16 1.68 11.18
N ASP A 111 -5.56 0.76 10.29
CA ASP A 111 -6.76 0.95 9.50
C ASP A 111 -7.97 0.27 10.11
N ALA A 112 -9.14 0.69 9.67
CA ALA A 112 -10.40 0.13 10.16
C ALA A 112 -11.37 -0.07 9.01
N GLU A 113 -12.41 -0.84 9.26
CA GLU A 113 -13.42 -1.09 8.26
C GLU A 113 -12.79 -1.60 6.96
N CYS A 114 -12.12 -2.74 7.01
CA CYS A 114 -11.46 -3.27 5.81
C CYS A 114 -11.97 -4.65 5.42
N ARG A 115 -11.97 -4.88 4.10
CA ARG A 115 -12.40 -6.14 3.51
C ARG A 115 -11.50 -6.49 2.32
N PRO A 116 -11.49 -7.75 1.88
CA PRO A 116 -10.66 -8.19 0.75
C PRO A 116 -11.16 -7.65 -0.59
N PHE A 117 -10.29 -6.96 -1.30
CA PHE A 117 -10.63 -6.37 -2.59
C PHE A 117 -9.94 -7.08 -3.75
N THR A 118 -10.65 -7.19 -4.87
CA THR A 118 -10.09 -7.84 -6.05
C THR A 118 -10.23 -6.93 -7.27
N GLY A 119 -9.11 -6.36 -7.70
CA GLY A 119 -9.10 -5.49 -8.86
C GLY A 119 -9.36 -6.23 -10.16
N HIS A 1 -21.06 4.43 -2.74
CA HIS A 1 -21.09 5.92 -2.75
C HIS A 1 -19.75 6.50 -2.32
N ARG A 2 -19.09 5.83 -1.39
CA ARG A 2 -17.79 6.28 -0.89
C ARG A 2 -16.65 5.53 -1.56
N SER A 3 -16.99 4.53 -2.38
CA SER A 3 -15.97 3.75 -3.09
C SER A 3 -14.93 4.68 -3.69
N ALA A 4 -13.85 4.91 -2.94
CA ALA A 4 -12.78 5.79 -3.37
C ALA A 4 -12.14 5.29 -4.66
N ASN A 5 -11.09 5.98 -5.08
CA ASN A 5 -10.38 5.63 -6.31
C ASN A 5 -9.44 4.45 -6.09
N LEU A 6 -9.89 3.46 -5.32
CA LEU A 6 -9.07 2.28 -5.06
C LEU A 6 -8.71 1.59 -6.35
N ARG A 7 -9.53 1.85 -7.36
CA ARG A 7 -9.35 1.26 -8.67
C ARG A 7 -8.04 1.70 -9.29
N ALA A 8 -7.74 2.98 -9.19
CA ALA A 8 -6.49 3.51 -9.71
C ALA A 8 -5.34 2.88 -8.97
N ALA A 9 -5.55 2.73 -7.67
CA ALA A 9 -4.56 2.16 -6.78
C ALA A 9 -4.39 0.69 -7.03
N HIS A 10 -5.51 0.02 -7.29
CA HIS A 10 -5.49 -1.39 -7.57
C HIS A 10 -4.42 -1.69 -8.60
N ALA A 11 -4.24 -0.74 -9.53
CA ALA A 11 -3.24 -0.88 -10.57
C ALA A 11 -1.88 -0.39 -10.08
N ALA A 12 -1.88 0.50 -9.09
CA ALA A 12 -0.64 1.01 -8.52
C ALA A 12 0.02 -0.05 -7.65
N LEU A 13 -0.69 -0.46 -6.60
CA LEU A 13 -0.18 -1.49 -5.71
C LEU A 13 0.13 -2.73 -6.52
N LEU A 14 -0.55 -2.84 -7.67
CA LEU A 14 -0.33 -3.92 -8.61
C LEU A 14 0.97 -3.61 -9.35
N GLU A 15 1.04 -2.38 -9.84
CA GLU A 15 2.21 -1.89 -10.55
C GLU A 15 3.43 -2.08 -9.68
N ASN A 16 3.20 -2.09 -8.38
CA ASN A 16 4.24 -2.33 -7.41
C ASN A 16 4.43 -3.82 -7.24
N ALA A 17 3.31 -4.50 -7.04
CA ALA A 17 3.29 -5.94 -6.85
C ALA A 17 4.18 -6.66 -7.86
N ARG A 18 4.22 -6.14 -9.08
CA ARG A 18 5.06 -6.73 -10.12
C ARG A 18 6.51 -6.39 -9.82
N PHE A 19 6.75 -5.14 -9.46
CA PHE A 19 8.08 -4.70 -9.10
C PHE A 19 8.52 -5.42 -7.83
N MET A 20 7.52 -5.91 -7.09
CA MET A 20 7.76 -6.67 -5.87
C MET A 20 8.10 -8.09 -6.28
N GLU A 21 7.29 -8.59 -7.19
CA GLU A 21 7.46 -9.92 -7.75
C GLU A 21 8.80 -9.99 -8.49
N GLN A 22 9.26 -8.83 -8.92
CA GLN A 22 10.52 -8.70 -9.64
C GLN A 22 11.68 -8.57 -8.67
N PHE A 23 11.56 -7.63 -7.74
CA PHE A 23 12.60 -7.42 -6.74
C PHE A 23 13.00 -8.75 -6.13
N TYR A 24 12.00 -9.59 -5.90
CA TYR A 24 12.22 -10.93 -5.36
C TYR A 24 12.88 -11.78 -6.44
N ALA A 25 12.38 -11.63 -7.66
CA ALA A 25 12.90 -12.37 -8.80
C ALA A 25 14.34 -11.94 -9.08
N LYS A 26 14.73 -10.81 -8.49
CA LYS A 26 16.07 -10.26 -8.65
C LYS A 26 16.91 -10.49 -7.40
N LYS A 27 16.23 -10.61 -6.26
CA LYS A 27 16.90 -10.81 -4.99
C LYS A 27 16.54 -12.13 -4.34
N GLY A 28 15.41 -12.15 -3.64
CA GLY A 28 14.96 -13.34 -2.96
C GLY A 28 14.29 -13.00 -1.64
N SER A 29 14.37 -11.74 -1.26
CA SER A 29 13.77 -11.23 -0.04
C SER A 29 13.63 -9.72 -0.12
N PHE A 30 12.93 -9.12 0.84
CA PHE A 30 12.75 -7.67 0.84
C PHE A 30 13.51 -7.01 1.98
N LYS A 31 12.93 -7.00 3.18
CA LYS A 31 13.62 -6.38 4.32
C LYS A 31 14.77 -7.25 4.76
N LEU A 32 15.75 -6.63 5.40
CA LEU A 32 16.94 -7.35 5.84
C LEU A 32 17.11 -7.33 7.35
N THR A 33 16.62 -6.29 8.01
CA THR A 33 16.76 -6.19 9.47
C THR A 33 15.58 -5.46 10.09
N SER A 34 15.58 -5.38 11.42
CA SER A 34 14.52 -4.69 12.13
C SER A 34 14.74 -3.20 12.03
N THR A 35 13.67 -2.48 11.70
CA THR A 35 13.72 -1.04 11.55
C THR A 35 14.49 -0.66 10.30
N LYS A 36 14.16 -1.37 9.21
CA LYS A 36 14.79 -1.15 7.90
C LYS A 36 13.68 -0.77 6.90
N TRP A 37 14.00 0.08 5.92
CA TRP A 37 12.97 0.50 4.97
C TRP A 37 13.37 0.36 3.50
N PRO A 38 12.91 -0.72 2.84
CA PRO A 38 13.14 -0.92 1.40
C PRO A 38 12.27 0.06 0.59
N GLU A 39 12.87 0.83 -0.31
CA GLU A 39 12.12 1.81 -1.07
C GLU A 39 11.03 1.18 -1.92
N LEU A 40 9.92 1.91 -2.03
CA LEU A 40 8.74 1.48 -2.79
C LEU A 40 8.80 1.97 -4.24
N PRO A 41 8.19 1.21 -5.18
CA PRO A 41 8.17 1.59 -6.60
C PRO A 41 7.08 2.62 -6.92
N VAL A 42 5.81 2.21 -6.88
CA VAL A 42 4.72 3.14 -7.17
C VAL A 42 4.40 4.01 -5.97
N LYS A 43 4.25 5.30 -6.21
CA LYS A 43 3.97 6.26 -5.15
C LYS A 43 2.66 6.96 -5.45
N GLU A 44 2.04 6.61 -6.57
CA GLU A 44 0.79 7.22 -6.98
C GLU A 44 0.12 6.43 -8.10
N ALA A 45 -1.19 6.31 -7.99
CA ALA A 45 -2.00 5.60 -8.98
C ALA A 45 -2.66 6.59 -9.94
N GLY A 46 -3.71 7.22 -9.44
CA GLY A 46 -4.46 8.20 -10.21
C GLY A 46 -5.39 8.98 -9.31
N GLY A 47 -5.89 8.30 -8.30
CA GLY A 47 -6.76 8.92 -7.31
C GLY A 47 -6.28 8.57 -5.92
N PHE A 48 -5.29 7.70 -5.86
CA PHE A 48 -4.67 7.28 -4.61
C PHE A 48 -3.17 7.52 -4.67
N CYS A 49 -2.52 7.52 -3.51
CA CYS A 49 -1.07 7.70 -3.43
C CYS A 49 -0.49 6.52 -2.69
N ILE A 50 0.64 6.02 -3.17
CA ILE A 50 1.24 4.83 -2.60
C ILE A 50 2.55 5.08 -1.87
N ARG A 51 2.81 4.22 -0.91
CA ARG A 51 4.03 4.27 -0.10
C ARG A 51 4.34 2.86 0.41
N MET A 52 5.60 2.63 0.73
CA MET A 52 6.03 1.33 1.23
C MET A 52 5.31 0.97 2.51
N SER A 53 5.20 -0.34 2.79
CA SER A 53 4.53 -0.83 4.00
C SER A 53 4.87 0.03 5.23
N GLY A 54 4.22 -0.29 6.36
CA GLY A 54 4.38 0.45 7.61
C GLY A 54 5.79 0.90 8.00
N GLN A 55 6.00 0.97 9.32
CA GLN A 55 7.28 1.37 9.89
C GLN A 55 8.36 0.33 9.64
N ALA A 56 9.58 0.81 9.44
CA ALA A 56 10.72 -0.05 9.17
C ALA A 56 10.80 -1.25 10.11
N LYS A 57 10.21 -1.14 11.29
CA LYS A 57 10.22 -2.24 12.25
C LYS A 57 9.19 -3.31 11.87
N GLY A 58 8.10 -2.86 11.27
CA GLY A 58 7.04 -3.77 10.84
C GLY A 58 6.92 -3.81 9.35
N ILE A 59 8.01 -4.18 8.70
CA ILE A 59 8.06 -4.22 7.24
C ILE A 59 8.07 -5.61 6.66
N LEU A 60 7.38 -5.70 5.53
CA LEU A 60 7.21 -6.91 4.77
C LEU A 60 8.39 -7.87 4.89
N GLU A 61 8.06 -9.16 5.05
CA GLU A 61 9.05 -10.21 5.15
C GLU A 61 8.44 -11.50 4.65
N GLY A 62 8.90 -11.97 3.50
CA GLY A 62 8.32 -13.15 2.89
C GLY A 62 7.01 -12.78 2.24
N LYS A 63 6.70 -11.49 2.35
CA LYS A 63 5.49 -10.90 1.79
C LYS A 63 5.82 -9.53 1.23
N PHE A 64 5.33 -9.21 0.05
CA PHE A 64 5.57 -7.88 -0.51
C PHE A 64 4.23 -7.17 -0.73
N THR A 65 4.02 -6.04 -0.06
CA THR A 65 2.74 -5.33 -0.20
C THR A 65 2.88 -3.82 0.00
N LEU A 66 2.09 -3.06 -0.77
CA LEU A 66 2.07 -1.61 -0.65
C LEU A 66 0.64 -1.14 -0.42
N LYS A 67 0.49 -0.02 0.26
CA LYS A 67 -0.83 0.53 0.49
C LYS A 67 -0.98 1.89 -0.15
N ALA A 68 -2.16 2.11 -0.69
CA ALA A 68 -2.49 3.35 -1.35
C ALA A 68 -3.55 4.09 -0.58
N VAL A 69 -3.52 5.41 -0.67
CA VAL A 69 -4.48 6.25 0.03
C VAL A 69 -5.08 7.27 -0.91
N ALA A 70 -6.38 7.48 -0.80
CA ALA A 70 -7.05 8.44 -1.66
C ALA A 70 -6.40 9.81 -1.58
N LEU A 71 -6.31 10.46 -2.73
CA LEU A 71 -5.75 11.80 -2.81
C LEU A 71 -6.76 12.76 -2.25
N ASP A 72 -8.02 12.42 -2.51
CA ASP A 72 -9.16 13.18 -2.00
C ASP A 72 -9.68 12.46 -0.75
N ARG A 73 -8.79 11.72 -0.11
CA ARG A 73 -9.12 10.95 1.08
C ARG A 73 -9.90 11.75 2.11
N GLU A 74 -9.72 13.08 2.13
CA GLU A 74 -10.46 13.92 3.06
C GLU A 74 -11.94 13.61 2.89
N ALA A 75 -12.25 13.16 1.69
CA ALA A 75 -13.58 12.78 1.29
C ALA A 75 -13.70 11.26 1.15
N GLU A 76 -12.55 10.60 0.95
CA GLU A 76 -12.51 9.15 0.77
C GLU A 76 -11.49 8.48 1.72
N PRO A 77 -11.86 8.24 2.99
CA PRO A 77 -10.97 7.59 3.95
C PRO A 77 -10.54 6.20 3.48
N ARG A 78 -11.23 5.70 2.45
CA ARG A 78 -10.93 4.39 1.90
C ARG A 78 -9.46 4.25 1.53
N VAL A 79 -8.93 3.08 1.84
CA VAL A 79 -7.53 2.76 1.56
C VAL A 79 -7.45 1.41 0.84
N LEU A 80 -6.32 1.14 0.17
CA LEU A 80 -6.17 -0.13 -0.53
C LEU A 80 -4.75 -0.67 -0.41
N ARG A 81 -4.61 -1.95 -0.67
CA ARG A 81 -3.31 -2.62 -0.63
C ARG A 81 -3.29 -3.76 -1.64
N LEU A 82 -2.13 -4.06 -2.18
CA LEU A 82 -2.00 -5.16 -3.13
C LEU A 82 -0.60 -5.76 -3.04
N ASN A 83 -0.54 -7.06 -2.80
CA ASN A 83 0.74 -7.75 -2.65
C ASN A 83 1.19 -8.44 -3.93
N GLU A 84 2.34 -9.11 -3.85
CA GLU A 84 2.92 -9.83 -4.98
C GLU A 84 1.99 -10.95 -5.45
N SER A 85 1.16 -11.45 -4.53
CA SER A 85 0.22 -12.51 -4.85
C SER A 85 -1.02 -11.91 -5.48
N LEU A 86 -0.93 -10.62 -5.74
CA LEU A 86 -2.01 -9.88 -6.36
C LEU A 86 -3.29 -9.96 -5.53
N THR A 87 -3.11 -10.07 -4.22
CA THR A 87 -4.22 -10.09 -3.29
C THR A 87 -4.38 -8.72 -2.67
N ALA A 88 -5.49 -8.06 -2.95
CA ALA A 88 -5.72 -6.72 -2.43
C ALA A 88 -6.70 -6.68 -1.29
N VAL A 89 -6.55 -5.64 -0.48
CA VAL A 89 -7.44 -5.41 0.64
C VAL A 89 -7.70 -3.93 0.80
N VAL A 90 -8.98 -3.62 0.88
CA VAL A 90 -9.42 -2.26 1.01
C VAL A 90 -9.94 -1.95 2.40
N CYS A 91 -9.73 -0.71 2.82
CA CYS A 91 -10.19 -0.24 4.11
C CYS A 91 -11.15 0.91 3.91
N GLY A 92 -11.99 1.13 4.89
CA GLY A 92 -12.95 2.21 4.82
C GLY A 92 -12.59 3.29 5.80
N LYS A 93 -11.49 3.06 6.50
CA LYS A 93 -11.00 4.00 7.49
C LYS A 93 -9.49 3.84 7.65
N MET A 94 -8.77 4.95 7.56
CA MET A 94 -7.34 4.93 7.72
C MET A 94 -6.95 5.86 8.86
N LYS A 95 -6.54 5.26 9.97
CA LYS A 95 -6.18 6.01 11.16
C LYS A 95 -4.73 6.52 11.11
N GLY A 96 -3.78 5.62 11.38
CA GLY A 96 -2.38 6.01 11.38
C GLY A 96 -1.79 6.06 10.00
N LYS A 97 -0.78 5.24 9.76
CA LYS A 97 -0.13 5.14 8.46
C LYS A 97 0.15 6.54 7.90
N GLY A 98 0.03 6.68 6.59
CA GLY A 98 0.24 7.96 5.95
C GLY A 98 -0.78 8.20 4.85
N SER A 99 -1.15 9.46 4.65
CA SER A 99 -2.14 9.78 3.64
C SER A 99 -1.70 10.94 2.76
N CYS A 100 -2.27 10.99 1.56
CA CYS A 100 -1.97 12.05 0.60
C CYS A 100 -2.43 13.39 1.16
N THR A 101 -2.20 14.45 0.39
CA THR A 101 -2.60 15.81 0.78
C THR A 101 -2.45 16.03 2.29
N ASP A 102 -1.46 15.37 2.88
CA ASP A 102 -1.20 15.51 4.32
C ASP A 102 0.26 15.23 4.65
N GLY A 103 0.74 14.06 4.21
CA GLY A 103 2.12 13.69 4.45
C GLY A 103 2.30 12.18 4.56
N GLU A 104 1.85 11.46 3.54
CA GLU A 104 1.97 10.01 3.51
C GLU A 104 3.42 9.58 3.58
N GLU A 105 3.67 8.39 4.13
CA GLU A 105 5.01 7.86 4.24
C GLU A 105 5.01 6.34 4.17
N ILE A 106 4.17 5.71 4.98
CA ILE A 106 4.07 4.25 5.01
C ILE A 106 2.69 3.78 5.47
N PHE A 107 2.52 2.46 5.48
CA PHE A 107 1.27 1.82 5.89
C PHE A 107 1.43 1.13 7.25
N ARG A 108 1.39 1.93 8.33
CA ARG A 108 1.54 1.38 9.67
C ARG A 108 0.46 1.91 10.61
N GLY A 109 0.27 1.25 11.75
CA GLY A 109 -0.75 1.70 12.69
C GLY A 109 -1.99 0.83 12.67
N ASN A 110 -3.12 1.44 12.30
CA ASN A 110 -4.38 0.71 12.28
C ASN A 110 -5.38 1.33 11.31
N ASP A 111 -6.15 0.46 10.66
CA ASP A 111 -7.20 0.87 9.73
C ASP A 111 -8.51 0.18 10.09
N ALA A 112 -9.62 0.81 9.74
CA ALA A 112 -10.94 0.25 10.05
C ALA A 112 -11.77 0.07 8.81
N GLU A 113 -12.87 -0.67 8.95
CA GLU A 113 -13.78 -0.91 7.84
C GLU A 113 -13.06 -1.48 6.63
N CYS A 114 -12.42 -2.64 6.78
CA CYS A 114 -11.69 -3.22 5.66
C CYS A 114 -12.21 -4.60 5.26
N ARG A 115 -12.17 -4.84 3.95
CA ARG A 115 -12.59 -6.08 3.36
C ARG A 115 -11.66 -6.43 2.19
N PRO A 116 -11.52 -7.72 1.89
CA PRO A 116 -10.69 -8.19 0.78
C PRO A 116 -11.15 -7.63 -0.56
N PHE A 117 -10.23 -7.02 -1.29
CA PHE A 117 -10.55 -6.44 -2.59
C PHE A 117 -9.81 -7.15 -3.71
N THR A 118 -10.49 -7.28 -4.86
CA THR A 118 -9.90 -7.93 -6.02
C THR A 118 -10.05 -7.05 -7.26
N GLY A 119 -8.93 -6.46 -7.67
CA GLY A 119 -8.93 -5.60 -8.84
C GLY A 119 -9.21 -6.36 -10.13
N HIS A 1 -22.92 6.75 -1.26
CA HIS A 1 -21.81 6.02 -1.94
C HIS A 1 -20.46 6.61 -1.57
N ARG A 2 -19.51 5.74 -1.24
CA ARG A 2 -18.17 6.18 -0.86
C ARG A 2 -17.13 5.19 -1.37
N SER A 3 -17.03 5.07 -2.69
CA SER A 3 -16.05 4.19 -3.31
C SER A 3 -14.89 5.01 -3.84
N ALA A 4 -13.86 5.13 -3.03
CA ALA A 4 -12.68 5.90 -3.40
C ALA A 4 -12.06 5.38 -4.69
N ASN A 5 -11.03 6.05 -5.16
CA ASN A 5 -10.35 5.68 -6.39
C ASN A 5 -9.43 4.48 -6.18
N LEU A 6 -9.88 3.49 -5.41
CA LEU A 6 -9.08 2.30 -5.15
C LEU A 6 -8.73 1.61 -6.45
N ARG A 7 -9.54 1.87 -7.45
CA ARG A 7 -9.38 1.28 -8.77
C ARG A 7 -8.06 1.72 -9.38
N ALA A 8 -7.72 2.99 -9.21
CA ALA A 8 -6.47 3.51 -9.73
C ALA A 8 -5.33 2.86 -8.98
N ALA A 9 -5.53 2.73 -7.68
CA ALA A 9 -4.55 2.16 -6.77
C ALA A 9 -4.39 0.68 -7.03
N HIS A 10 -5.49 0.02 -7.30
CA HIS A 10 -5.48 -1.39 -7.58
C HIS A 10 -4.41 -1.69 -8.60
N ALA A 11 -4.21 -0.74 -9.51
CA ALA A 11 -3.19 -0.87 -10.55
C ALA A 11 -1.84 -0.41 -10.04
N ALA A 12 -1.85 0.48 -9.05
CA ALA A 12 -0.61 0.99 -8.47
C ALA A 12 0.03 -0.07 -7.59
N LEU A 13 -0.69 -0.50 -6.55
CA LEU A 13 -0.20 -1.54 -5.66
C LEU A 13 0.08 -2.78 -6.49
N LEU A 14 -0.59 -2.87 -7.64
CA LEU A 14 -0.37 -3.96 -8.57
C LEU A 14 0.93 -3.69 -9.30
N GLU A 15 1.05 -2.45 -9.77
CA GLU A 15 2.24 -1.99 -10.46
C GLU A 15 3.44 -2.22 -9.56
N ASN A 16 3.18 -2.22 -8.26
CA ASN A 16 4.19 -2.46 -7.27
C ASN A 16 4.36 -3.96 -7.10
N ALA A 17 3.23 -4.63 -6.95
CA ALA A 17 3.19 -6.08 -6.77
C ALA A 17 4.04 -6.79 -7.83
N ARG A 18 4.04 -6.26 -9.04
CA ARG A 18 4.82 -6.85 -10.12
C ARG A 18 6.29 -6.53 -9.91
N PHE A 19 6.57 -5.25 -9.64
CA PHE A 19 7.92 -4.80 -9.39
C PHE A 19 8.47 -5.45 -8.14
N MET A 20 7.56 -5.90 -7.26
CA MET A 20 7.94 -6.57 -6.04
C MET A 20 8.15 -8.03 -6.38
N GLU A 21 7.28 -8.53 -7.26
CA GLU A 21 7.40 -9.88 -7.77
C GLU A 21 8.72 -9.92 -8.53
N GLN A 22 9.15 -8.72 -8.94
CA GLN A 22 10.39 -8.53 -9.66
C GLN A 22 11.57 -8.41 -8.70
N PHE A 23 11.42 -7.53 -7.71
CA PHE A 23 12.47 -7.33 -6.71
C PHE A 23 12.92 -8.66 -6.16
N TYR A 24 11.96 -9.55 -5.93
CA TYR A 24 12.23 -10.89 -5.43
C TYR A 24 12.90 -11.68 -6.54
N ALA A 25 12.40 -11.50 -7.76
CA ALA A 25 12.96 -12.17 -8.93
C ALA A 25 14.37 -11.68 -9.18
N LYS A 26 14.72 -10.57 -8.55
CA LYS A 26 16.04 -9.97 -8.67
C LYS A 26 16.87 -10.22 -7.42
N LYS A 27 16.19 -10.43 -6.31
CA LYS A 27 16.85 -10.64 -5.03
C LYS A 27 16.47 -11.99 -4.41
N GLY A 28 15.34 -12.02 -3.70
CA GLY A 28 14.89 -13.23 -3.04
C GLY A 28 14.20 -12.92 -1.73
N SER A 29 14.29 -11.66 -1.31
CA SER A 29 13.67 -11.20 -0.07
C SER A 29 13.54 -9.68 -0.09
N PHE A 30 12.80 -9.13 0.86
CA PHE A 30 12.62 -7.67 0.92
C PHE A 30 13.44 -7.05 2.03
N LYS A 31 12.90 -7.01 3.25
CA LYS A 31 13.67 -6.44 4.36
C LYS A 31 14.79 -7.39 4.74
N LEU A 32 15.84 -6.84 5.33
CA LEU A 32 17.00 -7.62 5.72
C LEU A 32 17.25 -7.53 7.22
N THR A 33 16.79 -6.44 7.82
CA THR A 33 16.98 -6.24 9.25
C THR A 33 15.82 -5.45 9.84
N SER A 34 15.62 -5.57 11.14
CA SER A 34 14.56 -4.86 11.81
C SER A 34 14.86 -3.38 11.86
N THR A 35 13.86 -2.58 11.51
CA THR A 35 13.96 -1.12 11.48
C THR A 35 14.69 -0.64 10.23
N LYS A 36 14.37 -1.27 9.11
CA LYS A 36 14.96 -0.91 7.82
C LYS A 36 13.84 -0.69 6.81
N TRP A 37 14.08 0.11 5.79
CA TRP A 37 13.04 0.42 4.81
C TRP A 37 13.42 0.20 3.35
N PRO A 38 12.99 -0.93 2.76
CA PRO A 38 13.22 -1.20 1.34
C PRO A 38 12.38 -0.23 0.50
N GLU A 39 13.00 0.49 -0.42
CA GLU A 39 12.27 1.47 -1.23
C GLU A 39 11.13 0.86 -2.03
N LEU A 40 10.04 1.61 -2.08
CA LEU A 40 8.83 1.20 -2.80
C LEU A 40 8.85 1.72 -4.24
N PRO A 41 8.20 0.99 -5.17
CA PRO A 41 8.13 1.38 -6.58
C PRO A 41 7.09 2.46 -6.88
N VAL A 42 5.80 2.13 -6.77
CA VAL A 42 4.74 3.09 -7.06
C VAL A 42 4.44 3.97 -5.85
N LYS A 43 4.23 5.25 -6.12
CA LYS A 43 3.92 6.21 -5.08
C LYS A 43 2.65 6.95 -5.43
N GLU A 44 2.05 6.56 -6.55
CA GLU A 44 0.82 7.18 -7.00
C GLU A 44 0.16 6.36 -8.12
N ALA A 45 -1.15 6.27 -8.04
CA ALA A 45 -1.95 5.53 -9.02
C ALA A 45 -2.63 6.48 -9.99
N GLY A 46 -3.55 7.26 -9.47
CA GLY A 46 -4.31 8.21 -10.26
C GLY A 46 -5.27 8.98 -9.38
N GLY A 47 -5.73 8.31 -8.34
CA GLY A 47 -6.63 8.90 -7.38
C GLY A 47 -6.17 8.56 -5.98
N PHE A 48 -5.19 7.67 -5.90
CA PHE A 48 -4.59 7.26 -4.63
C PHE A 48 -3.08 7.49 -4.67
N CYS A 49 -2.45 7.51 -3.51
CA CYS A 49 -1.01 7.67 -3.43
C CYS A 49 -0.44 6.49 -2.65
N ILE A 50 0.68 5.97 -3.11
CA ILE A 50 1.27 4.79 -2.52
C ILE A 50 2.58 5.04 -1.79
N ARG A 51 2.84 4.19 -0.80
CA ARG A 51 4.04 4.26 0.02
C ARG A 51 4.37 2.87 0.55
N MET A 52 5.65 2.62 0.84
CA MET A 52 6.07 1.33 1.35
C MET A 52 5.37 1.01 2.68
N SER A 53 5.25 -0.28 2.99
CA SER A 53 4.60 -0.72 4.22
C SER A 53 4.99 0.16 5.44
N GLY A 54 4.34 -0.09 6.57
CA GLY A 54 4.54 0.68 7.79
C GLY A 54 5.96 1.02 8.21
N GLN A 55 6.18 1.01 9.52
CA GLN A 55 7.48 1.34 10.13
C GLN A 55 8.54 0.32 9.78
N ALA A 56 9.75 0.81 9.57
CA ALA A 56 10.89 -0.04 9.23
C ALA A 56 11.01 -1.23 10.18
N LYS A 57 10.51 -1.06 11.39
CA LYS A 57 10.57 -2.12 12.39
C LYS A 57 9.56 -3.22 12.07
N GLY A 58 8.47 -2.84 11.42
CA GLY A 58 7.43 -3.78 11.04
C GLY A 58 7.23 -3.81 9.54
N ILE A 59 8.28 -4.20 8.83
CA ILE A 59 8.24 -4.23 7.39
C ILE A 59 8.23 -5.63 6.80
N LEU A 60 7.46 -5.72 5.73
CA LEU A 60 7.25 -6.94 4.98
C LEU A 60 8.43 -7.90 5.03
N GLU A 61 8.09 -9.19 5.11
CA GLU A 61 9.08 -10.26 5.15
C GLU A 61 8.46 -11.52 4.57
N GLY A 62 8.94 -11.92 3.39
CA GLY A 62 8.36 -13.07 2.74
C GLY A 62 7.05 -12.68 2.09
N LYS A 63 6.71 -11.41 2.28
CA LYS A 63 5.49 -10.82 1.74
C LYS A 63 5.81 -9.42 1.23
N PHE A 64 5.32 -9.05 0.06
CA PHE A 64 5.54 -7.69 -0.44
C PHE A 64 4.20 -7.00 -0.63
N THR A 65 3.98 -5.90 0.09
CA THR A 65 2.68 -5.20 -0.01
C THR A 65 2.80 -3.70 0.18
N LEU A 66 2.02 -2.95 -0.60
CA LEU A 66 1.98 -1.50 -0.50
C LEU A 66 0.56 -1.04 -0.30
N LYS A 67 0.37 0.01 0.49
CA LYS A 67 -0.97 0.53 0.72
C LYS A 67 -1.12 1.92 0.14
N ALA A 68 -2.15 2.05 -0.68
CA ALA A 68 -2.46 3.31 -1.32
C ALA A 68 -3.54 4.04 -0.56
N VAL A 69 -3.51 5.37 -0.65
CA VAL A 69 -4.48 6.20 0.03
C VAL A 69 -5.08 7.22 -0.93
N ALA A 70 -6.36 7.47 -0.81
CA ALA A 70 -7.03 8.42 -1.68
C ALA A 70 -6.36 9.78 -1.60
N LEU A 71 -6.28 10.45 -2.74
CA LEU A 71 -5.71 11.78 -2.82
C LEU A 71 -6.74 12.74 -2.26
N ASP A 72 -7.99 12.41 -2.54
CA ASP A 72 -9.13 13.16 -2.02
C ASP A 72 -9.67 12.44 -0.79
N ARG A 73 -8.79 11.68 -0.15
CA ARG A 73 -9.14 10.90 1.03
C ARG A 73 -9.92 11.70 2.06
N GLU A 74 -9.72 13.01 2.11
CA GLU A 74 -10.46 13.86 3.05
C GLU A 74 -11.95 13.58 2.86
N ALA A 75 -12.25 13.16 1.64
CA ALA A 75 -13.60 12.80 1.23
C ALA A 75 -13.72 11.29 1.09
N GLU A 76 -12.58 10.63 0.83
CA GLU A 76 -12.55 9.17 0.64
C GLU A 76 -11.59 8.50 1.63
N PRO A 77 -12.01 8.26 2.89
CA PRO A 77 -11.18 7.60 3.89
C PRO A 77 -10.73 6.22 3.44
N ARG A 78 -11.35 5.73 2.38
CA ARG A 78 -11.02 4.42 1.85
C ARG A 78 -9.55 4.29 1.51
N VAL A 79 -9.02 3.10 1.78
CA VAL A 79 -7.63 2.78 1.51
C VAL A 79 -7.51 1.43 0.80
N LEU A 80 -6.40 1.18 0.12
CA LEU A 80 -6.23 -0.09 -0.58
C LEU A 80 -4.82 -0.63 -0.43
N ARG A 81 -4.67 -1.93 -0.69
CA ARG A 81 -3.38 -2.60 -0.62
C ARG A 81 -3.35 -3.74 -1.61
N LEU A 82 -2.19 -4.02 -2.17
CA LEU A 82 -2.05 -5.13 -3.11
C LEU A 82 -0.63 -5.70 -3.01
N ASN A 83 -0.56 -6.99 -2.74
CA ASN A 83 0.75 -7.64 -2.59
C ASN A 83 1.18 -8.35 -3.86
N GLU A 84 2.40 -8.91 -3.82
CA GLU A 84 2.96 -9.62 -4.97
C GLU A 84 2.07 -10.78 -5.39
N SER A 85 1.26 -11.28 -4.45
CA SER A 85 0.36 -12.40 -4.72
C SER A 85 -0.92 -11.87 -5.33
N LEU A 86 -0.88 -10.60 -5.67
CA LEU A 86 -2.00 -9.92 -6.28
C LEU A 86 -3.26 -10.01 -5.44
N THR A 87 -3.07 -10.06 -4.13
CA THR A 87 -4.18 -10.09 -3.19
C THR A 87 -4.36 -8.69 -2.59
N ALA A 88 -5.48 -8.06 -2.89
CA ALA A 88 -5.73 -6.72 -2.40
C ALA A 88 -6.74 -6.67 -1.29
N VAL A 89 -6.62 -5.63 -0.49
CA VAL A 89 -7.55 -5.39 0.60
C VAL A 89 -7.81 -3.91 0.77
N VAL A 90 -9.08 -3.59 0.82
CA VAL A 90 -9.52 -2.23 0.94
C VAL A 90 -10.03 -1.92 2.34
N CYS A 91 -9.83 -0.69 2.76
CA CYS A 91 -10.29 -0.22 4.05
C CYS A 91 -11.26 0.93 3.86
N GLY A 92 -12.12 1.12 4.85
CA GLY A 92 -13.07 2.19 4.79
C GLY A 92 -12.72 3.27 5.76
N LYS A 93 -11.62 3.06 6.45
CA LYS A 93 -11.13 3.99 7.44
C LYS A 93 -9.62 3.86 7.58
N MET A 94 -8.92 4.98 7.46
CA MET A 94 -7.48 4.99 7.60
C MET A 94 -7.09 5.91 8.75
N LYS A 95 -6.66 5.33 9.84
CA LYS A 95 -6.29 6.09 11.03
C LYS A 95 -4.80 6.43 11.06
N GLY A 96 -3.97 5.40 11.26
CA GLY A 96 -2.53 5.62 11.34
C GLY A 96 -1.89 5.84 9.99
N LYS A 97 -1.02 4.89 9.60
CA LYS A 97 -0.30 4.94 8.32
C LYS A 97 -0.06 6.39 7.86
N GLY A 98 -0.17 6.61 6.55
CA GLY A 98 0.03 7.94 6.01
C GLY A 98 -0.98 8.22 4.93
N SER A 99 -1.39 9.48 4.80
CA SER A 99 -2.38 9.85 3.80
C SER A 99 -1.90 10.95 2.89
N CYS A 100 -2.42 10.94 1.67
CA CYS A 100 -2.07 11.96 0.67
C CYS A 100 -2.53 13.32 1.14
N THR A 101 -2.32 14.34 0.32
CA THR A 101 -2.73 15.71 0.63
C THR A 101 -2.49 16.05 2.10
N ASP A 102 -1.48 15.41 2.70
CA ASP A 102 -1.14 15.64 4.09
C ASP A 102 0.33 15.30 4.36
N GLY A 103 0.67 14.03 4.18
CA GLY A 103 2.04 13.59 4.40
C GLY A 103 2.20 12.08 4.36
N GLU A 104 2.17 11.52 3.16
CA GLU A 104 2.30 10.08 2.99
C GLU A 104 3.74 9.63 3.20
N GLU A 105 3.92 8.42 3.71
CA GLU A 105 5.26 7.89 3.94
C GLU A 105 5.24 6.37 4.00
N ILE A 106 4.37 5.81 4.85
CA ILE A 106 4.26 4.37 5.00
C ILE A 106 2.90 3.94 5.53
N PHE A 107 2.71 2.63 5.65
CA PHE A 107 1.46 2.04 6.14
C PHE A 107 1.60 1.44 7.54
N ARG A 108 1.69 2.28 8.58
CA ARG A 108 1.80 1.79 9.95
C ARG A 108 0.71 2.39 10.84
N GLY A 109 -0.10 1.53 11.46
CA GLY A 109 -1.16 2.03 12.32
C GLY A 109 -2.33 1.07 12.43
N ASN A 110 -3.54 1.62 12.35
CA ASN A 110 -4.75 0.81 12.47
C ASN A 110 -5.87 1.31 11.55
N ASP A 111 -6.24 0.48 10.58
CA ASP A 111 -7.31 0.83 9.66
C ASP A 111 -8.62 0.15 10.07
N ALA A 112 -9.74 0.74 9.67
CA ALA A 112 -11.05 0.18 10.01
C ALA A 112 -11.91 0.00 8.78
N GLU A 113 -13.00 -0.74 8.95
CA GLU A 113 -13.92 -0.97 7.85
C GLU A 113 -13.20 -1.51 6.62
N CYS A 114 -12.56 -2.67 6.74
CA CYS A 114 -11.81 -3.23 5.61
C CYS A 114 -12.32 -4.61 5.21
N ARG A 115 -12.24 -4.84 3.89
CA ARG A 115 -12.64 -6.09 3.29
C ARG A 115 -11.67 -6.46 2.17
N PRO A 116 -11.63 -7.73 1.75
CA PRO A 116 -10.73 -8.18 0.68
C PRO A 116 -11.19 -7.66 -0.67
N PHE A 117 -10.28 -6.98 -1.36
CA PHE A 117 -10.57 -6.41 -2.67
C PHE A 117 -9.83 -7.14 -3.78
N THR A 118 -10.49 -7.28 -4.93
CA THR A 118 -9.89 -7.93 -6.08
C THR A 118 -10.02 -7.06 -7.32
N GLY A 119 -8.91 -6.48 -7.73
CA GLY A 119 -8.89 -5.64 -8.91
C GLY A 119 -9.18 -6.40 -10.18
N HIS A 1 -21.33 3.25 -1.35
CA HIS A 1 -21.49 4.53 -0.60
C HIS A 1 -20.20 5.34 -0.64
N ARG A 2 -19.06 4.65 -0.54
CA ARG A 2 -17.76 5.32 -0.58
C ARG A 2 -17.00 4.95 -1.84
N SER A 3 -16.46 3.73 -1.84
CA SER A 3 -15.67 3.22 -2.95
C SER A 3 -14.80 4.31 -3.56
N ALA A 4 -13.72 4.63 -2.86
CA ALA A 4 -12.79 5.64 -3.32
C ALA A 4 -12.16 5.26 -4.66
N ASN A 5 -11.13 5.97 -5.04
CA ASN A 5 -10.44 5.71 -6.30
C ASN A 5 -9.50 4.52 -6.16
N LEU A 6 -9.92 3.50 -5.41
CA LEU A 6 -9.11 2.31 -5.19
C LEU A 6 -8.78 1.65 -6.51
N ARG A 7 -9.64 1.85 -7.48
CA ARG A 7 -9.48 1.25 -8.80
C ARG A 7 -8.18 1.72 -9.45
N ALA A 8 -7.77 2.94 -9.12
CA ALA A 8 -6.53 3.48 -9.65
C ALA A 8 -5.37 2.84 -8.90
N ALA A 9 -5.57 2.69 -7.61
CA ALA A 9 -4.56 2.12 -6.74
C ALA A 9 -4.40 0.65 -6.98
N HIS A 10 -5.51 -0.01 -7.26
CA HIS A 10 -5.52 -1.41 -7.53
C HIS A 10 -4.45 -1.73 -8.56
N ALA A 11 -4.25 -0.78 -9.47
CA ALA A 11 -3.25 -0.92 -10.52
C ALA A 11 -1.88 -0.46 -10.02
N ALA A 12 -1.88 0.44 -9.04
CA ALA A 12 -0.63 0.93 -8.47
C ALA A 12 0.00 -0.12 -7.57
N LEU A 13 -0.72 -0.53 -6.53
CA LEU A 13 -0.22 -1.57 -5.63
C LEU A 13 0.08 -2.80 -6.45
N LEU A 14 -0.61 -2.92 -7.58
CA LEU A 14 -0.40 -4.00 -8.52
C LEU A 14 0.91 -3.70 -9.24
N GLU A 15 1.00 -2.45 -9.69
CA GLU A 15 2.18 -1.95 -10.38
C GLU A 15 3.40 -2.23 -9.53
N ASN A 16 3.19 -2.20 -8.22
CA ASN A 16 4.23 -2.49 -7.26
C ASN A 16 4.38 -3.99 -7.15
N ALA A 17 3.25 -4.65 -6.98
CA ALA A 17 3.21 -6.11 -6.86
C ALA A 17 4.05 -6.81 -7.92
N ARG A 18 4.05 -6.28 -9.14
CA ARG A 18 4.81 -6.87 -10.22
C ARG A 18 6.28 -6.51 -10.07
N PHE A 19 6.53 -5.25 -9.78
CA PHE A 19 7.88 -4.77 -9.57
C PHE A 19 8.47 -5.43 -8.33
N MET A 20 7.59 -5.92 -7.46
CA MET A 20 8.00 -6.60 -6.25
C MET A 20 8.19 -8.07 -6.59
N GLU A 21 7.28 -8.59 -7.37
CA GLU A 21 7.37 -9.95 -7.86
C GLU A 21 8.68 -10.07 -8.62
N GLN A 22 9.12 -8.93 -9.14
CA GLN A 22 10.36 -8.81 -9.88
C GLN A 22 11.54 -8.57 -8.95
N PHE A 23 11.39 -7.58 -8.06
CA PHE A 23 12.46 -7.27 -7.10
C PHE A 23 12.91 -8.55 -6.42
N TYR A 24 11.95 -9.43 -6.16
CA TYR A 24 12.24 -10.72 -5.54
C TYR A 24 12.90 -11.61 -6.59
N ALA A 25 12.40 -11.50 -7.82
CA ALA A 25 12.94 -12.26 -8.94
C ALA A 25 14.37 -11.80 -9.24
N LYS A 26 14.72 -10.64 -8.69
CA LYS A 26 16.03 -10.05 -8.87
C LYS A 26 16.87 -10.20 -7.59
N LYS A 27 16.18 -10.24 -6.46
CA LYS A 27 16.82 -10.37 -5.16
C LYS A 27 16.44 -11.66 -4.45
N GLY A 28 15.29 -11.62 -3.78
CA GLY A 28 14.81 -12.79 -3.06
C GLY A 28 14.20 -12.41 -1.72
N SER A 29 14.37 -11.16 -1.32
CA SER A 29 13.83 -10.67 -0.04
C SER A 29 13.76 -9.15 -0.04
N PHE A 30 12.85 -8.59 0.75
CA PHE A 30 12.71 -7.15 0.85
C PHE A 30 13.51 -6.59 2.02
N LYS A 31 12.95 -6.69 3.24
CA LYS A 31 13.67 -6.20 4.41
C LYS A 31 14.71 -7.22 4.84
N LEU A 32 15.81 -6.68 5.31
CA LEU A 32 16.96 -7.48 5.71
C LEU A 32 17.11 -7.62 7.22
N THR A 33 16.62 -6.62 7.96
CA THR A 33 16.76 -6.61 9.41
C THR A 33 15.58 -5.93 10.09
N SER A 34 15.67 -5.75 11.40
CA SER A 34 14.64 -5.08 12.15
C SER A 34 14.83 -3.57 12.07
N THR A 35 13.76 -2.88 11.70
CA THR A 35 13.75 -1.42 11.57
C THR A 35 14.45 -0.94 10.30
N LYS A 36 14.16 -1.59 9.17
CA LYS A 36 14.74 -1.18 7.89
C LYS A 36 13.64 -0.87 6.88
N TRP A 37 13.91 0.00 5.92
CA TRP A 37 12.89 0.40 4.95
C TRP A 37 13.29 0.19 3.49
N PRO A 38 12.86 -0.93 2.88
CA PRO A 38 13.11 -1.21 1.46
C PRO A 38 12.32 -0.23 0.58
N GLU A 39 12.98 0.38 -0.39
CA GLU A 39 12.34 1.35 -1.27
C GLU A 39 11.22 0.74 -2.11
N LEU A 40 10.05 1.39 -2.08
CA LEU A 40 8.89 0.95 -2.84
C LEU A 40 8.83 1.60 -4.22
N PRO A 41 8.26 0.90 -5.21
CA PRO A 41 8.15 1.39 -6.59
C PRO A 41 7.07 2.47 -6.80
N VAL A 42 5.80 2.07 -6.87
CA VAL A 42 4.72 3.01 -7.11
C VAL A 42 4.45 3.88 -5.89
N LYS A 43 4.29 5.17 -6.14
CA LYS A 43 4.01 6.14 -5.09
C LYS A 43 2.73 6.88 -5.40
N GLU A 44 2.10 6.50 -6.52
CA GLU A 44 0.86 7.12 -6.96
C GLU A 44 0.18 6.31 -8.06
N ALA A 45 -1.13 6.23 -7.97
CA ALA A 45 -1.95 5.51 -8.94
C ALA A 45 -2.58 6.48 -9.94
N GLY A 46 -3.59 7.18 -9.46
CA GLY A 46 -4.32 8.15 -10.25
C GLY A 46 -5.26 8.95 -9.37
N GLY A 47 -5.76 8.28 -8.34
CA GLY A 47 -6.63 8.89 -7.37
C GLY A 47 -6.16 8.55 -5.98
N PHE A 48 -5.18 7.66 -5.91
CA PHE A 48 -4.58 7.24 -4.65
C PHE A 48 -3.07 7.48 -4.69
N CYS A 49 -2.44 7.49 -3.52
CA CYS A 49 -1.00 7.66 -3.44
C CYS A 49 -0.42 6.48 -2.67
N ILE A 50 0.70 5.98 -3.14
CA ILE A 50 1.29 4.80 -2.55
C ILE A 50 2.61 5.06 -1.83
N ARG A 51 2.88 4.21 -0.85
CA ARG A 51 4.10 4.28 -0.06
C ARG A 51 4.48 2.88 0.39
N MET A 52 5.62 2.75 1.05
CA MET A 52 6.08 1.46 1.52
C MET A 52 5.33 1.07 2.78
N SER A 53 5.24 -0.24 3.04
CA SER A 53 4.54 -0.75 4.23
C SER A 53 4.86 0.09 5.50
N GLY A 54 4.26 -0.28 6.62
CA GLY A 54 4.40 0.47 7.88
C GLY A 54 5.82 0.82 8.32
N GLN A 55 6.04 0.73 9.64
CA GLN A 55 7.34 1.06 10.24
C GLN A 55 8.44 0.09 9.86
N ALA A 56 9.62 0.64 9.62
CA ALA A 56 10.80 -0.14 9.22
C ALA A 56 10.92 -1.42 10.03
N LYS A 57 10.40 -1.41 11.25
CA LYS A 57 10.47 -2.58 12.11
C LYS A 57 9.35 -3.56 11.78
N GLY A 58 8.20 -3.01 11.40
CA GLY A 58 7.07 -3.82 11.02
C GLY A 58 6.92 -3.87 9.52
N ILE A 59 8.01 -4.22 8.86
CA ILE A 59 8.03 -4.26 7.40
C ILE A 59 8.02 -5.66 6.84
N LEU A 60 7.29 -5.75 5.73
CA LEU A 60 7.11 -6.97 4.99
C LEU A 60 8.33 -7.89 5.02
N GLU A 61 8.06 -9.19 5.08
CA GLU A 61 9.09 -10.20 5.10
C GLU A 61 8.53 -11.49 4.51
N GLY A 62 9.07 -11.90 3.38
CA GLY A 62 8.55 -13.08 2.71
C GLY A 62 7.24 -12.72 2.04
N LYS A 63 6.88 -11.45 2.18
CA LYS A 63 5.66 -10.89 1.62
C LYS A 63 5.94 -9.49 1.12
N PHE A 64 5.44 -9.12 -0.05
CA PHE A 64 5.64 -7.77 -0.55
C PHE A 64 4.29 -7.08 -0.73
N THR A 65 4.07 -5.97 -0.03
CA THR A 65 2.79 -5.27 -0.13
C THR A 65 2.92 -3.77 0.07
N LEU A 66 2.06 -3.02 -0.64
CA LEU A 66 2.03 -1.57 -0.54
C LEU A 66 0.60 -1.09 -0.30
N LYS A 67 0.45 0.00 0.43
CA LYS A 67 -0.88 0.54 0.69
C LYS A 67 -1.02 1.92 0.08
N ALA A 68 -2.12 2.09 -0.64
CA ALA A 68 -2.43 3.32 -1.31
C ALA A 68 -3.50 4.08 -0.54
N VAL A 69 -3.47 5.39 -0.66
CA VAL A 69 -4.43 6.24 0.01
C VAL A 69 -5.01 7.26 -0.95
N ALA A 70 -6.30 7.50 -0.86
CA ALA A 70 -6.95 8.45 -1.74
C ALA A 70 -6.30 9.82 -1.65
N LEU A 71 -6.16 10.46 -2.81
CA LEU A 71 -5.59 11.78 -2.88
C LEU A 71 -6.61 12.75 -2.33
N ASP A 72 -7.87 12.44 -2.63
CA ASP A 72 -8.99 13.21 -2.12
C ASP A 72 -9.57 12.49 -0.91
N ARG A 73 -8.71 11.70 -0.24
CA ARG A 73 -9.10 10.90 0.91
C ARG A 73 -9.88 11.70 1.95
N GLU A 74 -9.65 13.01 2.01
CA GLU A 74 -10.39 13.84 2.95
C GLU A 74 -11.88 13.59 2.74
N ALA A 75 -12.16 13.18 1.51
CA ALA A 75 -13.50 12.85 1.07
C ALA A 75 -13.64 11.33 0.90
N GLU A 76 -12.51 10.65 0.72
CA GLU A 76 -12.50 9.20 0.51
C GLU A 76 -11.57 8.50 1.52
N PRO A 77 -12.04 8.26 2.76
CA PRO A 77 -11.24 7.59 3.78
C PRO A 77 -10.80 6.19 3.35
N ARG A 78 -11.41 5.68 2.29
CA ARG A 78 -11.07 4.35 1.79
C ARG A 78 -9.60 4.23 1.41
N VAL A 79 -9.02 3.13 1.82
CA VAL A 79 -7.61 2.83 1.55
C VAL A 79 -7.48 1.48 0.84
N LEU A 80 -6.40 1.25 0.10
CA LEU A 80 -6.23 -0.04 -0.57
C LEU A 80 -4.83 -0.59 -0.39
N ARG A 81 -4.70 -1.88 -0.64
CA ARG A 81 -3.45 -2.59 -0.54
C ARG A 81 -3.43 -3.72 -1.52
N LEU A 82 -2.26 -4.07 -2.03
CA LEU A 82 -2.11 -5.17 -2.97
C LEU A 82 -0.71 -5.76 -2.86
N ASN A 83 -0.61 -7.07 -2.70
CA ASN A 83 0.70 -7.71 -2.57
C ASN A 83 1.15 -8.38 -3.87
N GLU A 84 2.34 -8.97 -3.84
CA GLU A 84 2.90 -9.65 -5.02
C GLU A 84 2.01 -10.79 -5.49
N SER A 85 1.23 -11.35 -4.56
CA SER A 85 0.32 -12.43 -4.87
C SER A 85 -0.96 -11.87 -5.45
N LEU A 86 -0.91 -10.58 -5.73
CA LEU A 86 -2.02 -9.87 -6.31
C LEU A 86 -3.26 -9.95 -5.43
N THR A 87 -3.03 -10.02 -4.13
CA THR A 87 -4.12 -10.04 -3.17
C THR A 87 -4.26 -8.67 -2.53
N ALA A 88 -5.36 -7.99 -2.84
CA ALA A 88 -5.61 -6.67 -2.31
C ALA A 88 -6.60 -6.66 -1.17
N VAL A 89 -6.50 -5.61 -0.37
CA VAL A 89 -7.40 -5.40 0.74
C VAL A 89 -7.66 -3.91 0.92
N VAL A 90 -8.94 -3.59 0.93
CA VAL A 90 -9.39 -2.23 1.06
C VAL A 90 -9.92 -1.92 2.45
N CYS A 91 -9.73 -0.68 2.85
CA CYS A 91 -10.21 -0.20 4.13
C CYS A 91 -11.19 0.94 3.92
N GLY A 92 -12.04 1.16 4.89
CA GLY A 92 -13.01 2.22 4.79
C GLY A 92 -12.68 3.33 5.74
N LYS A 93 -11.58 3.13 6.45
CA LYS A 93 -11.10 4.08 7.41
C LYS A 93 -9.60 3.96 7.59
N MET A 94 -8.91 5.09 7.47
CA MET A 94 -7.47 5.11 7.64
C MET A 94 -7.10 6.08 8.75
N LYS A 95 -6.69 5.53 9.89
CA LYS A 95 -6.33 6.34 11.04
C LYS A 95 -4.87 6.78 11.00
N GLY A 96 -3.96 5.83 11.26
CA GLY A 96 -2.55 6.15 11.27
C GLY A 96 -1.94 6.15 9.88
N LYS A 97 -1.07 5.17 9.62
CA LYS A 97 -0.40 5.05 8.33
C LYS A 97 0.02 6.42 7.79
N GLY A 98 -0.11 6.59 6.49
CA GLY A 98 0.21 7.85 5.85
C GLY A 98 -0.82 8.18 4.79
N SER A 99 -1.09 9.46 4.60
CA SER A 99 -2.09 9.86 3.61
C SER A 99 -1.61 10.98 2.71
N CYS A 100 -2.21 11.04 1.53
CA CYS A 100 -1.88 12.07 0.56
C CYS A 100 -2.35 13.42 1.07
N THR A 101 -2.14 14.46 0.25
CA THR A 101 -2.57 15.82 0.60
C THR A 101 -2.37 16.11 2.10
N ASP A 102 -1.36 15.48 2.69
CA ASP A 102 -1.07 15.68 4.11
C ASP A 102 0.39 15.34 4.42
N GLY A 103 0.73 14.07 4.29
CA GLY A 103 2.09 13.64 4.57
C GLY A 103 2.24 12.12 4.59
N GLU A 104 1.96 11.49 3.46
CA GLU A 104 2.06 10.04 3.34
C GLU A 104 3.49 9.57 3.59
N GLU A 105 3.63 8.43 4.26
CA GLU A 105 4.95 7.89 4.54
C GLU A 105 4.95 6.36 4.52
N ILE A 106 4.10 5.76 5.36
CA ILE A 106 4.02 4.30 5.44
C ILE A 106 2.66 3.82 5.93
N PHE A 107 2.51 2.50 6.00
CA PHE A 107 1.26 1.86 6.42
C PHE A 107 1.38 1.23 7.81
N ARG A 108 1.46 2.06 8.85
CA ARG A 108 1.55 1.57 10.23
C ARG A 108 0.56 2.31 11.14
N GLY A 109 -0.15 1.56 11.99
CA GLY A 109 -1.11 2.17 12.88
C GLY A 109 -2.36 1.34 13.05
N ASN A 110 -3.47 1.80 12.44
CA ASN A 110 -4.72 1.08 12.52
C ASN A 110 -5.74 1.58 11.51
N ASP A 111 -6.33 0.65 10.76
CA ASP A 111 -7.34 0.98 9.77
C ASP A 111 -8.65 0.29 10.12
N ALA A 112 -9.76 0.90 9.75
CA ALA A 112 -11.07 0.34 10.03
C ALA A 112 -11.89 0.14 8.78
N GLU A 113 -12.98 -0.61 8.91
CA GLU A 113 -13.86 -0.87 7.79
C GLU A 113 -13.10 -1.45 6.60
N CYS A 114 -12.45 -2.61 6.78
CA CYS A 114 -11.68 -3.20 5.69
C CYS A 114 -12.15 -4.59 5.31
N ARG A 115 -12.05 -4.87 4.01
CA ARG A 115 -12.41 -6.13 3.43
C ARG A 115 -11.43 -6.50 2.32
N PRO A 116 -11.35 -7.77 1.93
CA PRO A 116 -10.45 -8.21 0.86
C PRO A 116 -10.92 -7.73 -0.51
N PHE A 117 -10.06 -7.02 -1.21
CA PHE A 117 -10.39 -6.49 -2.52
C PHE A 117 -9.62 -7.18 -3.63
N THR A 118 -10.28 -7.37 -4.77
CA THR A 118 -9.65 -8.02 -5.91
C THR A 118 -9.81 -7.16 -7.17
N GLY A 119 -8.71 -6.55 -7.58
CA GLY A 119 -8.71 -5.71 -8.77
C GLY A 119 -8.86 -6.51 -10.05
N HIS A 1 -22.01 5.16 -0.67
CA HIS A 1 -21.44 5.60 -1.97
C HIS A 1 -20.05 6.21 -1.77
N ARG A 2 -19.31 5.65 -0.83
CA ARG A 2 -17.96 6.13 -0.54
C ARG A 2 -16.91 5.18 -1.11
N SER A 3 -17.03 4.89 -2.40
CA SER A 3 -16.06 4.02 -3.07
C SER A 3 -14.92 4.85 -3.64
N ALA A 4 -13.90 5.03 -2.83
CA ALA A 4 -12.74 5.82 -3.24
C ALA A 4 -12.15 5.28 -4.54
N ASN A 5 -11.15 5.99 -5.07
CA ASN A 5 -10.51 5.58 -6.32
C ASN A 5 -9.55 4.42 -6.10
N LEU A 6 -9.98 3.41 -5.33
CA LEU A 6 -9.15 2.24 -5.09
C LEU A 6 -8.82 1.56 -6.39
N ARG A 7 -9.65 1.83 -7.37
CA ARG A 7 -9.50 1.24 -8.70
C ARG A 7 -8.22 1.75 -9.34
N ALA A 8 -7.85 2.98 -9.02
CA ALA A 8 -6.61 3.57 -9.52
C ALA A 8 -5.44 2.98 -8.78
N ALA A 9 -5.67 2.70 -7.50
CA ALA A 9 -4.66 2.13 -6.64
C ALA A 9 -4.46 0.67 -6.95
N HIS A 10 -5.57 0.00 -7.22
CA HIS A 10 -5.54 -1.40 -7.54
C HIS A 10 -4.49 -1.65 -8.59
N ALA A 11 -4.30 -0.67 -9.46
CA ALA A 11 -3.31 -0.75 -10.52
C ALA A 11 -1.94 -0.30 -10.03
N ALA A 12 -1.94 0.58 -9.03
CA ALA A 12 -0.69 1.07 -8.46
C ALA A 12 -0.03 0.00 -7.61
N LEU A 13 -0.74 -0.44 -6.57
CA LEU A 13 -0.22 -1.49 -5.69
C LEU A 13 0.07 -2.72 -6.54
N LEU A 14 -0.63 -2.80 -7.67
CA LEU A 14 -0.42 -3.87 -8.63
C LEU A 14 0.87 -3.57 -9.38
N GLU A 15 0.95 -2.33 -9.84
CA GLU A 15 2.13 -1.85 -10.56
C GLU A 15 3.35 -2.08 -9.69
N ASN A 16 3.12 -2.10 -8.38
CA ASN A 16 4.17 -2.35 -7.43
C ASN A 16 4.32 -3.85 -7.27
N ALA A 17 3.20 -4.53 -7.09
CA ALA A 17 3.17 -5.98 -6.92
C ALA A 17 4.04 -6.68 -7.95
N ARG A 18 4.07 -6.16 -9.16
CA ARG A 18 4.89 -6.74 -10.22
C ARG A 18 6.35 -6.44 -9.92
N PHE A 19 6.62 -5.17 -9.59
CA PHE A 19 7.96 -4.74 -9.25
C PHE A 19 8.39 -5.48 -7.98
N MET A 20 7.40 -5.96 -7.23
CA MET A 20 7.67 -6.72 -6.02
C MET A 20 8.07 -8.11 -6.47
N GLU A 21 7.26 -8.65 -7.38
CA GLU A 21 7.52 -9.93 -7.98
C GLU A 21 8.86 -9.90 -8.72
N GLN A 22 9.27 -8.67 -9.06
CA GLN A 22 10.52 -8.45 -9.77
C GLN A 22 11.69 -8.36 -8.79
N PHE A 23 11.57 -7.47 -7.81
CA PHE A 23 12.60 -7.29 -6.80
C PHE A 23 13.03 -8.63 -6.25
N TYR A 24 12.06 -9.47 -5.94
CA TYR A 24 12.33 -10.81 -5.43
C TYR A 24 13.00 -11.62 -6.53
N ALA A 25 12.47 -11.47 -7.74
CA ALA A 25 13.00 -12.16 -8.90
C ALA A 25 14.44 -11.74 -9.16
N LYS A 26 14.81 -10.60 -8.60
CA LYS A 26 16.15 -10.05 -8.75
C LYS A 26 16.96 -10.23 -7.47
N LYS A 27 16.25 -10.42 -6.36
CA LYS A 27 16.87 -10.58 -5.06
C LYS A 27 16.38 -11.85 -4.35
N GLY A 28 15.28 -11.72 -3.61
CA GLY A 28 14.73 -12.85 -2.88
C GLY A 28 14.11 -12.43 -1.56
N SER A 29 14.34 -11.18 -1.17
CA SER A 29 13.80 -10.65 0.08
C SER A 29 13.82 -9.13 0.06
N PHE A 30 12.90 -8.52 0.82
CA PHE A 30 12.84 -7.07 0.89
C PHE A 30 13.57 -6.53 2.12
N LYS A 31 12.95 -6.63 3.30
CA LYS A 31 13.62 -6.14 4.51
C LYS A 31 14.65 -7.16 4.96
N LEU A 32 15.76 -6.62 5.40
CA LEU A 32 16.90 -7.41 5.83
C LEU A 32 16.98 -7.53 7.35
N THR A 33 16.51 -6.50 8.05
CA THR A 33 16.57 -6.46 9.50
C THR A 33 15.40 -5.70 10.09
N SER A 34 15.11 -5.94 11.35
CA SER A 34 14.02 -5.24 12.01
C SER A 34 14.36 -3.75 12.07
N THR A 35 13.41 -2.94 11.63
CA THR A 35 13.52 -1.47 11.61
C THR A 35 14.27 -0.97 10.36
N LYS A 36 13.97 -1.58 9.21
CA LYS A 36 14.55 -1.15 7.94
C LYS A 36 13.45 -0.85 6.93
N TRP A 37 13.73 0.02 5.96
CA TRP A 37 12.71 0.41 4.99
C TRP A 37 13.14 0.25 3.53
N PRO A 38 12.76 -0.88 2.89
CA PRO A 38 13.04 -1.12 1.47
C PRO A 38 12.23 -0.16 0.59
N GLU A 39 12.91 0.55 -0.30
CA GLU A 39 12.25 1.51 -1.18
C GLU A 39 11.12 0.91 -2.01
N LEU A 40 9.98 1.58 -2.01
CA LEU A 40 8.81 1.14 -2.77
C LEU A 40 8.76 1.76 -4.18
N PRO A 41 8.24 1.01 -5.17
CA PRO A 41 8.14 1.48 -6.56
C PRO A 41 7.07 2.55 -6.78
N VAL A 42 5.80 2.14 -6.84
CA VAL A 42 4.70 3.08 -7.07
C VAL A 42 4.45 3.92 -5.82
N LYS A 43 4.27 5.22 -6.02
CA LYS A 43 4.03 6.13 -4.91
C LYS A 43 2.73 6.90 -5.11
N GLU A 44 2.05 6.63 -6.22
CA GLU A 44 0.80 7.32 -6.53
C GLU A 44 0.05 6.65 -7.68
N ALA A 45 -1.22 6.43 -7.46
CA ALA A 45 -2.11 5.85 -8.47
C ALA A 45 -2.81 6.98 -9.22
N GLY A 46 -3.83 6.62 -9.98
CA GLY A 46 -4.57 7.61 -10.73
C GLY A 46 -5.51 8.44 -9.86
N GLY A 47 -5.63 8.05 -8.59
CA GLY A 47 -6.48 8.77 -7.66
C GLY A 47 -6.12 8.47 -6.22
N PHE A 48 -5.15 7.59 -6.07
CA PHE A 48 -4.64 7.18 -4.76
C PHE A 48 -3.15 7.45 -4.73
N CYS A 49 -2.56 7.43 -3.54
CA CYS A 49 -1.13 7.63 -3.40
C CYS A 49 -0.54 6.46 -2.65
N ILE A 50 0.62 6.00 -3.10
CA ILE A 50 1.23 4.83 -2.51
C ILE A 50 2.54 5.12 -1.79
N ARG A 51 2.83 4.26 -0.83
CA ARG A 51 4.04 4.33 -0.03
C ARG A 51 4.44 2.93 0.42
N MET A 52 5.60 2.81 1.04
CA MET A 52 6.07 1.51 1.49
C MET A 52 5.30 1.08 2.74
N SER A 53 5.22 -0.22 2.97
CA SER A 53 4.51 -0.76 4.13
C SER A 53 4.79 0.07 5.41
N GLY A 54 4.16 -0.31 6.52
CA GLY A 54 4.27 0.44 7.78
C GLY A 54 5.66 0.76 8.29
N GLN A 55 5.78 0.76 9.61
CA GLN A 55 7.04 1.07 10.30
C GLN A 55 8.11 0.06 9.97
N ALA A 56 9.32 0.58 9.78
CA ALA A 56 10.49 -0.25 9.45
C ALA A 56 10.58 -1.49 10.32
N LYS A 57 10.02 -1.41 11.53
CA LYS A 57 10.05 -2.53 12.45
C LYS A 57 9.04 -3.61 12.05
N GLY A 58 7.93 -3.16 11.48
CA GLY A 58 6.88 -4.07 11.02
C GLY A 58 6.79 -4.08 9.53
N ILE A 59 7.89 -4.41 8.88
CA ILE A 59 7.94 -4.42 7.43
C ILE A 59 7.98 -5.80 6.82
N LEU A 60 7.30 -5.86 5.69
CA LEU A 60 7.15 -7.06 4.89
C LEU A 60 8.38 -7.96 4.94
N GLU A 61 8.12 -9.27 4.92
CA GLU A 61 9.19 -10.27 4.93
C GLU A 61 8.67 -11.55 4.32
N GLY A 62 9.22 -11.93 3.17
CA GLY A 62 8.73 -13.10 2.47
C GLY A 62 7.38 -12.77 1.88
N LYS A 63 6.99 -11.50 2.05
CA LYS A 63 5.74 -10.96 1.56
C LYS A 63 5.98 -9.54 1.07
N PHE A 64 5.48 -9.19 -0.10
CA PHE A 64 5.66 -7.82 -0.60
C PHE A 64 4.31 -7.14 -0.80
N THR A 65 4.07 -6.04 -0.09
CA THR A 65 2.80 -5.33 -0.21
C THR A 65 2.93 -3.83 -0.05
N LEU A 66 2.14 -3.08 -0.82
CA LEU A 66 2.11 -1.63 -0.73
C LEU A 66 0.70 -1.16 -0.47
N LYS A 67 0.57 0.01 0.12
CA LYS A 67 -0.74 0.57 0.40
C LYS A 67 -0.91 1.90 -0.30
N ALA A 68 -2.12 2.13 -0.75
CA ALA A 68 -2.45 3.35 -1.44
C ALA A 68 -3.51 4.11 -0.66
N VAL A 69 -3.45 5.43 -0.74
CA VAL A 69 -4.41 6.28 -0.05
C VAL A 69 -4.97 7.33 -0.98
N ALA A 70 -6.28 7.46 -0.99
CA ALA A 70 -6.95 8.41 -1.86
C ALA A 70 -6.32 9.78 -1.79
N LEU A 71 -6.25 10.43 -2.93
CA LEU A 71 -5.71 11.77 -3.02
C LEU A 71 -6.76 12.71 -2.47
N ASP A 72 -8.02 12.32 -2.69
CA ASP A 72 -9.16 13.05 -2.17
C ASP A 72 -9.63 12.34 -0.90
N ARG A 73 -8.71 11.63 -0.27
CA ARG A 73 -8.99 10.86 0.93
C ARG A 73 -9.72 11.66 2.00
N GLU A 74 -9.48 12.97 2.04
CA GLU A 74 -10.19 13.81 3.00
C GLU A 74 -11.68 13.53 2.88
N ALA A 75 -12.04 13.11 1.68
CA ALA A 75 -13.40 12.76 1.33
C ALA A 75 -13.54 11.24 1.22
N GLU A 76 -12.44 10.55 0.94
CA GLU A 76 -12.45 9.10 0.78
C GLU A 76 -11.43 8.41 1.69
N PRO A 77 -11.78 8.21 2.98
CA PRO A 77 -10.89 7.53 3.93
C PRO A 77 -10.50 6.14 3.45
N ARG A 78 -11.22 5.64 2.43
CA ARG A 78 -10.95 4.32 1.88
C ARG A 78 -9.49 4.19 1.47
N VAL A 79 -8.92 3.05 1.84
CA VAL A 79 -7.53 2.74 1.54
C VAL A 79 -7.44 1.38 0.84
N LEU A 80 -6.32 1.11 0.19
CA LEU A 80 -6.16 -0.17 -0.50
C LEU A 80 -4.73 -0.70 -0.38
N ARG A 81 -4.57 -1.99 -0.65
CA ARG A 81 -3.28 -2.65 -0.62
C ARG A 81 -3.26 -3.79 -1.63
N LEU A 82 -2.11 -4.08 -2.20
CA LEU A 82 -1.98 -5.17 -3.15
C LEU A 82 -0.60 -5.77 -3.08
N ASN A 83 -0.53 -7.06 -2.85
CA ASN A 83 0.75 -7.75 -2.72
C ASN A 83 1.16 -8.47 -4.01
N GLU A 84 2.30 -9.16 -3.96
CA GLU A 84 2.83 -9.90 -5.10
C GLU A 84 1.87 -11.01 -5.52
N SER A 85 1.06 -11.47 -4.57
CA SER A 85 0.09 -12.52 -4.84
C SER A 85 -1.14 -11.92 -5.47
N LEU A 86 -1.02 -10.64 -5.80
CA LEU A 86 -2.10 -9.90 -6.42
C LEU A 86 -3.38 -9.96 -5.61
N THR A 87 -3.19 -10.10 -4.29
CA THR A 87 -4.31 -10.12 -3.35
C THR A 87 -4.43 -8.75 -2.69
N ALA A 88 -5.52 -8.07 -2.96
CA ALA A 88 -5.71 -6.74 -2.42
C ALA A 88 -6.69 -6.71 -1.27
N VAL A 89 -6.55 -5.67 -0.47
CA VAL A 89 -7.44 -5.44 0.66
C VAL A 89 -7.70 -3.97 0.83
N VAL A 90 -8.97 -3.64 0.93
CA VAL A 90 -9.40 -2.27 1.07
C VAL A 90 -9.85 -1.96 2.48
N CYS A 91 -9.66 -0.71 2.88
CA CYS A 91 -10.06 -0.24 4.19
C CYS A 91 -11.06 0.89 4.03
N GLY A 92 -11.87 1.08 5.05
CA GLY A 92 -12.86 2.13 5.00
C GLY A 92 -12.51 3.25 5.93
N LYS A 93 -11.39 3.08 6.60
CA LYS A 93 -10.90 4.06 7.54
C LYS A 93 -9.39 4.04 7.58
N MET A 94 -8.78 5.19 7.34
CA MET A 94 -7.34 5.31 7.40
C MET A 94 -6.97 6.29 8.48
N LYS A 95 -6.45 5.77 9.59
CA LYS A 95 -6.07 6.60 10.72
C LYS A 95 -4.58 6.89 10.71
N GLY A 96 -3.78 5.85 10.89
CA GLY A 96 -2.34 5.99 10.92
C GLY A 96 -1.76 6.07 9.52
N LYS A 97 -0.95 5.07 9.17
CA LYS A 97 -0.31 4.99 7.85
C LYS A 97 0.12 6.39 7.36
N GLY A 98 0.08 6.56 6.05
CA GLY A 98 0.44 7.84 5.45
C GLY A 98 -0.49 8.18 4.29
N SER A 99 -0.73 9.46 4.08
CA SER A 99 -1.64 9.89 3.01
C SER A 99 -1.07 11.05 2.23
N CYS A 100 -1.31 11.05 0.92
CA CYS A 100 -0.88 12.15 0.08
C CYS A 100 -1.66 13.37 0.51
N THR A 101 -1.39 14.53 -0.11
CA THR A 101 -2.10 15.76 0.24
C THR A 101 -2.25 15.92 1.75
N ASP A 102 -1.39 15.22 2.51
CA ASP A 102 -1.42 15.26 3.97
C ASP A 102 -0.06 14.89 4.56
N GLY A 103 0.68 14.04 3.84
CA GLY A 103 1.98 13.61 4.32
C GLY A 103 2.11 12.09 4.35
N GLU A 104 2.14 11.48 3.17
CA GLU A 104 2.25 10.03 3.07
C GLU A 104 3.63 9.54 3.49
N GLU A 105 3.66 8.56 4.39
CA GLU A 105 4.91 8.00 4.86
C GLU A 105 4.95 6.49 4.68
N ILE A 106 4.07 5.78 5.39
CA ILE A 106 4.02 4.33 5.32
C ILE A 106 2.64 3.77 5.64
N PHE A 107 2.53 2.45 5.54
CA PHE A 107 1.28 1.74 5.81
C PHE A 107 1.41 0.91 7.10
N ARG A 108 1.30 1.58 8.25
CA ARG A 108 1.43 0.90 9.53
C ARG A 108 0.06 0.60 10.14
N GLY A 109 -0.19 -0.68 10.41
CA GLY A 109 -1.45 -1.15 10.96
C GLY A 109 -2.17 -0.16 11.85
N ASN A 110 -3.14 0.55 11.27
CA ASN A 110 -3.95 1.53 11.99
C ASN A 110 -5.21 1.88 11.20
N ASP A 111 -5.66 0.96 10.36
CA ASP A 111 -6.86 1.18 9.55
C ASP A 111 -8.07 0.44 10.12
N ALA A 112 -9.24 0.88 9.69
CA ALA A 112 -10.49 0.27 10.13
C ALA A 112 -11.43 0.06 8.96
N GLU A 113 -12.49 -0.72 9.20
CA GLU A 113 -13.47 -0.99 8.16
C GLU A 113 -12.81 -1.52 6.90
N CYS A 114 -12.14 -2.67 7.00
CA CYS A 114 -11.45 -3.23 5.83
C CYS A 114 -11.95 -4.63 5.45
N ARG A 115 -11.96 -4.87 4.15
CA ARG A 115 -12.36 -6.14 3.58
C ARG A 115 -11.45 -6.49 2.40
N PRO A 116 -11.42 -7.78 1.98
CA PRO A 116 -10.58 -8.21 0.87
C PRO A 116 -11.07 -7.69 -0.48
N PHE A 117 -10.19 -7.00 -1.19
CA PHE A 117 -10.53 -6.43 -2.48
C PHE A 117 -9.80 -7.14 -3.63
N THR A 118 -10.49 -7.28 -4.75
CA THR A 118 -9.91 -7.93 -5.92
C THR A 118 -10.05 -7.06 -7.16
N GLY A 119 -8.94 -6.48 -7.59
CA GLY A 119 -8.94 -5.63 -8.77
C GLY A 119 -9.16 -6.40 -10.05
N HIS A 1 -20.61 2.17 2.20
CA HIS A 1 -21.08 1.79 0.84
C HIS A 1 -20.35 2.59 -0.22
N ARG A 2 -19.42 3.43 0.22
CA ARG A 2 -18.66 4.27 -0.72
C ARG A 2 -17.62 3.45 -1.46
N SER A 3 -16.87 4.10 -2.34
CA SER A 3 -15.82 3.44 -3.10
C SER A 3 -14.85 4.44 -3.68
N ALA A 4 -13.78 4.69 -2.95
CA ALA A 4 -12.76 5.64 -3.37
C ALA A 4 -12.13 5.20 -4.69
N ASN A 5 -11.09 5.93 -5.10
CA ASN A 5 -10.38 5.61 -6.34
C ASN A 5 -9.45 4.41 -6.15
N LEU A 6 -9.90 3.44 -5.37
CA LEU A 6 -9.11 2.24 -5.12
C LEU A 6 -8.78 1.54 -6.42
N ARG A 7 -9.60 1.79 -7.41
CA ARG A 7 -9.45 1.19 -8.72
C ARG A 7 -8.17 1.70 -9.38
N ALA A 8 -7.77 2.92 -9.02
CA ALA A 8 -6.54 3.50 -9.53
C ALA A 8 -5.37 2.94 -8.75
N ALA A 9 -5.62 2.70 -7.48
CA ALA A 9 -4.61 2.15 -6.58
C ALA A 9 -4.40 0.69 -6.87
N HIS A 10 -5.49 0.02 -7.17
CA HIS A 10 -5.45 -1.38 -7.47
C HIS A 10 -4.37 -1.64 -8.50
N ALA A 11 -4.20 -0.68 -9.40
CA ALA A 11 -3.19 -0.77 -10.43
C ALA A 11 -1.85 -0.28 -9.92
N ALA A 12 -1.88 0.60 -8.91
CA ALA A 12 -0.65 1.12 -8.32
C ALA A 12 0.02 0.05 -7.46
N LEU A 13 -0.69 -0.40 -6.43
CA LEU A 13 -0.18 -1.44 -5.55
C LEU A 13 0.14 -2.67 -6.38
N LEU A 14 -0.52 -2.76 -7.53
CA LEU A 14 -0.29 -3.83 -8.49
C LEU A 14 1.01 -3.51 -9.21
N GLU A 15 1.07 -2.27 -9.69
CA GLU A 15 2.24 -1.75 -10.38
C GLU A 15 3.46 -1.96 -9.52
N ASN A 16 3.21 -1.99 -8.21
CA ASN A 16 4.25 -2.23 -7.24
C ASN A 16 4.47 -3.72 -7.10
N ALA A 17 3.36 -4.42 -6.89
CA ALA A 17 3.36 -5.87 -6.73
C ALA A 17 4.24 -6.56 -7.77
N ARG A 18 4.25 -6.03 -8.98
CA ARG A 18 5.07 -6.59 -10.04
C ARG A 18 6.53 -6.26 -9.76
N PHE A 19 6.78 -5.00 -9.41
CA PHE A 19 8.12 -4.55 -9.08
C PHE A 19 8.59 -5.31 -7.84
N MET A 20 7.61 -5.79 -7.07
CA MET A 20 7.89 -6.58 -5.87
C MET A 20 8.24 -7.98 -6.32
N GLU A 21 7.38 -8.50 -7.20
CA GLU A 21 7.55 -9.81 -7.78
C GLU A 21 8.87 -9.87 -8.55
N GLN A 22 9.34 -8.69 -8.96
CA GLN A 22 10.58 -8.57 -9.71
C GLN A 22 11.78 -8.52 -8.78
N PHE A 23 11.78 -7.54 -7.88
CA PHE A 23 12.87 -7.40 -6.92
C PHE A 23 13.17 -8.75 -6.28
N TYR A 24 12.11 -9.49 -5.99
CA TYR A 24 12.22 -10.81 -5.41
C TYR A 24 12.76 -11.76 -6.47
N ALA A 25 12.27 -11.59 -7.68
CA ALA A 25 12.70 -12.40 -8.82
C ALA A 25 14.17 -12.11 -9.12
N LYS A 26 14.65 -11.01 -8.54
CA LYS A 26 16.03 -10.58 -8.72
C LYS A 26 16.86 -10.86 -7.47
N LYS A 27 16.18 -10.93 -6.33
CA LYS A 27 16.84 -11.17 -5.05
C LYS A 27 16.34 -12.44 -4.38
N GLY A 28 15.22 -12.32 -3.66
CA GLY A 28 14.66 -13.45 -2.95
C GLY A 28 13.99 -13.04 -1.66
N SER A 29 14.19 -11.78 -1.28
CA SER A 29 13.61 -11.23 -0.05
C SER A 29 13.61 -9.70 -0.13
N PHE A 30 12.68 -9.07 0.58
CA PHE A 30 12.59 -7.62 0.57
C PHE A 30 13.24 -6.99 1.79
N LYS A 31 12.81 -7.38 2.98
CA LYS A 31 13.40 -6.84 4.21
C LYS A 31 14.61 -7.69 4.61
N LEU A 32 15.66 -7.01 5.04
CA LEU A 32 16.89 -7.67 5.43
C LEU A 32 17.17 -7.59 6.92
N THR A 33 16.73 -6.51 7.56
CA THR A 33 16.98 -6.33 8.98
C THR A 33 15.82 -5.64 9.68
N SER A 34 15.94 -5.50 10.99
CA SER A 34 14.93 -4.82 11.78
C SER A 34 15.16 -3.32 11.76
N THR A 35 14.08 -2.58 11.47
CA THR A 35 14.11 -1.12 11.43
C THR A 35 14.84 -0.61 10.18
N LYS A 36 14.49 -1.21 9.05
CA LYS A 36 15.04 -0.85 7.75
C LYS A 36 13.90 -0.63 6.77
N TRP A 37 14.12 0.16 5.73
CA TRP A 37 13.04 0.47 4.79
C TRP A 37 13.41 0.28 3.32
N PRO A 38 12.91 -0.80 2.67
CA PRO A 38 13.12 -1.00 1.24
C PRO A 38 12.27 0.00 0.46
N GLU A 39 12.88 0.77 -0.44
CA GLU A 39 12.15 1.77 -1.19
C GLU A 39 11.01 1.19 -2.00
N LEU A 40 9.91 1.94 -2.07
CA LEU A 40 8.71 1.55 -2.80
C LEU A 40 8.76 2.06 -4.24
N PRO A 41 8.13 1.33 -5.18
CA PRO A 41 8.09 1.73 -6.59
C PRO A 41 7.00 2.77 -6.88
N VAL A 42 5.74 2.38 -6.74
CA VAL A 42 4.63 3.30 -7.00
C VAL A 42 4.35 4.13 -5.74
N LYS A 43 4.20 5.44 -5.92
CA LYS A 43 3.94 6.33 -4.81
C LYS A 43 2.63 7.07 -5.01
N GLU A 44 1.97 6.80 -6.12
CA GLU A 44 0.70 7.47 -6.42
C GLU A 44 -0.01 6.80 -7.59
N ALA A 45 -1.28 6.50 -7.38
CA ALA A 45 -2.13 5.91 -8.41
C ALA A 45 -2.86 7.02 -9.16
N GLY A 46 -3.87 6.67 -9.92
CA GLY A 46 -4.62 7.66 -10.66
C GLY A 46 -5.49 8.52 -9.77
N GLY A 47 -5.66 8.10 -8.51
CA GLY A 47 -6.46 8.84 -7.57
C GLY A 47 -6.09 8.53 -6.14
N PHE A 48 -5.15 7.62 -5.98
CA PHE A 48 -4.64 7.21 -4.67
C PHE A 48 -3.15 7.48 -4.61
N CYS A 49 -2.59 7.46 -3.41
CA CYS A 49 -1.16 7.66 -3.25
C CYS A 49 -0.57 6.49 -2.50
N ILE A 50 0.59 6.05 -2.94
CA ILE A 50 1.21 4.86 -2.36
C ILE A 50 2.52 5.14 -1.64
N ARG A 51 2.79 4.27 -0.67
CA ARG A 51 4.01 4.33 0.12
C ARG A 51 4.34 2.94 0.64
N MET A 52 5.62 2.69 0.92
CA MET A 52 6.06 1.40 1.43
C MET A 52 5.37 1.06 2.74
N SER A 53 5.26 -0.24 3.02
CA SER A 53 4.62 -0.72 4.25
C SER A 53 5.02 0.12 5.48
N GLY A 54 4.36 -0.15 6.61
CA GLY A 54 4.57 0.58 7.86
C GLY A 54 6.00 0.88 8.29
N GLN A 55 6.21 0.85 9.61
CA GLN A 55 7.51 1.14 10.22
C GLN A 55 8.58 0.15 9.81
N ALA A 56 9.79 0.67 9.60
CA ALA A 56 10.93 -0.14 9.21
C ALA A 56 11.09 -1.37 10.10
N LYS A 57 10.59 -1.26 11.33
CA LYS A 57 10.67 -2.36 12.27
C LYS A 57 9.63 -3.44 11.95
N GLY A 58 8.51 -3.00 11.36
CA GLY A 58 7.44 -3.91 10.99
C GLY A 58 7.26 -3.93 9.49
N ILE A 59 8.31 -4.32 8.78
CA ILE A 59 8.28 -4.35 7.33
C ILE A 59 8.23 -5.73 6.74
N LEU A 60 7.48 -5.79 5.64
CA LEU A 60 7.24 -7.00 4.88
C LEU A 60 8.38 -8.00 4.94
N GLU A 61 8.01 -9.28 4.93
CA GLU A 61 8.98 -10.37 4.97
C GLU A 61 8.31 -11.63 4.44
N GLY A 62 8.76 -12.11 3.30
CA GLY A 62 8.13 -13.25 2.68
C GLY A 62 6.84 -12.82 2.02
N LYS A 63 6.56 -11.53 2.19
CA LYS A 63 5.38 -10.89 1.64
C LYS A 63 5.74 -9.49 1.16
N PHE A 64 5.28 -9.10 0.00
CA PHE A 64 5.54 -7.74 -0.47
C PHE A 64 4.21 -7.03 -0.69
N THR A 65 3.98 -5.94 0.05
CA THR A 65 2.71 -5.21 -0.06
C THR A 65 2.86 -3.71 0.14
N LEU A 66 2.07 -2.95 -0.62
CA LEU A 66 2.06 -1.51 -0.51
C LEU A 66 0.64 -1.03 -0.27
N LYS A 67 0.52 0.12 0.39
CA LYS A 67 -0.79 0.69 0.66
C LYS A 67 -0.96 2.01 -0.07
N ALA A 68 -2.17 2.21 -0.56
CA ALA A 68 -2.51 3.41 -1.28
C ALA A 68 -3.61 4.17 -0.54
N VAL A 69 -3.60 5.49 -0.67
CA VAL A 69 -4.60 6.31 -0.01
C VAL A 69 -5.14 7.37 -0.96
N ALA A 70 -6.46 7.51 -0.97
CA ALA A 70 -7.11 8.48 -1.84
C ALA A 70 -6.49 9.86 -1.71
N LEU A 71 -6.16 10.44 -2.86
CA LEU A 71 -5.60 11.77 -2.91
C LEU A 71 -6.64 12.74 -2.39
N ASP A 72 -7.89 12.45 -2.74
CA ASP A 72 -9.04 13.22 -2.29
C ASP A 72 -9.68 12.53 -1.08
N ARG A 73 -8.88 11.75 -0.35
CA ARG A 73 -9.36 11.01 0.81
C ARG A 73 -10.21 11.85 1.75
N GLU A 74 -10.03 13.16 1.72
CA GLU A 74 -10.84 14.04 2.57
C GLU A 74 -12.30 13.72 2.30
N ALA A 75 -12.51 13.20 1.11
CA ALA A 75 -13.81 12.79 0.62
C ALA A 75 -13.92 11.26 0.56
N GLU A 76 -12.76 10.59 0.48
CA GLU A 76 -12.72 9.13 0.39
C GLU A 76 -11.80 8.53 1.47
N PRO A 77 -12.37 8.06 2.60
CA PRO A 77 -11.60 7.48 3.69
C PRO A 77 -11.02 6.11 3.34
N ARG A 78 -11.58 5.50 2.31
CA ARG A 78 -11.16 4.18 1.87
C ARG A 78 -9.68 4.12 1.51
N VAL A 79 -9.07 2.98 1.85
CA VAL A 79 -7.66 2.72 1.60
C VAL A 79 -7.52 1.38 0.87
N LEU A 80 -6.39 1.14 0.22
CA LEU A 80 -6.20 -0.13 -0.48
C LEU A 80 -4.79 -0.66 -0.32
N ARG A 81 -4.63 -1.95 -0.59
CA ARG A 81 -3.34 -2.62 -0.51
C ARG A 81 -3.30 -3.75 -1.52
N LEU A 82 -2.12 -4.02 -2.06
CA LEU A 82 -1.97 -5.12 -3.02
C LEU A 82 -0.57 -5.69 -2.91
N ASN A 83 -0.50 -6.99 -2.66
CA ASN A 83 0.79 -7.65 -2.50
C ASN A 83 1.25 -8.36 -3.77
N GLU A 84 2.43 -8.98 -3.70
CA GLU A 84 3.00 -9.70 -4.86
C GLU A 84 2.10 -10.84 -5.27
N SER A 85 1.28 -11.31 -4.33
CA SER A 85 0.34 -12.40 -4.59
C SER A 85 -0.91 -11.84 -5.24
N LEU A 86 -0.84 -10.56 -5.58
CA LEU A 86 -1.93 -9.87 -6.22
C LEU A 86 -3.21 -9.97 -5.40
N THR A 87 -3.03 -10.04 -4.09
CA THR A 87 -4.15 -10.09 -3.16
C THR A 87 -4.33 -8.71 -2.56
N ALA A 88 -5.45 -8.08 -2.86
CA ALA A 88 -5.70 -6.74 -2.35
C ALA A 88 -6.73 -6.70 -1.25
N VAL A 89 -6.62 -5.67 -0.44
CA VAL A 89 -7.56 -5.43 0.65
C VAL A 89 -7.82 -3.96 0.80
N VAL A 90 -9.08 -3.63 0.84
CA VAL A 90 -9.52 -2.26 0.97
C VAL A 90 -10.03 -1.97 2.37
N CYS A 91 -9.85 -0.73 2.78
CA CYS A 91 -10.31 -0.28 4.06
C CYS A 91 -11.27 0.88 3.86
N GLY A 92 -12.05 1.16 4.87
CA GLY A 92 -13.00 2.24 4.78
C GLY A 92 -12.64 3.33 5.76
N LYS A 93 -11.56 3.08 6.48
CA LYS A 93 -11.06 4.01 7.47
C LYS A 93 -9.56 3.84 7.66
N MET A 94 -8.83 4.94 7.51
CA MET A 94 -7.39 4.92 7.67
C MET A 94 -7.00 5.82 8.83
N LYS A 95 -6.57 5.19 9.93
CA LYS A 95 -6.18 5.91 11.13
C LYS A 95 -4.78 6.50 11.05
N GLY A 96 -3.77 5.65 11.22
CA GLY A 96 -2.39 6.12 11.17
C GLY A 96 -1.79 6.02 9.78
N LYS A 97 -0.63 5.37 9.68
CA LYS A 97 0.03 5.19 8.39
C LYS A 97 0.41 6.54 7.77
N GLY A 98 0.40 6.59 6.44
CA GLY A 98 0.72 7.81 5.73
C GLY A 98 -0.18 8.02 4.54
N SER A 99 -0.45 9.28 4.21
CA SER A 99 -1.33 9.59 3.10
C SER A 99 -0.92 10.88 2.41
N CYS A 100 -1.11 10.92 1.09
CA CYS A 100 -0.78 12.11 0.31
C CYS A 100 -1.62 13.28 0.77
N THR A 101 -1.47 14.43 0.11
CA THR A 101 -2.21 15.64 0.46
C THR A 101 -2.21 15.88 1.96
N ASP A 102 -1.22 15.29 2.64
CA ASP A 102 -1.07 15.42 4.09
C ASP A 102 0.33 15.03 4.53
N GLY A 103 0.90 14.05 3.85
CA GLY A 103 2.25 13.59 4.17
C GLY A 103 2.36 12.08 4.19
N GLU A 104 2.34 11.48 3.00
CA GLU A 104 2.43 10.03 2.87
C GLU A 104 3.85 9.52 3.15
N GLU A 105 3.96 8.52 4.02
CA GLU A 105 5.24 7.94 4.36
C GLU A 105 5.21 6.43 4.28
N ILE A 106 4.37 5.81 5.10
CA ILE A 106 4.28 4.35 5.14
C ILE A 106 2.91 3.87 5.64
N PHE A 107 2.73 2.55 5.67
CA PHE A 107 1.48 1.94 6.10
C PHE A 107 1.60 1.28 7.47
N ARG A 108 1.70 2.08 8.53
CA ARG A 108 1.80 1.57 9.90
C ARG A 108 0.65 2.08 10.76
N GLY A 109 0.14 1.24 11.65
CA GLY A 109 -0.93 1.67 12.53
C GLY A 109 -2.13 0.75 12.51
N ASN A 110 -3.30 1.32 12.29
CA ASN A 110 -4.54 0.55 12.27
C ASN A 110 -5.56 1.14 11.30
N ASP A 111 -6.26 0.26 10.60
CA ASP A 111 -7.29 0.69 9.65
C ASP A 111 -8.61 0.02 10.00
N ALA A 112 -9.71 0.73 9.75
CA ALA A 112 -11.04 0.20 10.03
C ALA A 112 -11.86 0.06 8.77
N GLU A 113 -12.96 -0.67 8.89
CA GLU A 113 -13.86 -0.88 7.78
C GLU A 113 -13.13 -1.48 6.57
N CYS A 114 -12.53 -2.66 6.74
CA CYS A 114 -11.79 -3.26 5.63
C CYS A 114 -12.32 -4.63 5.22
N ARG A 115 -12.23 -4.88 3.92
CA ARG A 115 -12.64 -6.13 3.33
C ARG A 115 -11.67 -6.50 2.21
N PRO A 116 -11.63 -7.77 1.77
CA PRO A 116 -10.74 -8.21 0.70
C PRO A 116 -11.18 -7.69 -0.66
N PHE A 117 -10.28 -7.00 -1.33
CA PHE A 117 -10.57 -6.42 -2.64
C PHE A 117 -9.82 -7.14 -3.75
N THR A 118 -10.48 -7.27 -4.90
CA THR A 118 -9.87 -7.92 -6.06
C THR A 118 -9.99 -7.04 -7.29
N GLY A 119 -8.87 -6.45 -7.69
CA GLY A 119 -8.84 -5.60 -8.86
C GLY A 119 -9.10 -6.35 -10.15
N HIS A 1 -20.83 2.38 -2.62
CA HIS A 1 -20.89 3.61 -1.78
C HIS A 1 -19.52 3.92 -1.18
N ARG A 2 -19.13 5.19 -1.23
CA ARG A 2 -17.84 5.64 -0.69
C ARG A 2 -16.67 5.07 -1.49
N SER A 3 -16.94 4.09 -2.35
CA SER A 3 -15.90 3.47 -3.17
C SER A 3 -15.01 4.53 -3.79
N ALA A 4 -13.88 4.79 -3.14
CA ALA A 4 -12.93 5.77 -3.61
C ALA A 4 -12.24 5.30 -4.89
N ASN A 5 -11.19 6.00 -5.28
CA ASN A 5 -10.45 5.66 -6.49
C ASN A 5 -9.49 4.49 -6.26
N LEU A 6 -9.94 3.49 -5.49
CA LEU A 6 -9.10 2.33 -5.22
C LEU A 6 -8.73 1.64 -6.51
N ARG A 7 -9.55 1.85 -7.51
CA ARG A 7 -9.37 1.24 -8.82
C ARG A 7 -8.04 1.66 -9.43
N ALA A 8 -7.73 2.94 -9.30
CA ALA A 8 -6.47 3.46 -9.81
C ALA A 8 -5.33 2.84 -9.03
N ALA A 9 -5.56 2.71 -7.73
CA ALA A 9 -4.58 2.16 -6.82
C ALA A 9 -4.40 0.69 -7.05
N HIS A 10 -5.50 0.02 -7.33
CA HIS A 10 -5.49 -1.40 -7.59
C HIS A 10 -4.40 -1.69 -8.62
N ALA A 11 -4.22 -0.75 -9.54
CA ALA A 11 -3.19 -0.88 -10.58
C ALA A 11 -1.85 -0.39 -10.07
N ALA A 12 -1.86 0.49 -9.08
CA ALA A 12 -0.63 1.01 -8.51
C ALA A 12 0.02 -0.04 -7.62
N LEU A 13 -0.70 -0.47 -6.59
CA LEU A 13 -0.20 -1.51 -5.70
C LEU A 13 0.11 -2.75 -6.53
N LEU A 14 -0.58 -2.85 -7.66
CA LEU A 14 -0.35 -3.94 -8.60
C LEU A 14 0.96 -3.65 -9.32
N GLU A 15 1.06 -2.41 -9.79
CA GLU A 15 2.24 -1.93 -10.48
C GLU A 15 3.44 -2.16 -9.58
N ASN A 16 3.17 -2.16 -8.28
CA ASN A 16 4.19 -2.40 -7.28
C ASN A 16 4.37 -3.90 -7.12
N ALA A 17 3.24 -4.58 -6.98
CA ALA A 17 3.23 -6.04 -6.82
C ALA A 17 4.10 -6.73 -7.84
N ARG A 18 4.13 -6.20 -9.06
CA ARG A 18 4.95 -6.78 -10.11
C ARG A 18 6.40 -6.42 -9.87
N PHE A 19 6.65 -5.15 -9.58
CA PHE A 19 7.98 -4.67 -9.30
C PHE A 19 8.53 -5.35 -8.04
N MET A 20 7.60 -5.83 -7.21
CA MET A 20 7.96 -6.52 -5.99
C MET A 20 8.15 -7.99 -6.30
N GLU A 21 7.28 -8.50 -7.16
CA GLU A 21 7.40 -9.87 -7.62
C GLU A 21 8.72 -9.99 -8.35
N GLN A 22 9.18 -8.85 -8.84
CA GLN A 22 10.45 -8.75 -9.54
C GLN A 22 11.59 -8.54 -8.56
N PHE A 23 11.41 -7.60 -7.63
CA PHE A 23 12.44 -7.32 -6.63
C PHE A 23 12.88 -8.62 -6.00
N TYR A 24 11.91 -9.53 -5.84
CA TYR A 24 12.18 -10.85 -5.29
C TYR A 24 12.83 -11.70 -6.36
N ALA A 25 12.35 -11.54 -7.60
CA ALA A 25 12.89 -12.26 -8.73
C ALA A 25 14.32 -11.81 -9.02
N LYS A 26 14.70 -10.69 -8.41
CA LYS A 26 16.03 -10.12 -8.57
C LYS A 26 16.88 -10.38 -7.33
N LYS A 27 16.21 -10.37 -6.18
CA LYS A 27 16.86 -10.56 -4.89
C LYS A 27 16.49 -11.90 -4.26
N GLY A 28 15.33 -11.92 -3.60
CA GLY A 28 14.87 -13.12 -2.93
C GLY A 28 14.21 -12.79 -1.60
N SER A 29 14.35 -11.53 -1.20
CA SER A 29 13.77 -11.05 0.06
C SER A 29 13.68 -9.53 0.04
N PHE A 30 12.83 -8.98 0.90
CA PHE A 30 12.66 -7.53 0.97
C PHE A 30 13.46 -6.94 2.12
N LYS A 31 12.89 -6.85 3.32
CA LYS A 31 13.64 -6.31 4.44
C LYS A 31 14.66 -7.32 4.90
N LEU A 32 15.85 -6.83 5.11
CA LEU A 32 16.99 -7.63 5.51
C LEU A 32 17.15 -7.73 7.02
N THR A 33 16.72 -6.69 7.73
CA THR A 33 16.86 -6.63 9.18
C THR A 33 15.72 -5.85 9.81
N SER A 34 15.44 -6.11 11.07
CA SER A 34 14.40 -5.39 11.77
C SER A 34 14.78 -3.92 11.84
N THR A 35 13.86 -3.07 11.38
CA THR A 35 14.04 -1.62 11.35
C THR A 35 14.77 -1.14 10.10
N LYS A 36 14.40 -1.71 8.96
CA LYS A 36 14.98 -1.30 7.67
C LYS A 36 13.85 -0.93 6.70
N TRP A 37 14.14 -0.07 5.74
CA TRP A 37 13.10 0.38 4.80
C TRP A 37 13.46 0.19 3.33
N PRO A 38 13.01 -0.91 2.72
CA PRO A 38 13.21 -1.15 1.29
C PRO A 38 12.35 -0.17 0.48
N GLU A 39 12.97 0.58 -0.44
CA GLU A 39 12.23 1.56 -1.22
C GLU A 39 11.08 0.95 -2.02
N LEU A 40 9.98 1.69 -2.07
CA LEU A 40 8.77 1.28 -2.79
C LEU A 40 8.78 1.79 -4.24
N PRO A 41 8.14 1.06 -5.16
CA PRO A 41 8.07 1.44 -6.57
C PRO A 41 7.03 2.52 -6.87
N VAL A 42 5.74 2.15 -6.79
CA VAL A 42 4.67 3.11 -7.08
C VAL A 42 4.36 3.97 -5.87
N LYS A 43 4.16 5.26 -6.11
CA LYS A 43 3.87 6.21 -5.06
C LYS A 43 2.59 6.96 -5.40
N GLU A 44 1.99 6.59 -6.53
CA GLU A 44 0.76 7.21 -6.99
C GLU A 44 0.11 6.41 -8.11
N ALA A 45 -1.20 6.31 -8.04
CA ALA A 45 -2.00 5.58 -9.02
C ALA A 45 -2.64 6.55 -10.02
N GLY A 46 -3.59 7.32 -9.49
CA GLY A 46 -4.32 8.29 -10.29
C GLY A 46 -5.30 9.03 -9.41
N GLY A 47 -5.79 8.33 -8.40
CA GLY A 47 -6.71 8.88 -7.44
C GLY A 47 -6.26 8.55 -6.04
N PHE A 48 -5.27 7.67 -5.95
CA PHE A 48 -4.68 7.26 -4.68
C PHE A 48 -3.17 7.50 -4.72
N CYS A 49 -2.55 7.51 -3.54
CA CYS A 49 -1.10 7.69 -3.45
C CYS A 49 -0.53 6.52 -2.68
N ILE A 50 0.60 6.01 -3.13
CA ILE A 50 1.18 4.83 -2.54
C ILE A 50 2.50 5.10 -1.79
N ARG A 51 2.74 4.25 -0.81
CA ARG A 51 3.94 4.33 0.02
C ARG A 51 4.29 2.94 0.57
N MET A 52 5.57 2.70 0.84
CA MET A 52 6.01 1.40 1.35
C MET A 52 5.33 1.09 2.68
N SER A 53 5.22 -0.21 2.99
CA SER A 53 4.59 -0.65 4.24
C SER A 53 5.04 0.20 5.44
N GLY A 54 4.43 -0.05 6.59
CA GLY A 54 4.67 0.69 7.84
C GLY A 54 6.11 1.03 8.20
N GLN A 55 6.39 0.96 9.51
CA GLN A 55 7.71 1.27 10.05
C GLN A 55 8.75 0.23 9.70
N ALA A 56 9.97 0.70 9.49
CA ALA A 56 11.09 -0.18 9.16
C ALA A 56 11.13 -1.42 10.04
N LYS A 57 10.63 -1.27 11.28
CA LYS A 57 10.60 -2.37 12.23
C LYS A 57 9.50 -3.36 11.86
N GLY A 58 8.38 -2.83 11.37
CA GLY A 58 7.26 -3.66 10.96
C GLY A 58 7.12 -3.70 9.46
N ILE A 59 8.20 -4.10 8.79
CA ILE A 59 8.20 -4.15 7.35
C ILE A 59 8.19 -5.55 6.79
N LEU A 60 7.46 -5.65 5.69
CA LEU A 60 7.25 -6.87 4.94
C LEU A 60 8.44 -7.83 5.03
N GLU A 61 8.11 -9.11 5.19
CA GLU A 61 9.10 -10.17 5.26
C GLU A 61 8.48 -11.45 4.74
N GLY A 62 8.91 -11.89 3.56
CA GLY A 62 8.33 -13.06 2.95
C GLY A 62 7.01 -12.67 2.31
N LYS A 63 6.69 -11.40 2.44
CA LYS A 63 5.47 -10.81 1.89
C LYS A 63 5.79 -9.44 1.33
N PHE A 64 5.30 -9.11 0.15
CA PHE A 64 5.53 -7.78 -0.40
C PHE A 64 4.19 -7.09 -0.61
N THR A 65 3.96 -5.96 0.06
CA THR A 65 2.69 -5.26 -0.07
C THR A 65 2.83 -3.75 0.12
N LEU A 66 2.05 -3.01 -0.64
CA LEU A 66 2.02 -1.55 -0.55
C LEU A 66 0.61 -1.08 -0.28
N LYS A 67 0.49 0.09 0.33
CA LYS A 67 -0.83 0.63 0.62
C LYS A 67 -1.01 1.98 -0.05
N ALA A 68 -2.18 2.14 -0.65
CA ALA A 68 -2.52 3.36 -1.34
C ALA A 68 -3.60 4.10 -0.59
N VAL A 69 -3.60 5.42 -0.72
CA VAL A 69 -4.58 6.25 -0.04
C VAL A 69 -5.16 7.27 -1.02
N ALA A 70 -6.45 7.51 -0.90
CA ALA A 70 -7.10 8.46 -1.78
C ALA A 70 -6.43 9.82 -1.70
N LEU A 71 -6.33 10.47 -2.85
CA LEU A 71 -5.74 11.79 -2.91
C LEU A 71 -6.73 12.76 -2.30
N ASP A 72 -8.00 12.47 -2.55
CA ASP A 72 -9.11 13.23 -2.00
C ASP A 72 -9.62 12.49 -0.76
N ARG A 73 -8.75 11.71 -0.14
CA ARG A 73 -9.12 10.91 1.02
C ARG A 73 -9.86 11.71 2.08
N GLU A 74 -9.63 13.01 2.14
CA GLU A 74 -10.34 13.84 3.11
C GLU A 74 -11.83 13.58 2.95
N ALA A 75 -12.16 13.18 1.73
CA ALA A 75 -13.51 12.83 1.34
C ALA A 75 -13.66 11.31 1.17
N GLU A 76 -12.52 10.65 0.93
CA GLU A 76 -12.50 9.20 0.72
C GLU A 76 -11.53 8.49 1.69
N PRO A 77 -11.98 8.20 2.93
CA PRO A 77 -11.13 7.52 3.91
C PRO A 77 -10.70 6.13 3.43
N ARG A 78 -11.33 5.66 2.37
CA ARG A 78 -11.03 4.34 1.81
C ARG A 78 -9.55 4.22 1.44
N VAL A 79 -8.99 3.07 1.82
CA VAL A 79 -7.59 2.76 1.55
C VAL A 79 -7.49 1.42 0.84
N LEU A 80 -6.39 1.18 0.12
CA LEU A 80 -6.23 -0.09 -0.58
C LEU A 80 -4.81 -0.64 -0.42
N ARG A 81 -4.68 -1.93 -0.68
CA ARG A 81 -3.38 -2.61 -0.60
C ARG A 81 -3.36 -3.75 -1.60
N LEU A 82 -2.19 -4.04 -2.15
CA LEU A 82 -2.04 -5.13 -3.09
C LEU A 82 -0.65 -5.72 -2.97
N ASN A 83 -0.57 -7.02 -2.74
CA ASN A 83 0.71 -7.68 -2.57
C ASN A 83 1.18 -8.34 -3.87
N GLU A 84 2.38 -8.92 -3.83
CA GLU A 84 2.96 -9.59 -4.98
C GLU A 84 2.08 -10.75 -5.44
N SER A 85 1.25 -11.24 -4.54
CA SER A 85 0.34 -12.35 -4.83
C SER A 85 -0.94 -11.83 -5.44
N LEU A 86 -0.90 -10.54 -5.76
CA LEU A 86 -2.02 -9.86 -6.37
C LEU A 86 -3.29 -9.97 -5.53
N THR A 87 -3.08 -10.04 -4.22
CA THR A 87 -4.19 -10.08 -3.27
C THR A 87 -4.36 -8.71 -2.66
N ALA A 88 -5.49 -8.07 -2.94
CA ALA A 88 -5.72 -6.73 -2.43
C ALA A 88 -6.75 -6.70 -1.32
N VAL A 89 -6.64 -5.66 -0.52
CA VAL A 89 -7.57 -5.43 0.57
C VAL A 89 -7.81 -3.96 0.76
N VAL A 90 -9.07 -3.62 0.81
CA VAL A 90 -9.49 -2.25 0.96
C VAL A 90 -9.98 -1.97 2.37
N CYS A 91 -9.77 -0.74 2.80
CA CYS A 91 -10.20 -0.29 4.11
C CYS A 91 -11.17 0.87 3.94
N GLY A 92 -12.08 0.99 4.89
CA GLY A 92 -13.05 2.07 4.83
C GLY A 92 -12.70 3.16 5.80
N LYS A 93 -11.57 2.97 6.47
CA LYS A 93 -11.10 3.93 7.44
C LYS A 93 -9.59 3.85 7.58
N MET A 94 -8.94 4.99 7.44
CA MET A 94 -7.49 5.06 7.58
C MET A 94 -7.14 5.99 8.72
N LYS A 95 -6.68 5.42 9.82
CA LYS A 95 -6.35 6.19 11.01
C LYS A 95 -4.87 6.62 11.05
N GLY A 96 -3.99 5.64 11.27
CA GLY A 96 -2.56 5.94 11.35
C GLY A 96 -1.87 5.96 10.01
N LYS A 97 -0.89 5.06 9.85
CA LYS A 97 -0.10 4.94 8.62
C LYS A 97 0.13 6.30 7.97
N GLY A 98 -0.10 6.39 6.66
CA GLY A 98 0.10 7.62 5.95
C GLY A 98 -0.99 7.88 4.94
N SER A 99 -1.32 9.14 4.73
CA SER A 99 -2.38 9.50 3.79
C SER A 99 -1.99 10.72 2.96
N CYS A 100 -2.41 10.72 1.70
CA CYS A 100 -2.15 11.85 0.82
C CYS A 100 -2.68 13.12 1.44
N THR A 101 -2.26 14.27 0.91
CA THR A 101 -2.71 15.57 1.43
C THR A 101 -2.82 15.57 2.95
N ASP A 102 -1.96 14.78 3.59
CA ASP A 102 -1.96 14.68 5.05
C ASP A 102 -0.56 14.35 5.57
N GLY A 103 0.19 13.58 4.81
CA GLY A 103 1.54 13.22 5.21
C GLY A 103 1.86 11.76 4.96
N GLU A 104 1.64 11.30 3.74
CA GLU A 104 1.91 9.91 3.37
C GLU A 104 3.39 9.59 3.51
N GLU A 105 3.69 8.34 3.81
CA GLU A 105 5.07 7.89 3.96
C GLU A 105 5.14 6.37 4.02
N ILE A 106 4.32 5.78 4.89
CA ILE A 106 4.27 4.33 5.05
C ILE A 106 2.94 3.85 5.61
N PHE A 107 2.80 2.54 5.74
CA PHE A 107 1.58 1.93 6.26
C PHE A 107 1.76 1.35 7.68
N ARG A 108 1.84 2.22 8.70
CA ARG A 108 1.97 1.76 10.08
C ARG A 108 0.90 2.42 10.95
N GLY A 109 0.08 1.60 11.60
CA GLY A 109 -0.96 2.15 12.46
C GLY A 109 -2.16 1.24 12.58
N ASN A 110 -3.35 1.76 12.26
CA ASN A 110 -4.58 0.98 12.36
C ASN A 110 -5.66 1.47 11.40
N ASP A 111 -6.19 0.54 10.62
CA ASP A 111 -7.26 0.85 9.68
C ASP A 111 -8.55 0.18 10.12
N ALA A 112 -9.68 0.69 9.64
CA ALA A 112 -10.97 0.14 10.00
C ALA A 112 -11.86 -0.06 8.78
N GLU A 113 -12.93 -0.81 8.97
CA GLU A 113 -13.88 -1.05 7.90
C GLU A 113 -13.18 -1.60 6.66
N CYS A 114 -12.52 -2.75 6.77
CA CYS A 114 -11.80 -3.31 5.63
C CYS A 114 -12.30 -4.68 5.20
N ARG A 115 -12.25 -4.90 3.89
CA ARG A 115 -12.66 -6.13 3.27
C ARG A 115 -11.70 -6.46 2.13
N PRO A 116 -11.55 -7.75 1.80
CA PRO A 116 -10.69 -8.19 0.70
C PRO A 116 -11.16 -7.64 -0.63
N PHE A 117 -10.25 -6.98 -1.35
CA PHE A 117 -10.57 -6.39 -2.64
C PHE A 117 -9.87 -7.10 -3.78
N THR A 118 -10.56 -7.23 -4.91
CA THR A 118 -9.99 -7.88 -6.07
C THR A 118 -10.11 -7.01 -7.31
N GLY A 119 -9.00 -6.43 -7.74
CA GLY A 119 -8.98 -5.58 -8.90
C GLY A 119 -9.30 -6.32 -10.18
N HIS A 1 -22.43 7.08 -2.45
CA HIS A 1 -21.27 6.68 -3.30
C HIS A 1 -19.96 7.21 -2.71
N ARG A 2 -19.25 6.36 -1.98
CA ARG A 2 -17.98 6.75 -1.36
C ARG A 2 -16.82 5.99 -1.99
N SER A 3 -17.12 4.85 -2.62
CA SER A 3 -16.09 4.02 -3.25
C SER A 3 -14.97 4.88 -3.82
N ALA A 4 -13.92 5.03 -3.03
CA ALA A 4 -12.79 5.84 -3.41
C ALA A 4 -12.14 5.32 -4.69
N ASN A 5 -11.10 5.99 -5.14
CA ASN A 5 -10.40 5.61 -6.36
C ASN A 5 -9.47 4.42 -6.12
N LEU A 6 -9.94 3.42 -5.36
CA LEU A 6 -9.14 2.24 -5.10
C LEU A 6 -8.78 1.56 -6.39
N ARG A 7 -9.57 1.84 -7.41
CA ARG A 7 -9.38 1.27 -8.72
C ARG A 7 -8.09 1.79 -9.34
N ALA A 8 -7.76 3.03 -9.01
CA ALA A 8 -6.53 3.65 -9.48
C ALA A 8 -5.35 3.03 -8.76
N ALA A 9 -5.58 2.76 -7.48
CA ALA A 9 -4.57 2.17 -6.63
C ALA A 9 -4.41 0.71 -6.95
N HIS A 10 -5.52 0.06 -7.23
CA HIS A 10 -5.51 -1.34 -7.55
C HIS A 10 -4.46 -1.61 -8.61
N ALA A 11 -4.29 -0.63 -9.50
CA ALA A 11 -3.29 -0.73 -10.55
C ALA A 11 -1.93 -0.26 -10.06
N ALA A 12 -1.93 0.63 -9.06
CA ALA A 12 -0.68 1.12 -8.50
C ALA A 12 -0.02 0.05 -7.65
N LEU A 13 -0.72 -0.38 -6.60
CA LEU A 13 -0.21 -1.44 -5.73
C LEU A 13 0.08 -2.67 -6.58
N LEU A 14 -0.62 -2.76 -7.71
CA LEU A 14 -0.41 -3.84 -8.65
C LEU A 14 0.88 -3.54 -9.41
N GLU A 15 0.96 -2.31 -9.87
CA GLU A 15 2.14 -1.84 -10.59
C GLU A 15 3.36 -2.06 -9.72
N ASN A 16 3.12 -2.06 -8.42
CA ASN A 16 4.17 -2.31 -7.44
C ASN A 16 4.34 -3.80 -7.30
N ALA A 17 3.20 -4.48 -7.11
CA ALA A 17 3.17 -5.94 -6.95
C ALA A 17 4.05 -6.64 -7.97
N ARG A 18 4.10 -6.12 -9.19
CA ARG A 18 4.94 -6.72 -10.22
C ARG A 18 6.39 -6.43 -9.90
N PHE A 19 6.66 -5.17 -9.59
CA PHE A 19 8.00 -4.75 -9.21
C PHE A 19 8.40 -5.48 -7.94
N MET A 20 7.39 -5.94 -7.20
CA MET A 20 7.60 -6.69 -5.99
C MET A 20 8.00 -8.09 -6.40
N GLU A 21 7.23 -8.61 -7.35
CA GLU A 21 7.47 -9.90 -7.94
C GLU A 21 8.83 -9.89 -8.64
N GLN A 22 9.28 -8.68 -8.98
CA GLN A 22 10.56 -8.48 -9.65
C GLN A 22 11.69 -8.43 -8.63
N PHE A 23 11.59 -7.48 -7.70
CA PHE A 23 12.59 -7.32 -6.65
C PHE A 23 12.97 -8.68 -6.08
N TYR A 24 11.96 -9.50 -5.81
CA TYR A 24 12.18 -10.85 -5.29
C TYR A 24 12.88 -11.68 -6.35
N ALA A 25 12.38 -11.57 -7.58
CA ALA A 25 12.95 -12.28 -8.71
C ALA A 25 14.39 -11.84 -8.93
N LYS A 26 14.75 -10.70 -8.34
CA LYS A 26 16.08 -10.14 -8.46
C LYS A 26 16.86 -10.35 -7.16
N LYS A 27 16.14 -10.55 -6.07
CA LYS A 27 16.74 -10.73 -4.77
C LYS A 27 16.26 -12.01 -4.08
N GLY A 28 15.13 -11.90 -3.39
CA GLY A 28 14.58 -13.04 -2.67
C GLY A 28 13.88 -12.61 -1.39
N SER A 29 14.12 -11.36 -1.02
CA SER A 29 13.53 -10.78 0.19
C SER A 29 13.61 -9.26 0.13
N PHE A 30 12.69 -8.58 0.82
CA PHE A 30 12.71 -7.13 0.83
C PHE A 30 13.52 -6.58 2.00
N LYS A 31 12.99 -6.67 3.23
CA LYS A 31 13.73 -6.18 4.37
C LYS A 31 14.77 -7.20 4.80
N LEU A 32 15.93 -6.68 5.08
CA LEU A 32 17.08 -7.47 5.46
C LEU A 32 17.25 -7.59 6.98
N THR A 33 16.81 -6.56 7.69
CA THR A 33 16.92 -6.51 9.13
C THR A 33 15.78 -5.73 9.75
N SER A 34 15.48 -6.02 11.01
CA SER A 34 14.42 -5.30 11.70
C SER A 34 14.78 -3.83 11.79
N THR A 35 13.83 -2.99 11.38
CA THR A 35 13.97 -1.54 11.37
C THR A 35 14.69 -1.03 10.12
N LYS A 36 14.36 -1.63 8.98
CA LYS A 36 14.92 -1.21 7.69
C LYS A 36 13.78 -0.91 6.72
N TRP A 37 14.04 -0.03 5.74
CA TRP A 37 13.00 0.36 4.80
C TRP A 37 13.36 0.13 3.34
N PRO A 38 12.92 -0.98 2.74
CA PRO A 38 13.13 -1.26 1.32
C PRO A 38 12.33 -0.28 0.45
N GLU A 39 13.01 0.38 -0.48
CA GLU A 39 12.37 1.37 -1.33
C GLU A 39 11.22 0.79 -2.17
N LEU A 40 10.07 1.45 -2.14
CA LEU A 40 8.89 1.02 -2.89
C LEU A 40 8.84 1.67 -4.27
N PRO A 41 8.24 0.98 -5.26
CA PRO A 41 8.12 1.48 -6.64
C PRO A 41 7.05 2.54 -6.83
N VAL A 42 5.79 2.14 -6.88
CA VAL A 42 4.69 3.10 -7.08
C VAL A 42 4.45 3.92 -5.82
N LYS A 43 4.27 5.22 -6.00
CA LYS A 43 4.05 6.11 -4.87
C LYS A 43 2.76 6.90 -5.04
N GLU A 44 2.07 6.67 -6.17
CA GLU A 44 0.83 7.38 -6.45
C GLU A 44 0.07 6.75 -7.62
N ALA A 45 -1.20 6.48 -7.39
CA ALA A 45 -2.07 5.93 -8.41
C ALA A 45 -2.79 7.07 -9.14
N GLY A 46 -3.80 6.73 -9.92
CA GLY A 46 -4.55 7.74 -10.64
C GLY A 46 -5.48 8.54 -9.75
N GLY A 47 -5.67 8.06 -8.51
CA GLY A 47 -6.53 8.74 -7.57
C GLY A 47 -6.15 8.43 -6.14
N PHE A 48 -5.14 7.57 -5.99
CA PHE A 48 -4.63 7.17 -4.69
C PHE A 48 -3.14 7.45 -4.65
N CYS A 49 -2.55 7.42 -3.47
CA CYS A 49 -1.12 7.62 -3.32
C CYS A 49 -0.52 6.44 -2.61
N ILE A 50 0.63 6.01 -3.05
CA ILE A 50 1.27 4.83 -2.50
C ILE A 50 2.58 5.11 -1.80
N ARG A 51 2.89 4.24 -0.86
CA ARG A 51 4.12 4.30 -0.09
C ARG A 51 4.50 2.91 0.36
N MET A 52 5.68 2.78 0.98
CA MET A 52 6.13 1.50 1.45
C MET A 52 5.40 1.11 2.72
N SER A 53 5.31 -0.19 3.00
CA SER A 53 4.64 -0.68 4.20
C SER A 53 5.00 0.17 5.44
N GLY A 54 4.39 -0.18 6.58
CA GLY A 54 4.59 0.57 7.84
C GLY A 54 6.02 0.92 8.24
N GLN A 55 6.26 0.88 9.55
CA GLN A 55 7.57 1.20 10.13
C GLN A 55 8.62 0.16 9.78
N ALA A 56 9.84 0.65 9.53
CA ALA A 56 10.96 -0.21 9.20
C ALA A 56 11.03 -1.43 10.11
N LYS A 57 10.53 -1.28 11.33
CA LYS A 57 10.54 -2.37 12.30
C LYS A 57 9.47 -3.41 11.97
N GLY A 58 8.35 -2.93 11.44
CA GLY A 58 7.25 -3.80 11.07
C GLY A 58 7.09 -3.84 9.57
N ILE A 59 8.16 -4.24 8.89
CA ILE A 59 8.14 -4.29 7.44
C ILE A 59 8.11 -5.68 6.87
N LEU A 60 7.38 -5.75 5.78
CA LEU A 60 7.15 -6.97 5.03
C LEU A 60 8.36 -7.89 5.02
N GLU A 61 8.08 -9.18 5.06
CA GLU A 61 9.13 -10.20 5.03
C GLU A 61 8.55 -11.48 4.43
N GLY A 62 9.08 -11.87 3.28
CA GLY A 62 8.54 -13.02 2.59
C GLY A 62 7.22 -12.65 1.95
N LYS A 63 6.87 -11.38 2.12
CA LYS A 63 5.65 -10.80 1.58
C LYS A 63 5.94 -9.39 1.10
N PHE A 64 5.42 -9.01 -0.06
CA PHE A 64 5.63 -7.64 -0.54
C PHE A 64 4.27 -6.96 -0.72
N THR A 65 4.04 -5.87 0.01
CA THR A 65 2.75 -5.18 -0.09
C THR A 65 2.87 -3.67 0.07
N LEU A 66 2.06 -2.94 -0.69
CA LEU A 66 2.02 -1.49 -0.63
C LEU A 66 0.60 -1.02 -0.36
N LYS A 67 0.44 -0.01 0.47
CA LYS A 67 -0.89 0.51 0.77
C LYS A 67 -1.06 1.91 0.20
N ALA A 68 -2.07 2.03 -0.63
CA ALA A 68 -2.41 3.28 -1.27
C ALA A 68 -3.48 4.03 -0.50
N VAL A 69 -3.47 5.35 -0.63
CA VAL A 69 -4.44 6.20 0.05
C VAL A 69 -4.99 7.24 -0.90
N ALA A 70 -6.30 7.38 -0.91
CA ALA A 70 -6.96 8.33 -1.78
C ALA A 70 -6.34 9.71 -1.71
N LEU A 71 -6.24 10.36 -2.86
CA LEU A 71 -5.70 11.69 -2.95
C LEU A 71 -6.76 12.64 -2.42
N ASP A 72 -8.01 12.27 -2.69
CA ASP A 72 -9.16 13.00 -2.19
C ASP A 72 -9.66 12.29 -0.94
N ARG A 73 -8.76 11.57 -0.28
CA ARG A 73 -9.07 10.80 0.92
C ARG A 73 -9.81 11.63 1.96
N GLU A 74 -9.55 12.93 2.02
CA GLU A 74 -10.25 13.77 2.97
C GLU A 74 -11.74 13.55 2.81
N ALA A 75 -12.07 13.15 1.59
CA ALA A 75 -13.44 12.84 1.20
C ALA A 75 -13.63 11.33 1.06
N GLU A 76 -12.52 10.61 0.82
CA GLU A 76 -12.56 9.15 0.65
C GLU A 76 -11.59 8.45 1.60
N PRO A 77 -12.01 8.17 2.85
CA PRO A 77 -11.16 7.50 3.84
C PRO A 77 -10.73 6.12 3.36
N ARG A 78 -11.38 5.61 2.32
CA ARG A 78 -11.08 4.30 1.77
C ARG A 78 -9.60 4.17 1.41
N VAL A 79 -9.05 3.03 1.77
CA VAL A 79 -7.64 2.73 1.52
C VAL A 79 -7.52 1.38 0.82
N LEU A 80 -6.40 1.14 0.14
CA LEU A 80 -6.22 -0.13 -0.55
C LEU A 80 -4.79 -0.64 -0.42
N ARG A 81 -4.62 -1.93 -0.67
CA ARG A 81 -3.31 -2.57 -0.61
C ARG A 81 -3.28 -3.72 -1.61
N LEU A 82 -2.12 -3.99 -2.19
CA LEU A 82 -1.99 -5.09 -3.14
C LEU A 82 -0.58 -5.66 -3.08
N ASN A 83 -0.49 -6.96 -2.85
CA ASN A 83 0.80 -7.62 -2.74
C ASN A 83 1.19 -8.37 -4.01
N GLU A 84 2.34 -9.05 -3.98
CA GLU A 84 2.83 -9.81 -5.12
C GLU A 84 1.86 -10.93 -5.48
N SER A 85 1.05 -11.33 -4.50
CA SER A 85 0.07 -12.38 -4.70
C SER A 85 -1.16 -11.81 -5.37
N LEU A 86 -1.04 -10.54 -5.74
CA LEU A 86 -2.11 -9.83 -6.41
C LEU A 86 -3.39 -9.87 -5.59
N THR A 87 -3.22 -10.04 -4.29
CA THR A 87 -4.33 -10.05 -3.35
C THR A 87 -4.45 -8.70 -2.69
N ALA A 88 -5.53 -7.99 -2.96
CA ALA A 88 -5.72 -6.66 -2.40
C ALA A 88 -6.71 -6.64 -1.26
N VAL A 89 -6.56 -5.63 -0.43
CA VAL A 89 -7.47 -5.41 0.68
C VAL A 89 -7.74 -3.93 0.85
N VAL A 90 -9.02 -3.62 0.90
CA VAL A 90 -9.47 -2.26 1.04
C VAL A 90 -9.99 -1.96 2.44
N CYS A 91 -9.81 -0.72 2.85
CA CYS A 91 -10.27 -0.25 4.13
C CYS A 91 -11.26 0.88 3.93
N GLY A 92 -12.12 1.07 4.91
CA GLY A 92 -13.10 2.12 4.83
C GLY A 92 -12.77 3.23 5.78
N LYS A 93 -11.65 3.03 6.47
CA LYS A 93 -11.17 3.99 7.44
C LYS A 93 -9.67 3.88 7.59
N MET A 94 -8.98 5.01 7.43
CA MET A 94 -7.55 5.04 7.56
C MET A 94 -7.15 5.96 8.69
N LYS A 95 -6.68 5.38 9.79
CA LYS A 95 -6.29 6.14 10.96
C LYS A 95 -4.82 6.56 10.92
N GLY A 96 -3.93 5.58 11.11
CA GLY A 96 -2.50 5.87 11.12
C GLY A 96 -1.90 5.94 9.73
N LYS A 97 -1.05 4.97 9.40
CA LYS A 97 -0.38 4.91 8.09
C LYS A 97 0.01 6.31 7.61
N GLY A 98 0.00 6.50 6.29
CA GLY A 98 0.34 7.77 5.70
C GLY A 98 -0.57 8.10 4.54
N SER A 99 -0.86 9.38 4.32
CA SER A 99 -1.74 9.78 3.25
C SER A 99 -1.19 10.97 2.49
N CYS A 100 -1.39 10.96 1.18
CA CYS A 100 -0.95 12.06 0.32
C CYS A 100 -1.69 13.34 0.72
N THR A 101 -1.44 14.42 0.00
CA THR A 101 -2.07 15.72 0.27
C THR A 101 -1.45 16.38 1.48
N ASP A 102 -1.14 15.58 2.50
CA ASP A 102 -0.53 16.08 3.73
C ASP A 102 0.93 15.64 3.83
N GLY A 103 1.17 14.36 3.58
CA GLY A 103 2.52 13.84 3.65
C GLY A 103 2.57 12.35 3.92
N GLU A 104 2.23 11.55 2.91
CA GLU A 104 2.24 10.09 3.06
C GLU A 104 3.66 9.60 3.33
N GLU A 105 3.77 8.49 4.05
CA GLU A 105 5.09 7.94 4.36
C GLU A 105 5.08 6.42 4.36
N ILE A 106 4.24 5.81 5.20
CA ILE A 106 4.18 4.36 5.29
C ILE A 106 2.82 3.86 5.78
N PHE A 107 2.69 2.53 5.83
CA PHE A 107 1.46 1.86 6.26
C PHE A 107 1.63 1.22 7.65
N ARG A 108 1.67 2.06 8.69
CA ARG A 108 1.77 1.58 10.06
C ARG A 108 0.74 2.25 10.96
N GLY A 109 0.06 1.46 11.78
CA GLY A 109 -0.94 2.01 12.66
C GLY A 109 -2.18 1.14 12.74
N ASN A 110 -3.32 1.68 12.32
CA ASN A 110 -4.56 0.94 12.37
C ASN A 110 -5.58 1.45 11.35
N ASP A 111 -6.24 0.52 10.68
CA ASP A 111 -7.28 0.85 9.71
C ASP A 111 -8.57 0.17 10.11
N ALA A 112 -9.69 0.79 9.77
CA ALA A 112 -10.99 0.24 10.12
C ALA A 112 -11.85 0.01 8.89
N GLU A 113 -12.91 -0.77 9.07
CA GLU A 113 -13.83 -1.04 8.00
C GLU A 113 -13.10 -1.57 6.76
N CYS A 114 -12.42 -2.71 6.90
CA CYS A 114 -11.69 -3.26 5.75
C CYS A 114 -12.15 -4.64 5.35
N ARG A 115 -12.09 -4.86 4.03
CA ARG A 115 -12.45 -6.10 3.42
C ARG A 115 -11.48 -6.42 2.28
N PRO A 116 -11.49 -7.67 1.83
CA PRO A 116 -10.62 -8.12 0.76
C PRO A 116 -11.11 -7.63 -0.60
N PHE A 117 -10.21 -6.96 -1.32
CA PHE A 117 -10.53 -6.40 -2.63
C PHE A 117 -9.78 -7.12 -3.74
N THR A 118 -10.44 -7.28 -4.89
CA THR A 118 -9.82 -7.93 -6.03
C THR A 118 -9.95 -7.06 -7.28
N GLY A 119 -8.85 -6.46 -7.68
CA GLY A 119 -8.84 -5.61 -8.86
C GLY A 119 -9.09 -6.39 -10.14
N HIS A 1 -21.39 4.95 -3.18
CA HIS A 1 -21.60 6.38 -2.85
C HIS A 1 -20.36 6.99 -2.20
N ARG A 2 -19.33 6.17 -2.05
CA ARG A 2 -18.07 6.62 -1.44
C ARG A 2 -16.89 5.92 -2.07
N SER A 3 -17.14 4.75 -2.66
CA SER A 3 -16.09 3.95 -3.30
C SER A 3 -14.99 4.83 -3.85
N ALA A 4 -13.93 4.97 -3.06
CA ALA A 4 -12.79 5.80 -3.44
C ALA A 4 -12.17 5.32 -4.75
N ASN A 5 -11.10 5.99 -5.15
CA ASN A 5 -10.40 5.66 -6.39
C ASN A 5 -9.49 4.45 -6.19
N LEU A 6 -9.97 3.44 -5.45
CA LEU A 6 -9.18 2.24 -5.23
C LEU A 6 -8.84 1.58 -6.54
N ARG A 7 -9.63 1.89 -7.54
CA ARG A 7 -9.46 1.33 -8.87
C ARG A 7 -8.17 1.85 -9.48
N ALA A 8 -7.78 3.05 -9.05
CA ALA A 8 -6.54 3.66 -9.50
C ALA A 8 -5.37 3.04 -8.76
N ALA A 9 -5.61 2.74 -7.49
CA ALA A 9 -4.62 2.16 -6.63
C ALA A 9 -4.43 0.69 -6.93
N HIS A 10 -5.54 0.03 -7.23
CA HIS A 10 -5.52 -1.36 -7.55
C HIS A 10 -4.44 -1.63 -8.59
N ALA A 11 -4.28 -0.66 -9.49
CA ALA A 11 -3.26 -0.75 -10.53
C ALA A 11 -1.92 -0.26 -10.02
N ALA A 12 -1.95 0.63 -9.02
CA ALA A 12 -0.70 1.15 -8.45
C ALA A 12 -0.03 0.08 -7.59
N LEU A 13 -0.74 -0.37 -6.56
CA LEU A 13 -0.22 -1.41 -5.68
C LEU A 13 0.10 -2.64 -6.51
N LEU A 14 -0.59 -2.74 -7.66
CA LEU A 14 -0.35 -3.82 -8.59
C LEU A 14 0.94 -3.50 -9.33
N GLU A 15 1.01 -2.26 -9.80
CA GLU A 15 2.18 -1.75 -10.50
C GLU A 15 3.40 -1.96 -9.62
N ASN A 16 3.14 -1.98 -8.31
CA ASN A 16 4.17 -2.23 -7.33
C ASN A 16 4.37 -3.72 -7.18
N ALA A 17 3.24 -4.41 -6.99
CA ALA A 17 3.22 -5.86 -6.81
C ALA A 17 4.11 -6.56 -7.84
N ARG A 18 4.16 -6.02 -9.05
CA ARG A 18 4.99 -6.59 -10.09
C ARG A 18 6.44 -6.28 -9.79
N PHE A 19 6.69 -5.02 -9.43
CA PHE A 19 8.02 -4.58 -9.06
C PHE A 19 8.45 -5.32 -7.80
N MET A 20 7.45 -5.81 -7.07
CA MET A 20 7.69 -6.58 -5.86
C MET A 20 8.08 -7.98 -6.30
N GLU A 21 7.29 -8.49 -7.22
CA GLU A 21 7.53 -9.78 -7.84
C GLU A 21 8.87 -9.74 -8.56
N GLN A 22 9.29 -8.51 -8.89
CA GLN A 22 10.55 -8.28 -9.58
C GLN A 22 11.72 -8.27 -8.61
N PHE A 23 11.65 -7.39 -7.61
CA PHE A 23 12.71 -7.29 -6.62
C PHE A 23 13.04 -8.67 -6.08
N TYR A 24 12.00 -9.45 -5.79
CA TYR A 24 12.18 -10.81 -5.29
C TYR A 24 12.83 -11.64 -6.39
N ALA A 25 12.41 -11.39 -7.62
CA ALA A 25 12.94 -12.09 -8.77
C ALA A 25 14.40 -11.69 -9.00
N LYS A 26 14.78 -10.58 -8.38
CA LYS A 26 16.14 -10.05 -8.48
C LYS A 26 16.91 -10.32 -7.19
N LYS A 27 16.17 -10.60 -6.12
CA LYS A 27 16.78 -10.85 -4.82
C LYS A 27 16.29 -12.15 -4.20
N GLY A 28 15.13 -12.09 -3.55
CA GLY A 28 14.56 -13.26 -2.91
C GLY A 28 13.92 -12.92 -1.58
N SER A 29 14.15 -11.69 -1.13
CA SER A 29 13.59 -11.21 0.13
C SER A 29 13.60 -9.68 0.17
N PHE A 30 12.65 -9.09 0.90
CA PHE A 30 12.58 -7.64 0.99
C PHE A 30 13.36 -7.11 2.19
N LYS A 31 12.73 -7.03 3.37
CA LYS A 31 13.47 -6.57 4.54
C LYS A 31 14.56 -7.56 4.87
N LEU A 32 15.71 -7.05 5.20
CA LEU A 32 16.85 -7.87 5.53
C LEU A 32 17.06 -7.95 7.04
N THR A 33 16.65 -6.88 7.73
CA THR A 33 16.79 -6.79 9.17
C THR A 33 15.67 -5.95 9.76
N SER A 34 15.42 -6.11 11.05
CA SER A 34 14.39 -5.34 11.71
C SER A 34 14.83 -3.89 11.75
N THR A 35 13.91 -3.01 11.36
CA THR A 35 14.13 -1.57 11.30
C THR A 35 14.84 -1.16 10.02
N LYS A 36 14.45 -1.77 8.90
CA LYS A 36 15.01 -1.43 7.59
C LYS A 36 13.89 -1.03 6.65
N TRP A 37 14.19 -0.21 5.65
CA TRP A 37 13.15 0.27 4.74
C TRP A 37 13.48 0.09 3.26
N PRO A 38 13.01 -1.01 2.65
CA PRO A 38 13.19 -1.23 1.21
C PRO A 38 12.34 -0.22 0.43
N GLU A 39 12.95 0.52 -0.50
CA GLU A 39 12.23 1.53 -1.24
C GLU A 39 11.07 0.96 -2.06
N LEU A 40 9.99 1.74 -2.11
CA LEU A 40 8.78 1.37 -2.83
C LEU A 40 8.80 1.90 -4.27
N PRO A 41 8.14 1.18 -5.21
CA PRO A 41 8.08 1.58 -6.61
C PRO A 41 7.00 2.65 -6.89
N VAL A 42 5.73 2.28 -6.76
CA VAL A 42 4.64 3.22 -7.01
C VAL A 42 4.37 4.05 -5.76
N LYS A 43 4.20 5.35 -5.92
CA LYS A 43 3.95 6.23 -4.81
C LYS A 43 2.66 7.01 -5.00
N GLU A 44 1.99 6.76 -6.12
CA GLU A 44 0.74 7.46 -6.42
C GLU A 44 0.01 6.81 -7.60
N ALA A 45 -1.25 6.51 -7.39
CA ALA A 45 -2.12 5.94 -8.41
C ALA A 45 -2.83 7.07 -9.15
N GLY A 46 -3.82 6.71 -9.95
CA GLY A 46 -4.56 7.72 -10.69
C GLY A 46 -5.47 8.54 -9.78
N GLY A 47 -5.64 8.10 -8.54
CA GLY A 47 -6.48 8.80 -7.60
C GLY A 47 -6.11 8.48 -6.16
N PHE A 48 -5.13 7.60 -6.01
CA PHE A 48 -4.62 7.20 -4.71
C PHE A 48 -3.13 7.48 -4.64
N CYS A 49 -2.57 7.44 -3.44
CA CYS A 49 -1.15 7.66 -3.26
C CYS A 49 -0.56 6.46 -2.53
N ILE A 50 0.61 6.03 -2.96
CA ILE A 50 1.22 4.85 -2.40
C ILE A 50 2.54 5.11 -1.68
N ARG A 51 2.83 4.25 -0.72
CA ARG A 51 4.06 4.31 0.07
C ARG A 51 4.39 2.92 0.59
N MET A 52 5.67 2.66 0.84
CA MET A 52 6.09 1.36 1.35
C MET A 52 5.42 1.06 2.68
N SER A 53 5.28 -0.23 2.99
CA SER A 53 4.64 -0.65 4.24
C SER A 53 5.11 0.21 5.43
N GLY A 54 4.49 -0.01 6.60
CA GLY A 54 4.77 0.77 7.81
C GLY A 54 6.23 1.11 8.13
N GLN A 55 6.52 1.13 9.44
CA GLN A 55 7.86 1.46 9.94
C GLN A 55 8.85 0.36 9.64
N ALA A 56 10.10 0.77 9.41
CA ALA A 56 11.18 -0.16 9.12
C ALA A 56 11.20 -1.33 10.10
N LYS A 57 10.73 -1.08 11.31
CA LYS A 57 10.68 -2.10 12.36
C LYS A 57 9.61 -3.15 12.05
N GLY A 58 8.55 -2.71 11.38
CA GLY A 58 7.46 -3.59 11.01
C GLY A 58 7.27 -3.64 9.51
N ILE A 59 8.30 -4.10 8.82
CA ILE A 59 8.25 -4.15 7.37
C ILE A 59 8.20 -5.56 6.81
N LEU A 60 7.44 -5.65 5.73
CA LEU A 60 7.20 -6.87 5.00
C LEU A 60 8.36 -7.86 5.07
N GLU A 61 7.99 -9.13 5.13
CA GLU A 61 8.97 -10.23 5.19
C GLU A 61 8.34 -11.49 4.64
N GLY A 62 8.80 -11.91 3.46
CA GLY A 62 8.23 -13.07 2.82
C GLY A 62 6.96 -12.66 2.11
N LYS A 63 6.59 -11.39 2.32
CA LYS A 63 5.42 -10.79 1.72
C LYS A 63 5.77 -9.39 1.23
N PHE A 64 5.30 -9.02 0.05
CA PHE A 64 5.55 -7.68 -0.46
C PHE A 64 4.21 -6.98 -0.67
N THR A 65 3.98 -5.87 0.04
CA THR A 65 2.70 -5.16 -0.09
C THR A 65 2.83 -3.66 0.11
N LEU A 66 2.03 -2.92 -0.66
CA LEU A 66 1.99 -1.47 -0.56
C LEU A 66 0.56 -1.01 -0.31
N LYS A 67 0.40 0.02 0.50
CA LYS A 67 -0.93 0.54 0.78
C LYS A 67 -1.11 1.93 0.21
N ALA A 68 -2.13 2.04 -0.63
CA ALA A 68 -2.46 3.29 -1.29
C ALA A 68 -3.52 4.04 -0.51
N VAL A 69 -3.53 5.35 -0.66
CA VAL A 69 -4.49 6.21 0.02
C VAL A 69 -5.03 7.26 -0.93
N ALA A 70 -6.34 7.41 -0.94
CA ALA A 70 -6.99 8.36 -1.82
C ALA A 70 -6.37 9.74 -1.73
N LEU A 71 -6.27 10.40 -2.87
CA LEU A 71 -5.73 11.73 -2.94
C LEU A 71 -6.80 12.69 -2.43
N ASP A 72 -8.04 12.33 -2.74
CA ASP A 72 -9.20 13.07 -2.26
C ASP A 72 -9.73 12.37 -1.03
N ARG A 73 -8.85 11.64 -0.35
CA ARG A 73 -9.20 10.88 0.84
C ARG A 73 -9.98 11.69 1.85
N GLU A 74 -9.76 13.01 1.88
CA GLU A 74 -10.50 13.86 2.80
C GLU A 74 -11.99 13.58 2.61
N ALA A 75 -12.29 13.15 1.40
CA ALA A 75 -13.62 12.78 0.99
C ALA A 75 -13.77 11.26 0.91
N GLU A 76 -12.66 10.58 0.63
CA GLU A 76 -12.65 9.12 0.50
C GLU A 76 -11.68 8.47 1.50
N PRO A 77 -12.12 8.20 2.73
CA PRO A 77 -11.28 7.56 3.76
C PRO A 77 -10.81 6.18 3.34
N ARG A 78 -11.46 5.63 2.31
CA ARG A 78 -11.11 4.31 1.80
C ARG A 78 -9.63 4.20 1.46
N VAL A 79 -9.08 3.04 1.76
CA VAL A 79 -7.67 2.75 1.51
C VAL A 79 -7.55 1.39 0.82
N LEU A 80 -6.44 1.15 0.11
CA LEU A 80 -6.26 -0.14 -0.56
C LEU A 80 -4.85 -0.66 -0.41
N ARG A 81 -4.69 -1.96 -0.66
CA ARG A 81 -3.40 -2.63 -0.58
C ARG A 81 -3.36 -3.76 -1.58
N LEU A 82 -2.19 -4.03 -2.13
CA LEU A 82 -2.03 -5.12 -3.08
C LEU A 82 -0.63 -5.69 -2.97
N ASN A 83 -0.53 -6.99 -2.76
CA ASN A 83 0.76 -7.64 -2.60
C ASN A 83 1.18 -8.39 -3.86
N GLU A 84 2.34 -9.06 -3.78
CA GLU A 84 2.88 -9.82 -4.92
C GLU A 84 1.92 -10.93 -5.36
N SER A 85 1.08 -11.38 -4.43
CA SER A 85 0.11 -12.43 -4.72
C SER A 85 -1.10 -11.83 -5.40
N LEU A 86 -0.98 -10.56 -5.70
CA LEU A 86 -2.04 -9.82 -6.37
C LEU A 86 -3.34 -9.87 -5.57
N THR A 87 -3.18 -10.08 -4.26
CA THR A 87 -4.32 -10.11 -3.35
C THR A 87 -4.46 -8.74 -2.69
N ALA A 88 -5.55 -8.06 -2.99
CA ALA A 88 -5.76 -6.74 -2.43
C ALA A 88 -6.78 -6.72 -1.32
N VAL A 89 -6.66 -5.70 -0.49
CA VAL A 89 -7.59 -5.47 0.61
C VAL A 89 -7.82 -3.99 0.78
N VAL A 90 -9.10 -3.65 0.85
CA VAL A 90 -9.52 -2.28 0.98
C VAL A 90 -10.01 -1.98 2.39
N CYS A 91 -9.88 -0.73 2.78
CA CYS A 91 -10.31 -0.27 4.09
C CYS A 91 -11.28 0.87 3.92
N GLY A 92 -12.13 1.05 4.91
CA GLY A 92 -13.11 2.10 4.87
C GLY A 92 -12.75 3.19 5.84
N LYS A 93 -11.62 2.99 6.50
CA LYS A 93 -11.12 3.93 7.47
C LYS A 93 -9.61 3.85 7.59
N MET A 94 -8.95 4.98 7.37
CA MET A 94 -7.51 5.05 7.47
C MET A 94 -7.13 5.92 8.65
N LYS A 95 -6.62 5.29 9.70
CA LYS A 95 -6.24 6.01 10.91
C LYS A 95 -4.75 6.35 10.94
N GLY A 96 -3.92 5.32 11.06
CA GLY A 96 -2.48 5.53 11.12
C GLY A 96 -1.85 5.75 9.76
N LYS A 97 -0.85 4.92 9.45
CA LYS A 97 -0.11 4.98 8.18
C LYS A 97 0.05 6.43 7.70
N GLY A 98 0.05 6.62 6.38
CA GLY A 98 0.20 7.95 5.83
C GLY A 98 -0.71 8.20 4.64
N SER A 99 -1.13 9.45 4.47
CA SER A 99 -2.00 9.82 3.38
C SER A 99 -1.43 10.98 2.60
N CYS A 100 -1.58 10.94 1.28
CA CYS A 100 -1.10 12.02 0.43
C CYS A 100 -1.79 13.32 0.84
N THR A 101 -1.50 14.40 0.12
CA THR A 101 -2.08 15.71 0.41
C THR A 101 -1.44 16.32 1.65
N ASP A 102 -0.84 15.47 2.48
CA ASP A 102 -0.18 15.91 3.70
C ASP A 102 1.29 15.53 3.68
N GLY A 103 1.57 14.23 3.53
CA GLY A 103 2.94 13.76 3.50
C GLY A 103 3.06 12.27 3.71
N GLU A 104 2.59 11.48 2.74
CA GLU A 104 2.66 10.03 2.83
C GLU A 104 4.09 9.55 3.00
N GLU A 105 4.25 8.44 3.71
CA GLU A 105 5.57 7.88 3.94
C GLU A 105 5.52 6.36 4.00
N ILE A 106 4.65 5.83 4.86
CA ILE A 106 4.53 4.38 5.02
C ILE A 106 3.17 3.97 5.58
N PHE A 107 2.98 2.66 5.70
CA PHE A 107 1.73 2.09 6.20
C PHE A 107 1.89 1.51 7.62
N ARG A 108 2.03 2.38 8.62
CA ARG A 108 2.15 1.91 10.01
C ARG A 108 1.05 2.52 10.87
N GLY A 109 0.27 1.66 11.52
CA GLY A 109 -0.81 2.14 12.37
C GLY A 109 -1.96 1.17 12.46
N ASN A 110 -3.14 1.59 12.01
CA ASN A 110 -4.32 0.74 12.04
C ASN A 110 -5.45 1.31 11.18
N ASP A 111 -6.11 0.42 10.45
CA ASP A 111 -7.23 0.80 9.60
C ASP A 111 -8.51 0.12 10.08
N ALA A 112 -9.64 0.69 9.69
CA ALA A 112 -10.93 0.14 10.07
C ALA A 112 -11.81 -0.08 8.87
N GLU A 113 -12.88 -0.85 9.07
CA GLU A 113 -13.82 -1.12 8.00
C GLU A 113 -13.10 -1.63 6.76
N CYS A 114 -12.43 -2.78 6.86
CA CYS A 114 -11.70 -3.32 5.72
C CYS A 114 -12.17 -4.71 5.32
N ARG A 115 -12.10 -4.94 4.01
CA ARG A 115 -12.47 -6.20 3.41
C ARG A 115 -11.52 -6.53 2.26
N PRO A 116 -11.44 -7.80 1.83
CA PRO A 116 -10.55 -8.20 0.75
C PRO A 116 -11.04 -7.71 -0.61
N PHE A 117 -10.19 -6.97 -1.31
CA PHE A 117 -10.54 -6.42 -2.60
C PHE A 117 -9.80 -7.13 -3.73
N THR A 118 -10.48 -7.30 -4.86
CA THR A 118 -9.88 -7.95 -6.01
C THR A 118 -10.03 -7.09 -7.27
N GLY A 119 -8.93 -6.49 -7.69
CA GLY A 119 -8.94 -5.65 -8.87
C GLY A 119 -9.31 -6.41 -10.13
N HIS A 1 -22.59 6.67 -1.31
CA HIS A 1 -21.66 5.86 -2.15
C HIS A 1 -20.22 6.33 -2.00
N ARG A 2 -19.41 5.49 -1.35
CA ARG A 2 -18.01 5.82 -1.14
C ARG A 2 -17.13 5.25 -2.25
N SER A 3 -16.68 4.02 -2.08
CA SER A 3 -15.81 3.36 -3.06
C SER A 3 -14.83 4.35 -3.66
N ALA A 4 -13.80 4.68 -2.91
CA ALA A 4 -12.78 5.61 -3.35
C ALA A 4 -12.13 5.15 -4.66
N ASN A 5 -11.11 5.86 -5.08
CA ASN A 5 -10.40 5.53 -6.32
C ASN A 5 -9.46 4.35 -6.11
N LEU A 6 -9.91 3.35 -5.34
CA LEU A 6 -9.10 2.16 -5.10
C LEU A 6 -8.77 1.47 -6.40
N ARG A 7 -9.56 1.77 -7.40
CA ARG A 7 -9.39 1.20 -8.72
C ARG A 7 -8.10 1.70 -9.35
N ALA A 8 -7.74 2.93 -8.99
CA ALA A 8 -6.51 3.54 -9.48
C ALA A 8 -5.34 2.95 -8.72
N ALA A 9 -5.58 2.70 -7.44
CA ALA A 9 -4.58 2.15 -6.56
C ALA A 9 -4.38 0.68 -6.85
N HIS A 10 -5.48 0.01 -7.12
CA HIS A 10 -5.46 -1.38 -7.44
C HIS A 10 -4.39 -1.65 -8.48
N ALA A 11 -4.23 -0.68 -9.38
CA ALA A 11 -3.22 -0.77 -10.42
C ALA A 11 -1.87 -0.29 -9.93
N ALA A 12 -1.88 0.59 -8.93
CA ALA A 12 -0.64 1.10 -8.35
C ALA A 12 0.02 0.03 -7.49
N LEU A 13 -0.68 -0.41 -6.44
CA LEU A 13 -0.17 -1.45 -5.56
C LEU A 13 0.13 -2.68 -6.41
N LEU A 14 -0.54 -2.77 -7.54
CA LEU A 14 -0.32 -3.85 -8.49
C LEU A 14 0.97 -3.53 -9.24
N GLU A 15 1.03 -2.30 -9.73
CA GLU A 15 2.19 -1.79 -10.44
C GLU A 15 3.42 -2.01 -9.57
N ASN A 16 3.18 -2.03 -8.27
CA ASN A 16 4.23 -2.27 -7.31
C ASN A 16 4.42 -3.76 -7.16
N ALA A 17 3.31 -4.46 -6.94
CA ALA A 17 3.31 -5.91 -6.77
C ALA A 17 4.18 -6.60 -7.80
N ARG A 18 4.20 -6.06 -9.02
CA ARG A 18 5.03 -6.64 -10.08
C ARG A 18 6.47 -6.30 -9.81
N PHE A 19 6.72 -5.03 -9.47
CA PHE A 19 8.05 -4.57 -9.13
C PHE A 19 8.51 -5.30 -7.88
N MET A 20 7.53 -5.81 -7.12
CA MET A 20 7.80 -6.58 -5.92
C MET A 20 8.21 -7.98 -6.36
N GLU A 21 7.35 -8.55 -7.18
CA GLU A 21 7.56 -9.86 -7.76
C GLU A 21 8.88 -9.88 -8.51
N GLN A 22 9.34 -8.69 -8.92
CA GLN A 22 10.59 -8.54 -9.64
C GLN A 22 11.77 -8.43 -8.70
N PHE A 23 11.68 -7.50 -7.75
CA PHE A 23 12.75 -7.31 -6.78
C PHE A 23 13.13 -8.66 -6.19
N TYR A 24 12.12 -9.50 -5.98
CA TYR A 24 12.33 -10.84 -5.48
C TYR A 24 12.93 -11.69 -6.58
N ALA A 25 12.43 -11.46 -7.80
CA ALA A 25 12.93 -12.18 -8.97
C ALA A 25 14.38 -11.79 -9.24
N LYS A 26 14.80 -10.70 -8.62
CA LYS A 26 16.16 -10.18 -8.75
C LYS A 26 16.98 -10.48 -7.50
N LYS A 27 16.28 -10.63 -6.37
CA LYS A 27 16.92 -10.89 -5.09
C LYS A 27 16.45 -12.19 -4.46
N GLY A 28 15.35 -12.11 -3.72
CA GLY A 28 14.81 -13.28 -3.04
C GLY A 28 14.18 -12.92 -1.71
N SER A 29 14.35 -11.67 -1.29
CA SER A 29 13.81 -11.17 -0.04
C SER A 29 13.74 -9.64 -0.06
N PHE A 30 12.86 -9.06 0.75
CA PHE A 30 12.72 -7.61 0.79
C PHE A 30 13.49 -7.00 1.97
N LYS A 31 12.89 -6.91 3.15
CA LYS A 31 13.61 -6.35 4.29
C LYS A 31 14.66 -7.32 4.75
N LEU A 32 15.84 -6.78 4.95
CA LEU A 32 17.01 -7.54 5.34
C LEU A 32 17.14 -7.68 6.86
N THR A 33 16.67 -6.67 7.59
CA THR A 33 16.76 -6.65 9.04
C THR A 33 15.60 -5.89 9.65
N SER A 34 15.29 -6.20 10.90
CA SER A 34 14.22 -5.50 11.59
C SER A 34 14.58 -4.04 11.72
N THR A 35 13.64 -3.19 11.33
CA THR A 35 13.79 -1.72 11.37
C THR A 35 14.52 -1.19 10.14
N LYS A 36 14.20 -1.76 8.97
CA LYS A 36 14.78 -1.30 7.70
C LYS A 36 13.66 -0.95 6.74
N TRP A 37 13.93 -0.04 5.80
CA TRP A 37 12.90 0.40 4.86
C TRP A 37 13.28 0.25 3.39
N PRO A 38 12.87 -0.84 2.74
CA PRO A 38 13.11 -1.04 1.31
C PRO A 38 12.26 -0.05 0.52
N GLU A 39 12.88 0.72 -0.37
CA GLU A 39 12.16 1.73 -1.13
C GLU A 39 11.01 1.14 -1.95
N LEU A 40 9.92 1.90 -2.02
CA LEU A 40 8.73 1.50 -2.77
C LEU A 40 8.77 2.01 -4.21
N PRO A 41 8.16 1.26 -5.15
CA PRO A 41 8.11 1.66 -6.56
C PRO A 41 7.05 2.72 -6.85
N VAL A 42 5.77 2.33 -6.79
CA VAL A 42 4.69 3.28 -7.04
C VAL A 42 4.41 4.09 -5.79
N LYS A 43 4.26 5.40 -5.95
CA LYS A 43 4.00 6.28 -4.82
C LYS A 43 2.70 7.03 -5.02
N GLU A 44 2.03 6.77 -6.13
CA GLU A 44 0.78 7.45 -6.44
C GLU A 44 0.04 6.79 -7.61
N ALA A 45 -1.23 6.50 -7.38
CA ALA A 45 -2.09 5.92 -8.40
C ALA A 45 -2.82 7.04 -9.13
N GLY A 46 -3.85 6.69 -9.88
CA GLY A 46 -4.61 7.69 -10.60
C GLY A 46 -5.48 8.53 -9.68
N GLY A 47 -5.71 8.05 -8.47
CA GLY A 47 -6.54 8.77 -7.51
C GLY A 47 -6.15 8.45 -6.08
N PHE A 48 -5.15 7.59 -5.94
CA PHE A 48 -4.63 7.19 -4.64
C PHE A 48 -3.13 7.46 -4.59
N CYS A 49 -2.55 7.43 -3.41
CA CYS A 49 -1.11 7.63 -3.27
C CYS A 49 -0.52 6.46 -2.53
N ILE A 50 0.63 6.00 -2.99
CA ILE A 50 1.24 4.82 -2.42
C ILE A 50 2.55 5.10 -1.69
N ARG A 51 2.83 4.24 -0.72
CA ARG A 51 4.03 4.30 0.08
C ARG A 51 4.37 2.91 0.59
N MET A 52 5.64 2.68 0.90
CA MET A 52 6.09 1.38 1.39
C MET A 52 5.37 1.02 2.69
N SER A 53 5.26 -0.28 2.95
CA SER A 53 4.59 -0.79 4.16
C SER A 53 4.93 0.05 5.41
N GLY A 54 4.28 -0.29 6.52
CA GLY A 54 4.45 0.44 7.79
C GLY A 54 5.87 0.79 8.23
N GLN A 55 6.10 0.69 9.55
CA GLN A 55 7.39 1.01 10.16
C GLN A 55 8.46 0.01 9.78
N ALA A 56 9.67 0.52 9.58
CA ALA A 56 10.82 -0.32 9.22
C ALA A 56 10.88 -1.57 10.08
N LYS A 57 10.36 -1.48 11.30
CA LYS A 57 10.37 -2.60 12.23
C LYS A 57 9.31 -3.64 11.83
N GLY A 58 8.18 -3.14 11.33
CA GLY A 58 7.10 -3.99 10.89
C GLY A 58 6.97 -4.00 9.38
N ILE A 59 8.06 -4.36 8.73
CA ILE A 59 8.09 -4.37 7.27
C ILE A 59 8.11 -5.75 6.67
N LEU A 60 7.41 -5.84 5.54
CA LEU A 60 7.24 -7.05 4.77
C LEU A 60 8.44 -7.99 4.87
N GLU A 61 8.13 -9.27 4.87
CA GLU A 61 9.13 -10.33 4.92
C GLU A 61 8.53 -11.61 4.37
N GLY A 62 9.01 -12.02 3.20
CA GLY A 62 8.45 -13.18 2.56
C GLY A 62 7.15 -12.80 1.90
N LYS A 63 6.80 -11.53 2.07
CA LYS A 63 5.59 -10.94 1.52
C LYS A 63 5.90 -9.53 1.06
N PHE A 64 5.39 -9.13 -0.10
CA PHE A 64 5.61 -7.77 -0.56
C PHE A 64 4.26 -7.07 -0.76
N THR A 65 4.03 -5.98 -0.01
CA THR A 65 2.74 -5.27 -0.11
C THR A 65 2.88 -3.77 0.08
N LEU A 66 2.11 -3.02 -0.70
CA LEU A 66 2.09 -1.56 -0.59
C LEU A 66 0.67 -1.08 -0.33
N LYS A 67 0.56 0.05 0.35
CA LYS A 67 -0.75 0.63 0.64
C LYS A 67 -0.91 1.95 -0.07
N ALA A 68 -2.12 2.17 -0.56
CA ALA A 68 -2.45 3.39 -1.26
C ALA A 68 -3.53 4.16 -0.51
N VAL A 69 -3.52 5.47 -0.65
CA VAL A 69 -4.49 6.32 0.02
C VAL A 69 -5.07 7.36 -0.92
N ALA A 70 -6.38 7.46 -0.93
CA ALA A 70 -7.07 8.40 -1.80
C ALA A 70 -6.49 9.80 -1.70
N LEU A 71 -6.17 10.36 -2.85
CA LEU A 71 -5.63 11.71 -2.93
C LEU A 71 -6.69 12.67 -2.42
N ASP A 72 -7.94 12.34 -2.74
CA ASP A 72 -9.09 13.10 -2.29
C ASP A 72 -9.69 12.44 -1.05
N ARG A 73 -8.85 11.71 -0.31
CA ARG A 73 -9.28 10.99 0.88
C ARG A 73 -10.15 11.83 1.80
N GLU A 74 -9.93 13.14 1.82
CA GLU A 74 -10.75 14.02 2.67
C GLU A 74 -12.21 13.71 2.40
N ALA A 75 -12.44 13.22 1.19
CA ALA A 75 -13.75 12.82 0.72
C ALA A 75 -13.86 11.30 0.64
N GLU A 76 -12.73 10.61 0.50
CA GLU A 76 -12.71 9.16 0.39
C GLU A 76 -11.77 8.51 1.41
N PRO A 77 -12.27 8.18 2.62
CA PRO A 77 -11.45 7.57 3.68
C PRO A 77 -10.94 6.18 3.30
N ARG A 78 -11.54 5.59 2.26
CA ARG A 78 -11.15 4.26 1.80
C ARG A 78 -9.67 4.17 1.44
N VAL A 79 -9.07 3.06 1.83
CA VAL A 79 -7.65 2.78 1.58
C VAL A 79 -7.51 1.43 0.87
N LEU A 80 -6.37 1.16 0.26
CA LEU A 80 -6.18 -0.13 -0.42
C LEU A 80 -4.75 -0.65 -0.27
N ARG A 81 -4.59 -1.94 -0.53
CA ARG A 81 -3.28 -2.60 -0.48
C ARG A 81 -3.26 -3.74 -1.48
N LEU A 82 -2.09 -4.03 -2.03
CA LEU A 82 -1.95 -5.13 -2.97
C LEU A 82 -0.55 -5.72 -2.88
N ASN A 83 -0.49 -7.03 -2.66
CA ASN A 83 0.79 -7.71 -2.51
C ASN A 83 1.20 -8.45 -3.79
N GLU A 84 2.36 -9.11 -3.75
CA GLU A 84 2.88 -9.85 -4.90
C GLU A 84 1.91 -10.96 -5.32
N SER A 85 1.08 -11.39 -4.37
CA SER A 85 0.10 -12.44 -4.63
C SER A 85 -1.12 -11.85 -5.30
N LEU A 86 -0.99 -10.57 -5.62
CA LEU A 86 -2.06 -9.84 -6.27
C LEU A 86 -3.34 -9.89 -5.48
N THR A 87 -3.19 -10.06 -4.17
CA THR A 87 -4.32 -10.08 -3.25
C THR A 87 -4.44 -8.72 -2.58
N ALA A 88 -5.52 -8.01 -2.86
CA ALA A 88 -5.71 -6.69 -2.31
C ALA A 88 -6.70 -6.66 -1.17
N VAL A 89 -6.56 -5.64 -0.35
CA VAL A 89 -7.47 -5.42 0.75
C VAL A 89 -7.75 -3.94 0.91
N VAL A 90 -9.01 -3.62 0.97
CA VAL A 90 -9.46 -2.25 1.08
C VAL A 90 -9.96 -1.94 2.47
N CYS A 91 -9.78 -0.69 2.87
CA CYS A 91 -10.25 -0.21 4.15
C CYS A 91 -11.22 0.92 3.93
N GLY A 92 -12.04 1.18 4.93
CA GLY A 92 -12.99 2.25 4.84
C GLY A 92 -12.66 3.35 5.79
N LYS A 93 -11.55 3.15 6.49
CA LYS A 93 -11.08 4.11 7.46
C LYS A 93 -9.58 3.99 7.63
N MET A 94 -8.87 5.10 7.43
CA MET A 94 -7.44 5.13 7.57
C MET A 94 -7.04 6.07 8.71
N LYS A 95 -6.59 5.49 9.81
CA LYS A 95 -6.21 6.27 10.98
C LYS A 95 -4.77 6.81 10.89
N GLY A 96 -3.80 5.93 11.08
CA GLY A 96 -2.41 6.34 11.03
C GLY A 96 -1.82 6.28 9.64
N LYS A 97 -0.93 5.31 9.41
CA LYS A 97 -0.27 5.13 8.11
C LYS A 97 0.20 6.46 7.53
N GLY A 98 0.11 6.58 6.21
CA GLY A 98 0.51 7.79 5.53
C GLY A 98 -0.46 8.13 4.40
N SER A 99 -0.65 9.41 4.13
CA SER A 99 -1.57 9.81 3.09
C SER A 99 -1.07 11.01 2.31
N CYS A 100 -1.34 11.02 1.00
CA CYS A 100 -0.94 12.13 0.16
C CYS A 100 -1.76 13.34 0.56
N THR A 101 -1.45 14.51 0.00
CA THR A 101 -2.16 15.75 0.35
C THR A 101 -2.32 15.86 1.87
N ASP A 102 -1.46 15.15 2.59
CA ASP A 102 -1.50 15.15 4.05
C ASP A 102 -0.14 14.74 4.64
N GLY A 103 0.63 13.98 3.88
CA GLY A 103 1.95 13.54 4.33
C GLY A 103 2.10 12.03 4.28
N GLU A 104 2.15 11.47 3.07
CA GLU A 104 2.28 10.03 2.90
C GLU A 104 3.70 9.56 3.22
N GLU A 105 3.80 8.47 3.96
CA GLU A 105 5.09 7.91 4.33
C GLU A 105 5.07 6.39 4.26
N ILE A 106 4.21 5.77 5.06
CA ILE A 106 4.11 4.31 5.11
C ILE A 106 2.74 3.86 5.62
N PHE A 107 2.56 2.54 5.67
CA PHE A 107 1.30 1.93 6.12
C PHE A 107 1.45 1.27 7.50
N ARG A 108 1.56 2.10 8.55
CA ARG A 108 1.66 1.59 9.93
C ARG A 108 0.64 2.26 10.83
N GLY A 109 0.05 1.49 11.73
CA GLY A 109 -0.93 2.05 12.64
C GLY A 109 -2.19 1.21 12.73
N ASN A 110 -3.32 1.79 12.35
CA ASN A 110 -4.59 1.07 12.41
C ASN A 110 -5.57 1.58 11.35
N ASP A 111 -6.27 0.63 10.74
CA ASP A 111 -7.27 0.94 9.73
C ASP A 111 -8.59 0.26 10.09
N ALA A 112 -9.69 0.91 9.77
CA ALA A 112 -11.01 0.35 10.08
C ALA A 112 -11.84 0.16 8.84
N GLU A 113 -12.91 -0.59 8.97
CA GLU A 113 -13.81 -0.83 7.86
C GLU A 113 -13.08 -1.42 6.66
N CYS A 114 -12.45 -2.58 6.84
CA CYS A 114 -11.70 -3.17 5.73
C CYS A 114 -12.20 -4.56 5.35
N ARG A 115 -12.14 -4.83 4.05
CA ARG A 115 -12.54 -6.10 3.47
C ARG A 115 -11.58 -6.47 2.34
N PRO A 116 -11.56 -7.75 1.93
CA PRO A 116 -10.68 -8.21 0.86
C PRO A 116 -11.12 -7.70 -0.51
N PHE A 117 -10.20 -7.04 -1.20
CA PHE A 117 -10.49 -6.48 -2.52
C PHE A 117 -9.70 -7.18 -3.61
N THR A 118 -10.32 -7.35 -4.77
CA THR A 118 -9.67 -7.99 -5.90
C THR A 118 -9.77 -7.13 -7.15
N GLY A 119 -8.66 -6.51 -7.53
CA GLY A 119 -8.62 -5.67 -8.72
C GLY A 119 -8.71 -6.47 -10.01
N HIS A 1 -21.67 4.37 -1.23
CA HIS A 1 -21.56 5.81 -1.57
C HIS A 1 -20.10 6.28 -1.48
N ARG A 2 -19.25 5.43 -0.94
CA ARG A 2 -17.84 5.75 -0.78
C ARG A 2 -17.02 5.22 -1.96
N SER A 3 -16.53 4.00 -1.82
CA SER A 3 -15.72 3.36 -2.86
C SER A 3 -14.79 4.36 -3.51
N ALA A 4 -13.72 4.71 -2.81
CA ALA A 4 -12.75 5.66 -3.31
C ALA A 4 -12.14 5.20 -4.63
N ASN A 5 -11.12 5.92 -5.09
CA ASN A 5 -10.45 5.59 -6.34
C ASN A 5 -9.49 4.41 -6.16
N LEU A 6 -9.91 3.41 -5.39
CA LEU A 6 -9.07 2.24 -5.14
C LEU A 6 -8.77 1.53 -6.45
N ARG A 7 -9.62 1.79 -7.42
CA ARG A 7 -9.50 1.16 -8.74
C ARG A 7 -8.22 1.59 -9.42
N ALA A 8 -7.83 2.84 -9.21
CA ALA A 8 -6.60 3.36 -9.78
C ALA A 8 -5.44 2.77 -9.02
N ALA A 9 -5.63 2.66 -7.72
CA ALA A 9 -4.61 2.14 -6.83
C ALA A 9 -4.42 0.66 -7.03
N HIS A 10 -5.52 -0.02 -7.28
CA HIS A 10 -5.50 -1.43 -7.52
C HIS A 10 -4.44 -1.75 -8.55
N ALA A 11 -4.28 -0.83 -9.51
CA ALA A 11 -3.29 -0.96 -10.56
C ALA A 11 -1.93 -0.46 -10.10
N ALA A 12 -1.93 0.43 -9.10
CA ALA A 12 -0.70 0.98 -8.56
C ALA A 12 -0.01 -0.06 -7.68
N LEU A 13 -0.70 -0.48 -6.61
CA LEU A 13 -0.16 -1.49 -5.71
C LEU A 13 0.15 -2.73 -6.53
N LEU A 14 -0.54 -2.86 -7.66
CA LEU A 14 -0.31 -3.94 -8.59
C LEU A 14 0.96 -3.62 -9.35
N GLU A 15 1.01 -2.39 -9.85
CA GLU A 15 2.16 -1.88 -10.57
C GLU A 15 3.41 -2.07 -9.72
N ASN A 16 3.18 -2.07 -8.42
CA ASN A 16 4.24 -2.30 -7.46
C ASN A 16 4.45 -3.79 -7.29
N ALA A 17 3.34 -4.48 -7.06
CA ALA A 17 3.34 -5.93 -6.88
C ALA A 17 4.22 -6.63 -7.91
N ARG A 18 4.23 -6.11 -9.13
CA ARG A 18 5.06 -6.69 -10.18
C ARG A 18 6.51 -6.35 -9.91
N PHE A 19 6.75 -5.10 -9.57
CA PHE A 19 8.08 -4.63 -9.24
C PHE A 19 8.55 -5.34 -7.97
N MET A 20 7.57 -5.81 -7.19
CA MET A 20 7.84 -6.57 -5.99
C MET A 20 8.25 -7.96 -6.42
N GLU A 21 7.43 -8.49 -7.32
CA GLU A 21 7.67 -9.79 -7.91
C GLU A 21 9.00 -9.77 -8.64
N GLN A 22 9.42 -8.56 -9.01
CA GLN A 22 10.67 -8.34 -9.71
C GLN A 22 11.84 -8.34 -8.73
N PHE A 23 11.77 -7.44 -7.74
CA PHE A 23 12.80 -7.32 -6.73
C PHE A 23 13.16 -8.71 -6.19
N TYR A 24 12.12 -9.50 -5.92
CA TYR A 24 12.31 -10.86 -5.42
C TYR A 24 12.94 -11.70 -6.52
N ALA A 25 12.48 -11.48 -7.75
CA ALA A 25 13.00 -12.20 -8.91
C ALA A 25 14.46 -11.82 -9.15
N LYS A 26 14.87 -10.73 -8.52
CA LYS A 26 16.23 -10.23 -8.64
C LYS A 26 17.03 -10.53 -7.37
N LYS A 27 16.32 -10.71 -6.26
CA LYS A 27 16.94 -10.95 -4.97
C LYS A 27 16.48 -12.28 -4.36
N GLY A 28 15.35 -12.23 -3.65
CA GLY A 28 14.82 -13.41 -3.00
C GLY A 28 14.12 -13.07 -1.69
N SER A 29 14.26 -11.81 -1.28
CA SER A 29 13.64 -11.32 -0.05
C SER A 29 13.56 -9.79 -0.10
N PHE A 30 12.69 -9.22 0.72
CA PHE A 30 12.53 -7.76 0.75
C PHE A 30 13.17 -7.13 1.97
N LYS A 31 12.70 -7.52 3.16
CA LYS A 31 13.26 -6.96 4.39
C LYS A 31 14.46 -7.77 4.84
N LEU A 32 15.44 -7.07 5.40
CA LEU A 32 16.67 -7.72 5.85
C LEU A 32 16.88 -7.60 7.35
N THR A 33 16.40 -6.52 7.95
CA THR A 33 16.58 -6.30 9.37
C THR A 33 15.41 -5.55 9.98
N SER A 34 15.40 -5.45 11.30
CA SER A 34 14.35 -4.75 11.99
C SER A 34 14.64 -3.26 11.99
N THR A 35 13.60 -2.49 11.67
CA THR A 35 13.67 -1.03 11.60
C THR A 35 14.41 -0.60 10.35
N LYS A 36 14.12 -1.31 9.25
CA LYS A 36 14.70 -1.04 7.94
C LYS A 36 13.57 -0.67 6.97
N TRP A 37 13.86 0.08 5.92
CA TRP A 37 12.81 0.48 4.99
C TRP A 37 13.18 0.34 3.50
N PRO A 38 12.74 -0.75 2.85
CA PRO A 38 12.96 -0.93 1.41
C PRO A 38 12.12 0.07 0.62
N GLU A 39 12.73 0.84 -0.28
CA GLU A 39 11.99 1.84 -1.04
C GLU A 39 10.88 1.23 -1.90
N LEU A 40 9.79 1.98 -2.01
CA LEU A 40 8.62 1.56 -2.79
C LEU A 40 8.68 2.06 -4.24
N PRO A 41 8.15 1.28 -5.20
CA PRO A 41 8.12 1.66 -6.61
C PRO A 41 7.02 2.66 -6.95
N VAL A 42 5.75 2.23 -6.93
CA VAL A 42 4.64 3.13 -7.25
C VAL A 42 4.34 4.03 -6.07
N LYS A 43 4.14 5.31 -6.35
CA LYS A 43 3.85 6.29 -5.33
C LYS A 43 2.55 7.00 -5.64
N GLU A 44 1.93 6.59 -6.75
CA GLU A 44 0.67 7.19 -7.18
C GLU A 44 0.02 6.36 -8.28
N ALA A 45 -1.30 6.26 -8.19
CA ALA A 45 -2.11 5.52 -9.16
C ALA A 45 -2.79 6.48 -10.13
N GLY A 46 -3.76 7.21 -9.59
CA GLY A 46 -4.53 8.17 -10.36
C GLY A 46 -5.44 8.98 -9.46
N GLY A 47 -5.89 8.31 -8.40
CA GLY A 47 -6.74 8.93 -7.41
C GLY A 47 -6.24 8.61 -6.03
N PHE A 48 -5.26 7.71 -5.98
CA PHE A 48 -4.62 7.30 -4.73
C PHE A 48 -3.11 7.50 -4.84
N CYS A 49 -2.44 7.56 -3.70
CA CYS A 49 -0.98 7.69 -3.68
C CYS A 49 -0.41 6.55 -2.87
N ILE A 50 0.72 6.04 -3.30
CA ILE A 50 1.31 4.88 -2.67
C ILE A 50 2.63 5.14 -1.96
N ARG A 51 2.88 4.31 -0.94
CA ARG A 51 4.10 4.36 -0.13
C ARG A 51 4.40 2.98 0.42
N MET A 52 5.63 2.79 0.89
CA MET A 52 6.07 1.50 1.43
C MET A 52 5.30 1.13 2.69
N SER A 53 5.23 -0.18 2.96
CA SER A 53 4.54 -0.71 4.14
C SER A 53 4.83 0.14 5.39
N GLY A 54 4.17 -0.21 6.50
CA GLY A 54 4.29 0.54 7.75
C GLY A 54 5.69 0.83 8.25
N GLN A 55 5.79 0.92 9.58
CA GLN A 55 7.04 1.21 10.27
C GLN A 55 8.09 0.17 9.96
N ALA A 56 9.31 0.65 9.74
CA ALA A 56 10.45 -0.21 9.43
C ALA A 56 10.61 -1.34 10.43
N LYS A 57 10.08 -1.14 11.64
CA LYS A 57 10.16 -2.15 12.70
C LYS A 57 9.22 -3.32 12.41
N GLY A 58 8.35 -3.12 11.42
CA GLY A 58 7.39 -4.14 11.02
C GLY A 58 7.16 -4.11 9.53
N ILE A 59 8.16 -4.54 8.79
CA ILE A 59 8.09 -4.51 7.34
C ILE A 59 8.04 -5.86 6.68
N LEU A 60 7.26 -5.89 5.61
CA LEU A 60 7.01 -7.08 4.80
C LEU A 60 8.12 -8.11 4.85
N GLU A 61 7.71 -9.38 4.86
CA GLU A 61 8.64 -10.50 4.88
C GLU A 61 7.93 -11.74 4.32
N GLY A 62 8.39 -12.21 3.17
CA GLY A 62 7.74 -13.33 2.53
C GLY A 62 6.49 -12.85 1.85
N LYS A 63 6.23 -11.56 2.03
CA LYS A 63 5.08 -10.87 1.46
C LYS A 63 5.52 -9.49 1.01
N PHE A 64 5.09 -9.04 -0.16
CA PHE A 64 5.46 -7.69 -0.57
C PHE A 64 4.19 -6.90 -0.77
N THR A 65 3.98 -5.86 0.02
CA THR A 65 2.73 -5.11 -0.09
C THR A 65 2.90 -3.61 0.03
N LEU A 66 2.12 -2.91 -0.78
CA LEU A 66 2.09 -1.46 -0.76
C LEU A 66 0.67 -0.98 -0.53
N LYS A 67 0.55 0.14 0.15
CA LYS A 67 -0.76 0.70 0.43
C LYS A 67 -0.93 2.03 -0.26
N ALA A 68 -2.12 2.23 -0.78
CA ALA A 68 -2.46 3.45 -1.47
C ALA A 68 -3.53 4.20 -0.71
N VAL A 69 -3.50 5.52 -0.79
CA VAL A 69 -4.46 6.34 -0.09
C VAL A 69 -5.10 7.35 -1.04
N ALA A 70 -6.39 7.54 -0.88
CA ALA A 70 -7.11 8.48 -1.73
C ALA A 70 -6.54 9.88 -1.63
N LEU A 71 -6.24 10.46 -2.77
CA LEU A 71 -5.73 11.81 -2.84
C LEU A 71 -6.80 12.73 -2.31
N ASP A 72 -8.05 12.36 -2.60
CA ASP A 72 -9.21 13.09 -2.13
C ASP A 72 -9.75 12.42 -0.86
N ARG A 73 -8.86 11.74 -0.14
CA ARG A 73 -9.23 11.03 1.07
C ARG A 73 -10.10 11.86 2.00
N GLU A 74 -9.91 13.18 1.99
CA GLU A 74 -10.72 14.05 2.84
C GLU A 74 -12.18 13.70 2.63
N ALA A 75 -12.44 13.18 1.43
CA ALA A 75 -13.75 12.76 1.01
C ALA A 75 -13.83 11.23 0.93
N GLU A 76 -12.68 10.58 0.77
CA GLU A 76 -12.62 9.13 0.65
C GLU A 76 -11.63 8.49 1.63
N PRO A 77 -12.08 8.17 2.86
CA PRO A 77 -11.21 7.55 3.89
C PRO A 77 -10.71 6.18 3.45
N ARG A 78 -11.33 5.62 2.42
CA ARG A 78 -10.97 4.30 1.92
C ARG A 78 -9.49 4.22 1.53
N VAL A 79 -8.90 3.07 1.82
CA VAL A 79 -7.51 2.79 1.52
C VAL A 79 -7.38 1.44 0.82
N LEU A 80 -6.26 1.19 0.14
CA LEU A 80 -6.09 -0.09 -0.54
C LEU A 80 -4.68 -0.63 -0.40
N ARG A 81 -4.54 -1.93 -0.64
CA ARG A 81 -3.24 -2.59 -0.56
C ARG A 81 -3.21 -3.76 -1.55
N LEU A 82 -2.04 -4.05 -2.10
CA LEU A 82 -1.90 -5.16 -3.04
C LEU A 82 -0.51 -5.76 -2.94
N ASN A 83 -0.44 -7.07 -2.72
CA ASN A 83 0.84 -7.76 -2.59
C ASN A 83 1.27 -8.38 -3.93
N GLU A 84 2.50 -8.91 -3.96
CA GLU A 84 3.03 -9.56 -5.16
C GLU A 84 2.14 -10.73 -5.56
N SER A 85 1.39 -11.24 -4.58
CA SER A 85 0.48 -12.36 -4.81
C SER A 85 -0.83 -11.84 -5.37
N LEU A 86 -0.80 -10.56 -5.72
CA LEU A 86 -1.94 -9.89 -6.29
C LEU A 86 -3.17 -9.99 -5.40
N THR A 87 -2.92 -10.05 -4.10
CA THR A 87 -4.00 -10.10 -3.12
C THR A 87 -4.19 -8.70 -2.54
N ALA A 88 -5.34 -8.11 -2.80
CA ALA A 88 -5.61 -6.76 -2.33
C ALA A 88 -6.62 -6.72 -1.21
N VAL A 89 -6.49 -5.67 -0.40
CA VAL A 89 -7.41 -5.43 0.69
C VAL A 89 -7.65 -3.94 0.85
N VAL A 90 -8.91 -3.61 0.92
CA VAL A 90 -9.35 -2.24 1.06
C VAL A 90 -9.81 -1.94 2.47
N CYS A 91 -9.62 -0.69 2.87
CA CYS A 91 -10.03 -0.23 4.17
C CYS A 91 -11.02 0.90 4.02
N GLY A 92 -11.86 1.07 5.02
CA GLY A 92 -12.85 2.12 4.99
C GLY A 92 -12.48 3.24 5.92
N LYS A 93 -11.37 3.05 6.61
CA LYS A 93 -10.87 4.03 7.56
C LYS A 93 -9.36 3.96 7.65
N MET A 94 -8.71 5.09 7.48
CA MET A 94 -7.26 5.16 7.59
C MET A 94 -6.88 6.13 8.69
N LYS A 95 -6.41 5.58 9.79
CA LYS A 95 -6.03 6.40 10.95
C LYS A 95 -4.53 6.70 10.95
N GLY A 96 -3.75 5.65 11.18
CA GLY A 96 -2.31 5.81 11.21
C GLY A 96 -1.71 5.85 9.82
N LYS A 97 -0.88 4.86 9.51
CA LYS A 97 -0.26 4.78 8.19
C LYS A 97 0.18 6.16 7.71
N GLY A 98 -0.14 6.46 6.46
CA GLY A 98 0.18 7.75 5.88
C GLY A 98 -0.96 8.25 5.02
N SER A 99 -1.15 9.55 4.95
CA SER A 99 -2.23 10.12 4.16
C SER A 99 -1.71 10.99 3.03
N CYS A 100 -2.34 10.86 1.86
CA CYS A 100 -1.96 11.65 0.70
C CYS A 100 -2.39 13.09 0.92
N THR A 101 -1.88 14.00 0.09
CA THR A 101 -2.18 15.42 0.21
C THR A 101 -2.17 15.84 1.68
N ASP A 102 -1.39 15.11 2.47
CA ASP A 102 -1.27 15.37 3.90
C ASP A 102 0.12 14.97 4.41
N GLY A 103 0.70 13.94 3.80
CA GLY A 103 2.03 13.50 4.22
C GLY A 103 2.16 11.99 4.27
N GLU A 104 1.83 11.32 3.17
CA GLU A 104 1.92 9.86 3.10
C GLU A 104 3.36 9.39 3.28
N GLU A 105 3.57 8.47 4.21
CA GLU A 105 4.89 7.94 4.46
C GLU A 105 4.89 6.42 4.35
N ILE A 106 4.04 5.76 5.15
CA ILE A 106 3.97 4.32 5.15
C ILE A 106 2.59 3.77 5.53
N PHE A 107 2.48 2.45 5.47
CA PHE A 107 1.24 1.75 5.81
C PHE A 107 1.41 0.94 7.10
N ARG A 108 1.30 1.60 8.24
CA ARG A 108 1.45 0.91 9.51
C ARG A 108 0.09 0.60 10.13
N GLY A 109 -0.12 -0.71 10.39
CA GLY A 109 -1.37 -1.21 10.94
C GLY A 109 -2.11 -0.28 11.88
N ASN A 110 -3.14 0.39 11.35
CA ASN A 110 -3.97 1.30 12.14
C ASN A 110 -5.24 1.66 11.36
N ASP A 111 -5.66 0.78 10.45
CA ASP A 111 -6.85 1.02 9.64
C ASP A 111 -8.08 0.34 10.22
N ALA A 112 -9.25 0.80 9.78
CA ALA A 112 -10.52 0.26 10.23
C ALA A 112 -11.46 0.02 9.06
N GLU A 113 -12.51 -0.73 9.32
CA GLU A 113 -13.50 -1.02 8.29
C GLU A 113 -12.84 -1.52 7.01
N CYS A 114 -12.16 -2.67 7.08
CA CYS A 114 -11.48 -3.20 5.89
C CYS A 114 -11.98 -4.58 5.48
N ARG A 115 -11.97 -4.80 4.17
CA ARG A 115 -12.38 -6.05 3.58
C ARG A 115 -11.45 -6.41 2.42
N PRO A 116 -11.44 -7.69 2.00
CA PRO A 116 -10.58 -8.14 0.90
C PRO A 116 -11.06 -7.62 -0.45
N PHE A 117 -10.16 -6.97 -1.18
CA PHE A 117 -10.50 -6.40 -2.48
C PHE A 117 -9.81 -7.14 -3.62
N THR A 118 -10.50 -7.28 -4.74
CA THR A 118 -9.94 -7.95 -5.90
C THR A 118 -10.09 -7.08 -7.15
N GLY A 119 -8.97 -6.51 -7.58
CA GLY A 119 -8.97 -5.66 -8.76
C GLY A 119 -9.32 -6.42 -10.02
N HIS A 1 -22.47 5.32 -0.85
CA HIS A 1 -21.27 5.04 -1.67
C HIS A 1 -20.08 5.87 -1.19
N ARG A 2 -18.89 5.29 -1.26
CA ARG A 2 -17.67 5.97 -0.84
C ARG A 2 -16.45 5.38 -1.53
N SER A 3 -16.62 4.97 -2.78
CA SER A 3 -15.51 4.41 -3.53
C SER A 3 -14.47 5.49 -3.76
N ALA A 4 -13.44 5.47 -2.93
CA ALA A 4 -12.37 6.46 -2.99
C ALA A 4 -11.63 6.44 -4.31
N ASN A 5 -11.95 5.44 -5.11
CA ASN A 5 -11.33 5.23 -6.42
C ASN A 5 -10.13 4.32 -6.27
N LEU A 6 -10.28 3.31 -5.43
CA LEU A 6 -9.24 2.32 -5.17
C LEU A 6 -8.75 1.70 -6.45
N ARG A 7 -9.62 1.69 -7.45
CA ARG A 7 -9.34 1.09 -8.74
C ARG A 7 -8.03 1.58 -9.32
N ALA A 8 -7.79 2.88 -9.20
CA ALA A 8 -6.53 3.45 -9.70
C ALA A 8 -5.37 2.82 -8.95
N ALA A 9 -5.58 2.67 -7.65
CA ALA A 9 -4.59 2.10 -6.77
C ALA A 9 -4.42 0.62 -7.01
N HIS A 10 -5.52 -0.05 -7.28
CA HIS A 10 -5.50 -1.47 -7.55
C HIS A 10 -4.44 -1.76 -8.59
N ALA A 11 -4.25 -0.80 -9.49
CA ALA A 11 -3.26 -0.93 -10.55
C ALA A 11 -1.89 -0.48 -10.07
N ALA A 12 -1.88 0.42 -9.08
CA ALA A 12 -0.62 0.92 -8.52
C ALA A 12 0.01 -0.12 -7.62
N LEU A 13 -0.71 -0.53 -6.57
CA LEU A 13 -0.21 -1.55 -5.66
C LEU A 13 0.09 -2.80 -6.49
N LEU A 14 -0.57 -2.89 -7.63
CA LEU A 14 -0.35 -3.98 -8.57
C LEU A 14 0.95 -3.65 -9.31
N GLU A 15 1.02 -2.39 -9.73
CA GLU A 15 2.19 -1.87 -10.42
C GLU A 15 3.41 -2.12 -9.56
N ASN A 16 3.17 -2.15 -8.25
CA ASN A 16 4.21 -2.41 -7.28
C ASN A 16 4.39 -3.91 -7.16
N ALA A 17 3.26 -4.60 -7.01
CA ALA A 17 3.25 -6.06 -6.87
C ALA A 17 4.11 -6.73 -7.93
N ARG A 18 4.14 -6.17 -9.13
CA ARG A 18 4.95 -6.74 -10.20
C ARG A 18 6.40 -6.36 -9.98
N PHE A 19 6.63 -5.10 -9.64
CA PHE A 19 7.97 -4.62 -9.37
C PHE A 19 8.53 -5.31 -8.13
N MET A 20 7.62 -5.82 -7.30
CA MET A 20 8.01 -6.53 -6.10
C MET A 20 8.22 -8.00 -6.46
N GLU A 21 7.32 -8.50 -7.30
CA GLU A 21 7.42 -9.85 -7.81
C GLU A 21 8.74 -9.95 -8.55
N GLN A 22 9.17 -8.80 -9.07
CA GLN A 22 10.41 -8.67 -9.81
C GLN A 22 11.57 -8.40 -8.86
N PHE A 23 11.36 -7.49 -7.91
CA PHE A 23 12.40 -7.18 -6.93
C PHE A 23 12.89 -8.46 -6.31
N TYR A 24 11.96 -9.37 -6.10
CA TYR A 24 12.27 -10.68 -5.54
C TYR A 24 12.94 -11.52 -6.62
N ALA A 25 12.48 -11.33 -7.84
CA ALA A 25 13.04 -12.04 -8.99
C ALA A 25 14.44 -11.53 -9.28
N LYS A 26 14.77 -10.39 -8.69
CA LYS A 26 16.08 -9.76 -8.86
C LYS A 26 16.92 -9.94 -7.60
N LYS A 27 16.25 -10.06 -6.47
CA LYS A 27 16.91 -10.21 -5.18
C LYS A 27 16.61 -11.55 -4.54
N GLY A 28 15.46 -11.63 -3.86
CA GLY A 28 15.07 -12.85 -3.18
C GLY A 28 14.40 -12.56 -1.86
N SER A 29 14.43 -11.30 -1.45
CA SER A 29 13.81 -10.88 -0.20
C SER A 29 13.60 -9.37 -0.19
N PHE A 30 12.95 -8.87 0.85
CA PHE A 30 12.69 -7.44 0.98
C PHE A 30 13.42 -6.86 2.19
N LYS A 31 12.79 -6.88 3.36
CA LYS A 31 13.42 -6.35 4.56
C LYS A 31 14.47 -7.33 5.05
N LEU A 32 15.45 -6.84 5.78
CA LEU A 32 16.53 -7.69 6.27
C LEU A 32 16.77 -7.54 7.77
N THR A 33 16.49 -6.37 8.30
CA THR A 33 16.71 -6.12 9.73
C THR A 33 15.57 -5.35 10.35
N SER A 34 15.44 -5.44 11.67
CA SER A 34 14.39 -4.74 12.37
C SER A 34 14.62 -3.24 12.26
N THR A 35 13.56 -2.54 11.86
CA THR A 35 13.58 -1.09 11.70
C THR A 35 14.34 -0.70 10.43
N LYS A 36 14.00 -1.37 9.33
CA LYS A 36 14.61 -1.08 8.03
C LYS A 36 13.50 -0.78 7.02
N TRP A 37 13.80 0.01 6.00
CA TRP A 37 12.78 0.37 5.03
C TRP A 37 13.20 0.20 3.56
N PRO A 38 12.81 -0.92 2.93
CA PRO A 38 13.09 -1.15 1.50
C PRO A 38 12.25 -0.17 0.66
N GLU A 39 12.90 0.58 -0.23
CA GLU A 39 12.18 1.56 -1.03
C GLU A 39 11.06 0.94 -1.87
N LEU A 40 9.96 1.70 -1.96
CA LEU A 40 8.77 1.28 -2.71
C LEU A 40 8.82 1.79 -4.15
N PRO A 41 8.19 1.06 -5.09
CA PRO A 41 8.13 1.44 -6.50
C PRO A 41 7.10 2.52 -6.82
N VAL A 42 5.81 2.16 -6.77
CA VAL A 42 4.74 3.12 -7.08
C VAL A 42 4.43 4.01 -5.88
N LYS A 43 4.22 5.28 -6.15
CA LYS A 43 3.90 6.25 -5.11
C LYS A 43 2.62 6.97 -5.47
N GLU A 44 2.03 6.57 -6.59
CA GLU A 44 0.79 7.16 -7.06
C GLU A 44 0.13 6.33 -8.16
N ALA A 45 -1.18 6.21 -8.06
CA ALA A 45 -1.98 5.48 -9.02
C ALA A 45 -2.62 6.42 -10.04
N GLY A 46 -3.57 7.19 -9.55
CA GLY A 46 -4.30 8.14 -10.36
C GLY A 46 -5.29 8.90 -9.50
N GLY A 47 -5.78 8.20 -8.49
CA GLY A 47 -6.70 8.76 -7.53
C GLY A 47 -6.25 8.42 -6.12
N PHE A 48 -5.24 7.56 -6.05
CA PHE A 48 -4.65 7.15 -4.79
C PHE A 48 -3.15 7.41 -4.81
N CYS A 49 -2.53 7.43 -3.64
CA CYS A 49 -1.10 7.62 -3.53
C CYS A 49 -0.51 6.45 -2.74
N ILE A 50 0.64 5.97 -3.19
CA ILE A 50 1.22 4.78 -2.59
C ILE A 50 2.52 5.04 -1.84
N ARG A 51 2.77 4.19 -0.85
CA ARG A 51 3.96 4.25 -0.02
C ARG A 51 4.32 2.84 0.47
N MET A 52 5.58 2.64 0.83
CA MET A 52 6.03 1.34 1.32
C MET A 52 5.27 0.94 2.58
N SER A 53 5.19 -0.37 2.82
CA SER A 53 4.49 -0.89 4.01
C SER A 53 4.78 -0.03 5.25
N GLY A 54 4.14 -0.35 6.37
CA GLY A 54 4.26 0.44 7.59
C GLY A 54 5.65 0.76 8.08
N GLN A 55 5.78 0.65 9.39
CA GLN A 55 7.02 0.94 10.09
C GLN A 55 8.13 -0.03 9.79
N ALA A 56 9.32 0.54 9.68
CA ALA A 56 10.52 -0.23 9.39
C ALA A 56 10.64 -1.40 10.35
N LYS A 57 10.07 -1.25 11.53
CA LYS A 57 10.11 -2.31 12.54
C LYS A 57 9.11 -3.41 12.18
N GLY A 58 8.08 -3.04 11.44
CA GLY A 58 7.06 -3.97 11.01
C GLY A 58 6.93 -3.99 9.50
N ILE A 59 7.99 -4.38 8.83
CA ILE A 59 7.99 -4.41 7.37
C ILE A 59 8.02 -5.79 6.77
N LEU A 60 7.30 -5.88 5.66
CA LEU A 60 7.13 -7.09 4.88
C LEU A 60 8.33 -8.02 4.95
N GLU A 61 8.03 -9.31 4.96
CA GLU A 61 9.05 -10.36 5.01
C GLU A 61 8.49 -11.63 4.40
N GLY A 62 9.02 -12.01 3.24
CA GLY A 62 8.49 -13.17 2.55
C GLY A 62 7.15 -12.81 1.94
N LYS A 63 6.79 -11.54 2.13
CA LYS A 63 5.55 -10.97 1.64
C LYS A 63 5.81 -9.55 1.15
N PHE A 64 5.33 -9.19 -0.03
CA PHE A 64 5.53 -7.83 -0.52
C PHE A 64 4.19 -7.14 -0.73
N THR A 65 3.95 -6.04 -0.01
CA THR A 65 2.68 -5.33 -0.14
C THR A 65 2.81 -3.83 0.07
N LEU A 66 2.04 -3.08 -0.71
CA LEU A 66 2.03 -1.63 -0.59
C LEU A 66 0.60 -1.15 -0.37
N LYS A 67 0.48 0.03 0.20
CA LYS A 67 -0.84 0.59 0.44
C LYS A 67 -0.99 1.91 -0.28
N ALA A 68 -2.19 2.14 -0.76
CA ALA A 68 -2.51 3.35 -1.47
C ALA A 68 -3.59 4.11 -0.73
N VAL A 69 -3.55 5.43 -0.84
CA VAL A 69 -4.53 6.27 -0.17
C VAL A 69 -5.11 7.29 -1.14
N ALA A 70 -6.42 7.48 -1.07
CA ALA A 70 -7.08 8.43 -1.94
C ALA A 70 -6.41 9.80 -1.87
N LEU A 71 -6.21 10.40 -3.03
CA LEU A 71 -5.62 11.72 -3.10
C LEU A 71 -6.60 12.69 -2.47
N ASP A 72 -7.87 12.42 -2.71
CA ASP A 72 -8.97 13.20 -2.13
C ASP A 72 -9.49 12.45 -0.91
N ARG A 73 -8.64 11.63 -0.30
CA ARG A 73 -9.02 10.83 0.85
C ARG A 73 -9.67 11.66 1.95
N GLU A 74 -9.36 12.95 2.00
CA GLU A 74 -9.97 13.83 2.99
C GLU A 74 -11.48 13.66 2.89
N ALA A 75 -11.89 13.28 1.69
CA ALA A 75 -13.27 13.02 1.34
C ALA A 75 -13.52 11.51 1.24
N GLU A 76 -12.45 10.75 0.98
CA GLU A 76 -12.56 9.30 0.82
C GLU A 76 -11.53 8.56 1.67
N PRO A 77 -11.85 8.29 2.96
CA PRO A 77 -10.94 7.58 3.88
C PRO A 77 -10.57 6.19 3.38
N ARG A 78 -11.30 5.69 2.38
CA ARG A 78 -11.03 4.37 1.83
C ARG A 78 -9.56 4.22 1.41
N VAL A 79 -8.99 3.09 1.79
CA VAL A 79 -7.60 2.77 1.49
C VAL A 79 -7.51 1.42 0.78
N LEU A 80 -6.39 1.13 0.13
CA LEU A 80 -6.23 -0.15 -0.55
C LEU A 80 -4.80 -0.69 -0.41
N ARG A 81 -4.66 -1.98 -0.66
CA ARG A 81 -3.37 -2.65 -0.60
C ARG A 81 -3.34 -3.78 -1.60
N LEU A 82 -2.18 -4.07 -2.15
CA LEU A 82 -2.04 -5.17 -3.10
C LEU A 82 -0.64 -5.76 -2.99
N ASN A 83 -0.57 -7.05 -2.74
CA ASN A 83 0.73 -7.71 -2.59
C ASN A 83 1.19 -8.39 -3.87
N GLU A 84 2.40 -8.95 -3.85
CA GLU A 84 2.97 -9.63 -5.00
C GLU A 84 2.07 -10.79 -5.44
N SER A 85 1.28 -11.30 -4.50
CA SER A 85 0.37 -12.40 -4.77
C SER A 85 -0.91 -11.88 -5.36
N LEU A 86 -0.88 -10.60 -5.69
CA LEU A 86 -2.01 -9.92 -6.29
C LEU A 86 -3.27 -10.03 -5.43
N THR A 87 -3.05 -10.08 -4.12
CA THR A 87 -4.14 -10.14 -3.15
C THR A 87 -4.33 -8.74 -2.57
N ALA A 88 -5.47 -8.13 -2.84
CA ALA A 88 -5.74 -6.79 -2.35
C ALA A 88 -6.74 -6.75 -1.22
N VAL A 89 -6.62 -5.69 -0.43
CA VAL A 89 -7.52 -5.44 0.68
C VAL A 89 -7.76 -3.96 0.83
N VAL A 90 -9.03 -3.61 0.91
CA VAL A 90 -9.45 -2.24 1.04
C VAL A 90 -9.91 -1.93 2.46
N CYS A 91 -9.71 -0.69 2.86
CA CYS A 91 -10.11 -0.22 4.17
C CYS A 91 -11.09 0.94 4.00
N GLY A 92 -11.92 1.13 5.01
CA GLY A 92 -12.89 2.19 4.96
C GLY A 92 -12.52 3.28 5.93
N LYS A 93 -11.39 3.09 6.59
CA LYS A 93 -10.89 4.04 7.56
C LYS A 93 -9.38 3.94 7.66
N MET A 94 -8.70 5.06 7.44
CA MET A 94 -7.25 5.11 7.53
C MET A 94 -6.86 6.09 8.62
N LYS A 95 -6.38 5.56 9.73
CA LYS A 95 -6.01 6.39 10.88
C LYS A 95 -4.53 6.75 10.88
N GLY A 96 -3.67 5.75 11.06
CA GLY A 96 -2.24 5.99 11.12
C GLY A 96 -1.56 6.00 9.77
N LYS A 97 -0.80 4.93 9.50
CA LYS A 97 -0.04 4.77 8.26
C LYS A 97 0.40 6.11 7.68
N GLY A 98 -0.38 6.61 6.73
CA GLY A 98 -0.08 7.87 6.07
C GLY A 98 -1.06 8.14 4.96
N SER A 99 -1.36 9.41 4.71
CA SER A 99 -2.31 9.77 3.68
C SER A 99 -1.83 10.92 2.82
N CYS A 100 -2.24 10.92 1.56
CA CYS A 100 -1.89 11.99 0.63
C CYS A 100 -2.38 13.32 1.18
N THR A 101 -2.13 14.39 0.43
CA THR A 101 -2.55 15.74 0.82
C THR A 101 -2.41 15.95 2.33
N ASP A 102 -1.44 15.26 2.92
CA ASP A 102 -1.19 15.38 4.36
C ASP A 102 0.26 15.03 4.69
N GLY A 103 0.74 13.92 4.14
CA GLY A 103 2.10 13.50 4.38
C GLY A 103 2.28 12.00 4.36
N GLU A 104 1.95 11.38 3.23
CA GLU A 104 2.06 9.94 3.08
C GLU A 104 3.49 9.47 3.32
N GLU A 105 3.65 8.33 3.98
CA GLU A 105 4.97 7.79 4.27
C GLU A 105 4.97 6.26 4.24
N ILE A 106 4.11 5.64 5.05
CA ILE A 106 4.03 4.18 5.09
C ILE A 106 2.65 3.67 5.47
N PHE A 107 2.52 2.36 5.45
CA PHE A 107 1.26 1.68 5.78
C PHE A 107 1.40 0.87 7.07
N ARG A 108 1.27 1.54 8.21
CA ARG A 108 1.41 0.85 9.49
C ARG A 108 0.03 0.54 10.09
N GLY A 109 -0.19 -0.74 10.33
CA GLY A 109 -1.45 -1.24 10.86
C GLY A 109 -2.18 -0.30 11.81
N ASN A 110 -3.17 0.42 11.28
CA ASN A 110 -3.99 1.33 12.06
C ASN A 110 -5.28 1.68 11.32
N ASP A 111 -5.71 0.80 10.41
CA ASP A 111 -6.90 1.04 9.61
C ASP A 111 -8.12 0.33 10.19
N ALA A 112 -9.30 0.79 9.76
CA ALA A 112 -10.56 0.22 10.20
C ALA A 112 -11.49 0.02 9.02
N GLU A 113 -12.57 -0.73 9.25
CA GLU A 113 -13.54 -0.98 8.22
C GLU A 113 -12.89 -1.51 6.95
N CYS A 114 -12.23 -2.67 7.03
CA CYS A 114 -11.54 -3.21 5.85
C CYS A 114 -12.06 -4.59 5.46
N ARG A 115 -12.03 -4.83 4.15
CA ARG A 115 -12.45 -6.08 3.55
C ARG A 115 -11.52 -6.45 2.40
N PRO A 116 -11.49 -7.72 1.98
CA PRO A 116 -10.64 -8.16 0.88
C PRO A 116 -11.12 -7.65 -0.48
N PHE A 117 -10.23 -6.98 -1.20
CA PHE A 117 -10.55 -6.43 -2.50
C PHE A 117 -9.84 -7.16 -3.62
N THR A 118 -10.52 -7.31 -4.75
CA THR A 118 -9.93 -7.98 -5.91
C THR A 118 -10.05 -7.12 -7.16
N GLY A 119 -8.92 -6.56 -7.59
CA GLY A 119 -8.90 -5.73 -8.78
C GLY A 119 -9.14 -6.51 -10.05
N HIS A 1 -20.69 4.37 -3.13
CA HIS A 1 -20.49 5.83 -3.27
C HIS A 1 -19.20 6.28 -2.61
N ARG A 2 -18.85 5.60 -1.51
CA ARG A 2 -17.63 5.93 -0.77
C ARG A 2 -16.39 5.50 -1.55
N SER A 3 -16.60 4.71 -2.61
CA SER A 3 -15.47 4.25 -3.44
C SER A 3 -14.50 5.39 -3.68
N ALA A 4 -13.42 5.39 -2.92
CA ALA A 4 -12.39 6.41 -3.00
C ALA A 4 -11.66 6.40 -4.33
N ASN A 5 -12.00 5.43 -5.15
CA ASN A 5 -11.41 5.24 -6.47
C ASN A 5 -10.20 4.32 -6.35
N LEU A 6 -10.34 3.31 -5.49
CA LEU A 6 -9.30 2.33 -5.25
C LEU A 6 -8.79 1.74 -6.55
N ARG A 7 -9.66 1.74 -7.53
CA ARG A 7 -9.37 1.16 -8.85
C ARG A 7 -8.06 1.71 -9.41
N ALA A 8 -7.80 2.98 -9.16
CA ALA A 8 -6.55 3.58 -9.62
C ALA A 8 -5.39 2.94 -8.91
N ALA A 9 -5.58 2.73 -7.62
CA ALA A 9 -4.56 2.14 -6.77
C ALA A 9 -4.41 0.66 -7.06
N HIS A 10 -5.52 0.02 -7.35
CA HIS A 10 -5.51 -1.38 -7.65
C HIS A 10 -4.43 -1.68 -8.68
N ALA A 11 -4.23 -0.72 -9.59
CA ALA A 11 -3.22 -0.84 -10.62
C ALA A 11 -1.87 -0.37 -10.12
N ALA A 12 -1.88 0.52 -9.11
CA ALA A 12 -0.64 1.04 -8.54
C ALA A 12 0.00 -0.01 -7.65
N LEU A 13 -0.72 -0.43 -6.60
CA LEU A 13 -0.22 -1.47 -5.70
C LEU A 13 0.11 -2.69 -6.53
N LEU A 14 -0.57 -2.80 -7.66
CA LEU A 14 -0.33 -3.88 -8.61
C LEU A 14 0.97 -3.55 -9.32
N GLU A 15 1.04 -2.30 -9.76
CA GLU A 15 2.22 -1.77 -10.43
C GLU A 15 3.43 -2.02 -9.58
N ASN A 16 3.20 -2.05 -8.27
CA ASN A 16 4.24 -2.31 -7.31
C ASN A 16 4.39 -3.82 -7.17
N ALA A 17 3.26 -4.49 -7.00
CA ALA A 17 3.21 -5.94 -6.85
C ALA A 17 4.11 -6.65 -7.85
N ARG A 18 4.17 -6.11 -9.07
CA ARG A 18 5.02 -6.69 -10.10
C ARG A 18 6.46 -6.38 -9.79
N PHE A 19 6.72 -5.12 -9.42
CA PHE A 19 8.04 -4.68 -9.04
C PHE A 19 8.45 -5.43 -7.77
N MET A 20 7.45 -5.93 -7.05
CA MET A 20 7.67 -6.71 -5.85
C MET A 20 8.06 -8.10 -6.28
N GLU A 21 7.25 -8.63 -7.20
CA GLU A 21 7.47 -9.93 -7.79
C GLU A 21 8.84 -9.94 -8.49
N GLN A 22 9.28 -8.75 -8.87
CA GLN A 22 10.57 -8.59 -9.55
C GLN A 22 11.69 -8.44 -8.54
N PHE A 23 11.52 -7.56 -7.57
CA PHE A 23 12.53 -7.34 -6.54
C PHE A 23 12.94 -8.68 -5.96
N TYR A 24 11.94 -9.56 -5.80
CA TYR A 24 12.18 -10.90 -5.29
C TYR A 24 12.86 -11.72 -6.38
N ALA A 25 12.39 -11.53 -7.61
CA ALA A 25 12.96 -12.22 -8.75
C ALA A 25 14.41 -11.79 -8.98
N LYS A 26 14.78 -10.67 -8.36
CA LYS A 26 16.12 -10.12 -8.47
C LYS A 26 16.90 -10.36 -7.18
N LYS A 27 16.18 -10.49 -6.07
CA LYS A 27 16.79 -10.71 -4.77
C LYS A 27 16.35 -12.03 -4.16
N GLY A 28 15.18 -12.02 -3.53
CA GLY A 28 14.66 -13.21 -2.88
C GLY A 28 14.04 -12.87 -1.54
N SER A 29 14.24 -11.63 -1.11
CA SER A 29 13.71 -11.14 0.17
C SER A 29 13.70 -9.62 0.17
N PHE A 30 12.78 -9.03 0.94
CA PHE A 30 12.67 -7.58 1.02
C PHE A 30 13.47 -7.03 2.20
N LYS A 31 12.85 -6.90 3.37
CA LYS A 31 13.58 -6.39 4.53
C LYS A 31 14.70 -7.36 4.85
N LEU A 32 15.75 -6.82 5.42
CA LEU A 32 16.92 -7.62 5.76
C LEU A 32 17.15 -7.64 7.27
N THR A 33 16.70 -6.57 7.93
CA THR A 33 16.87 -6.43 9.37
C THR A 33 15.73 -5.64 9.97
N SER A 34 15.51 -5.79 11.27
CA SER A 34 14.46 -5.05 11.94
C SER A 34 14.81 -3.57 11.92
N THR A 35 13.86 -2.77 11.45
CA THR A 35 13.99 -1.31 11.36
C THR A 35 14.72 -0.90 10.07
N LYS A 36 14.36 -1.53 8.96
CA LYS A 36 14.93 -1.19 7.66
C LYS A 36 13.81 -0.83 6.69
N TRP A 37 14.10 -0.01 5.70
CA TRP A 37 13.07 0.43 4.77
C TRP A 37 13.43 0.26 3.30
N PRO A 38 13.01 -0.86 2.68
CA PRO A 38 13.20 -1.09 1.25
C PRO A 38 12.33 -0.12 0.45
N GLU A 39 12.94 0.64 -0.46
CA GLU A 39 12.20 1.63 -1.24
C GLU A 39 11.03 1.03 -2.01
N LEU A 40 9.96 1.82 -2.10
CA LEU A 40 8.75 1.42 -2.81
C LEU A 40 8.78 1.89 -4.28
N PRO A 41 8.11 1.16 -5.19
CA PRO A 41 8.07 1.50 -6.61
C PRO A 41 7.05 2.58 -6.93
N VAL A 42 5.76 2.25 -6.80
CA VAL A 42 4.70 3.21 -7.10
C VAL A 42 4.40 4.08 -5.88
N LYS A 43 4.23 5.37 -6.13
CA LYS A 43 3.93 6.32 -5.08
C LYS A 43 2.62 7.04 -5.40
N GLU A 44 2.02 6.64 -6.51
CA GLU A 44 0.77 7.25 -6.96
C GLU A 44 0.11 6.42 -8.06
N ALA A 45 -1.21 6.32 -7.96
CA ALA A 45 -2.02 5.58 -8.91
C ALA A 45 -2.68 6.52 -9.91
N GLY A 46 -3.68 7.23 -9.42
CA GLY A 46 -4.44 8.18 -10.22
C GLY A 46 -5.39 8.96 -9.33
N GLY A 47 -5.89 8.25 -8.33
CA GLY A 47 -6.79 8.83 -7.35
C GLY A 47 -6.32 8.49 -5.96
N PHE A 48 -5.29 7.64 -5.91
CA PHE A 48 -4.67 7.22 -4.66
C PHE A 48 -3.18 7.50 -4.68
N CYS A 49 -2.55 7.50 -3.52
CA CYS A 49 -1.10 7.70 -3.43
C CYS A 49 -0.51 6.52 -2.67
N ILE A 50 0.63 6.05 -3.14
CA ILE A 50 1.23 4.86 -2.56
C ILE A 50 2.54 5.12 -1.83
N ARG A 51 2.80 4.26 -0.85
CA ARG A 51 4.01 4.32 -0.04
C ARG A 51 4.35 2.91 0.48
N MET A 52 5.63 2.68 0.78
CA MET A 52 6.05 1.39 1.28
C MET A 52 5.35 1.06 2.60
N SER A 53 5.24 -0.23 2.90
CA SER A 53 4.59 -0.68 4.14
C SER A 53 5.00 0.18 5.34
N GLY A 54 4.37 -0.07 6.49
CA GLY A 54 4.59 0.70 7.72
C GLY A 54 6.03 1.04 8.10
N GLN A 55 6.27 1.02 9.41
CA GLN A 55 7.58 1.35 9.97
C GLN A 55 8.64 0.31 9.63
N ALA A 56 9.86 0.79 9.44
CA ALA A 56 10.99 -0.08 9.11
C ALA A 56 11.07 -1.27 10.04
N LYS A 57 10.56 -1.10 11.27
CA LYS A 57 10.58 -2.18 12.26
C LYS A 57 9.53 -3.23 11.92
N GLY A 58 8.44 -2.79 11.30
CA GLY A 58 7.36 -3.68 10.91
C GLY A 58 7.19 -3.71 9.41
N ILE A 59 8.25 -4.12 8.73
CA ILE A 59 8.23 -4.16 7.28
C ILE A 59 8.22 -5.55 6.70
N LEU A 60 7.48 -5.65 5.60
CA LEU A 60 7.27 -6.86 4.85
C LEU A 60 8.44 -7.84 4.93
N GLU A 61 8.11 -9.11 5.06
CA GLU A 61 9.10 -10.18 5.14
C GLU A 61 8.45 -11.46 4.63
N GLY A 62 8.89 -11.91 3.46
CA GLY A 62 8.29 -13.08 2.86
C GLY A 62 6.97 -12.70 2.23
N LYS A 63 6.66 -11.40 2.35
CA LYS A 63 5.44 -10.81 1.82
C LYS A 63 5.77 -9.44 1.26
N PHE A 64 5.26 -9.10 0.09
CA PHE A 64 5.48 -7.77 -0.46
C PHE A 64 4.13 -7.08 -0.66
N THR A 65 3.92 -5.95 0.02
CA THR A 65 2.64 -5.25 -0.09
C THR A 65 2.78 -3.74 0.10
N LEU A 66 2.01 -2.99 -0.69
CA LEU A 66 1.98 -1.54 -0.59
C LEU A 66 0.56 -1.05 -0.39
N LYS A 67 0.40 0.01 0.40
CA LYS A 67 -0.93 0.56 0.63
C LYS A 67 -1.08 1.92 0.00
N ALA A 68 -2.17 2.09 -0.70
CA ALA A 68 -2.49 3.33 -1.37
C ALA A 68 -3.56 4.07 -0.61
N VAL A 69 -3.52 5.39 -0.70
CA VAL A 69 -4.50 6.24 -0.02
C VAL A 69 -5.07 7.27 -0.97
N ALA A 70 -6.38 7.44 -0.94
CA ALA A 70 -7.03 8.40 -1.80
C ALA A 70 -6.36 9.77 -1.72
N LEU A 71 -6.26 10.42 -2.87
CA LEU A 71 -5.68 11.74 -2.94
C LEU A 71 -6.67 12.70 -2.32
N ASP A 72 -7.94 12.41 -2.55
CA ASP A 72 -9.04 13.19 -1.96
C ASP A 72 -9.54 12.43 -0.73
N ARG A 73 -8.67 11.63 -0.14
CA ARG A 73 -9.02 10.81 1.01
C ARG A 73 -9.70 11.62 2.12
N GLU A 74 -9.37 12.90 2.24
CA GLU A 74 -10.01 13.73 3.24
C GLU A 74 -11.52 13.56 3.12
N ALA A 75 -11.91 13.21 1.90
CA ALA A 75 -13.28 12.96 1.54
C ALA A 75 -13.53 11.45 1.38
N GLU A 76 -12.46 10.71 1.08
CA GLU A 76 -12.55 9.26 0.88
C GLU A 76 -11.55 8.49 1.75
N PRO A 77 -11.93 8.15 3.00
CA PRO A 77 -11.06 7.41 3.92
C PRO A 77 -10.66 6.04 3.38
N ARG A 78 -11.37 5.58 2.35
CA ARG A 78 -11.09 4.26 1.77
C ARG A 78 -9.62 4.13 1.36
N VAL A 79 -9.02 3.02 1.77
CA VAL A 79 -7.63 2.71 1.48
C VAL A 79 -7.52 1.36 0.77
N LEU A 80 -6.43 1.13 0.04
CA LEU A 80 -6.27 -0.14 -0.65
C LEU A 80 -4.85 -0.67 -0.49
N ARG A 81 -4.69 -1.96 -0.74
CA ARG A 81 -3.40 -2.62 -0.65
C ARG A 81 -3.37 -3.77 -1.65
N LEU A 82 -2.21 -4.04 -2.21
CA LEU A 82 -2.07 -5.13 -3.15
C LEU A 82 -0.67 -5.72 -3.06
N ASN A 83 -0.60 -7.03 -2.82
CA ASN A 83 0.68 -7.70 -2.66
C ASN A 83 1.12 -8.43 -3.93
N GLU A 84 2.26 -9.11 -3.83
CA GLU A 84 2.82 -9.86 -4.95
C GLU A 84 1.87 -10.98 -5.36
N SER A 85 1.02 -11.39 -4.44
CA SER A 85 0.05 -12.44 -4.69
C SER A 85 -1.16 -11.86 -5.40
N LEU A 86 -1.04 -10.59 -5.75
CA LEU A 86 -2.09 -9.88 -6.44
C LEU A 86 -3.40 -9.94 -5.66
N THR A 87 -3.27 -10.07 -4.35
CA THR A 87 -4.42 -10.10 -3.45
C THR A 87 -4.52 -8.76 -2.76
N ALA A 88 -5.60 -8.04 -3.05
CA ALA A 88 -5.78 -6.72 -2.48
C ALA A 88 -6.79 -6.71 -1.34
N VAL A 89 -6.65 -5.68 -0.52
CA VAL A 89 -7.56 -5.47 0.59
C VAL A 89 -7.81 -3.98 0.78
N VAL A 90 -9.08 -3.65 0.83
CA VAL A 90 -9.52 -2.29 0.97
C VAL A 90 -10.01 -1.99 2.39
N CYS A 91 -9.80 -0.76 2.81
CA CYS A 91 -10.23 -0.31 4.11
C CYS A 91 -11.20 0.83 3.95
N GLY A 92 -12.07 1.00 4.92
CA GLY A 92 -13.05 2.06 4.87
C GLY A 92 -12.69 3.16 5.83
N LYS A 93 -11.56 2.95 6.50
CA LYS A 93 -11.06 3.90 7.47
C LYS A 93 -9.55 3.80 7.58
N MET A 94 -8.88 4.92 7.41
CA MET A 94 -7.44 4.97 7.53
C MET A 94 -7.09 5.94 8.65
N LYS A 95 -6.64 5.38 9.77
CA LYS A 95 -6.31 6.20 10.93
C LYS A 95 -4.82 6.51 11.03
N GLY A 96 -4.01 5.46 11.18
CA GLY A 96 -2.57 5.66 11.30
C GLY A 96 -1.88 5.86 9.95
N LYS A 97 -1.02 4.91 9.60
CA LYS A 97 -0.27 4.94 8.33
C LYS A 97 -0.01 6.38 7.87
N GLY A 98 -0.13 6.60 6.56
CA GLY A 98 0.08 7.92 6.00
C GLY A 98 -0.93 8.21 4.93
N SER A 99 -1.30 9.47 4.78
CA SER A 99 -2.28 9.85 3.79
C SER A 99 -1.81 11.03 2.96
N CYS A 100 -2.21 11.03 1.69
CA CYS A 100 -1.86 12.12 0.79
C CYS A 100 -2.38 13.44 1.34
N THR A 101 -2.18 14.52 0.61
CA THR A 101 -2.64 15.86 1.03
C THR A 101 -1.86 16.36 2.24
N ASP A 102 -1.18 15.44 2.93
CA ASP A 102 -0.40 15.80 4.11
C ASP A 102 1.05 15.37 3.94
N GLY A 103 1.26 14.15 3.43
CA GLY A 103 2.60 13.65 3.23
C GLY A 103 2.72 12.17 3.50
N GLU A 104 2.19 11.35 2.59
CA GLU A 104 2.27 9.90 2.74
C GLU A 104 3.71 9.43 2.85
N GLU A 105 3.95 8.45 3.72
CA GLU A 105 5.28 7.92 3.91
C GLU A 105 5.26 6.40 3.96
N ILE A 106 4.43 5.84 4.85
CA ILE A 106 4.32 4.39 4.99
C ILE A 106 2.96 3.95 5.52
N PHE A 107 2.78 2.64 5.64
CA PHE A 107 1.53 2.06 6.12
C PHE A 107 1.67 1.45 7.54
N ARG A 108 1.77 2.31 8.56
CA ARG A 108 1.87 1.84 9.95
C ARG A 108 0.80 2.51 10.81
N GLY A 109 -0.04 1.70 11.45
CA GLY A 109 -1.08 2.26 12.29
C GLY A 109 -2.26 1.32 12.49
N ASN A 110 -3.47 1.85 12.34
CA ASN A 110 -4.68 1.06 12.52
C ASN A 110 -5.78 1.47 11.55
N ASP A 111 -6.12 0.58 10.61
CA ASP A 111 -7.18 0.84 9.66
C ASP A 111 -8.46 0.14 10.09
N ALA A 112 -9.60 0.68 9.69
CA ALA A 112 -10.88 0.11 10.06
C ALA A 112 -11.77 -0.08 8.84
N GLU A 113 -12.84 -0.83 9.03
CA GLU A 113 -13.78 -1.09 7.95
C GLU A 113 -13.08 -1.63 6.71
N CYS A 114 -12.41 -2.77 6.83
CA CYS A 114 -11.69 -3.32 5.69
C CYS A 114 -12.17 -4.70 5.27
N ARG A 115 -12.12 -4.91 3.96
CA ARG A 115 -12.49 -6.15 3.34
C ARG A 115 -11.53 -6.46 2.19
N PRO A 116 -11.54 -7.71 1.74
CA PRO A 116 -10.67 -8.17 0.66
C PRO A 116 -11.14 -7.68 -0.70
N PHE A 117 -10.23 -7.00 -1.40
CA PHE A 117 -10.54 -6.46 -2.71
C PHE A 117 -9.76 -7.15 -3.81
N THR A 118 -10.39 -7.34 -4.96
CA THR A 118 -9.74 -7.99 -6.08
C THR A 118 -9.88 -7.15 -7.35
N GLY A 119 -8.77 -6.54 -7.76
CA GLY A 119 -8.76 -5.71 -8.95
C GLY A 119 -8.97 -6.51 -10.21
N HIS A 1 -23.05 6.73 -1.95
CA HIS A 1 -21.97 5.71 -1.92
C HIS A 1 -20.64 6.34 -1.50
N ARG A 2 -19.58 5.54 -1.50
CA ARG A 2 -18.26 6.02 -1.12
C ARG A 2 -17.19 5.03 -1.56
N SER A 3 -16.99 4.92 -2.87
CA SER A 3 -15.97 4.02 -3.41
C SER A 3 -14.80 4.83 -3.92
N ALA A 4 -13.82 5.04 -3.05
CA ALA A 4 -12.64 5.80 -3.40
C ALA A 4 -11.99 5.28 -4.67
N ASN A 5 -10.98 5.99 -5.16
CA ASN A 5 -10.29 5.61 -6.39
C ASN A 5 -9.34 4.44 -6.14
N LEU A 6 -9.78 3.47 -5.34
CA LEU A 6 -8.96 2.29 -5.03
C LEU A 6 -8.59 1.57 -6.31
N ARG A 7 -9.37 1.82 -7.33
CA ARG A 7 -9.19 1.21 -8.62
C ARG A 7 -7.86 1.60 -9.24
N ALA A 8 -7.58 2.89 -9.24
CA ALA A 8 -6.32 3.38 -9.76
C ALA A 8 -5.19 2.78 -8.95
N ALA A 9 -5.41 2.74 -7.65
CA ALA A 9 -4.44 2.20 -6.71
C ALA A 9 -4.27 0.72 -6.93
N HIS A 10 -5.39 0.06 -7.18
CA HIS A 10 -5.39 -1.35 -7.43
C HIS A 10 -4.32 -1.66 -8.46
N ALA A 11 -4.13 -0.71 -9.38
CA ALA A 11 -3.13 -0.83 -10.42
C ALA A 11 -1.77 -0.37 -9.93
N ALA A 12 -1.76 0.54 -8.95
CA ALA A 12 -0.52 1.04 -8.39
C ALA A 12 0.13 -0.02 -7.52
N LEU A 13 -0.58 -0.47 -6.48
CA LEU A 13 -0.08 -1.51 -5.60
C LEU A 13 0.19 -2.75 -6.43
N LEU A 14 -0.51 -2.84 -7.56
CA LEU A 14 -0.31 -3.92 -8.50
C LEU A 14 0.99 -3.64 -9.25
N GLU A 15 1.12 -2.38 -9.66
CA GLU A 15 2.30 -1.91 -10.36
C GLU A 15 3.51 -2.14 -9.46
N ASN A 16 3.26 -2.07 -8.16
CA ASN A 16 4.28 -2.31 -7.17
C ASN A 16 4.41 -3.81 -6.98
N ALA A 17 3.28 -4.48 -7.14
CA ALA A 17 3.22 -5.94 -7.03
C ALA A 17 4.08 -6.62 -8.06
N ARG A 18 4.06 -6.12 -9.28
CA ARG A 18 4.87 -6.71 -10.33
C ARG A 18 6.33 -6.43 -10.06
N PHE A 19 6.62 -5.17 -9.73
CA PHE A 19 7.97 -4.75 -9.44
C PHE A 19 8.51 -5.47 -8.21
N MET A 20 7.64 -5.77 -7.25
CA MET A 20 8.05 -6.50 -6.07
C MET A 20 8.21 -7.96 -6.46
N GLU A 21 7.28 -8.42 -7.29
CA GLU A 21 7.35 -9.76 -7.84
C GLU A 21 8.64 -9.90 -8.62
N GLN A 22 9.15 -8.75 -9.07
CA GLN A 22 10.39 -8.67 -9.83
C GLN A 22 11.60 -8.71 -8.92
N PHE A 23 11.68 -7.75 -8.00
CA PHE A 23 12.80 -7.69 -7.08
C PHE A 23 12.98 -9.01 -6.37
N TYR A 24 11.87 -9.62 -5.99
CA TYR A 24 11.91 -10.91 -5.33
C TYR A 24 12.40 -11.95 -6.33
N ALA A 25 12.00 -11.76 -7.58
CA ALA A 25 12.39 -12.64 -8.67
C ALA A 25 13.86 -12.42 -9.00
N LYS A 26 14.39 -11.29 -8.53
CA LYS A 26 15.78 -10.93 -8.76
C LYS A 26 16.59 -11.14 -7.48
N LYS A 27 15.89 -11.22 -6.36
CA LYS A 27 16.51 -11.38 -5.06
C LYS A 27 15.91 -12.55 -4.28
N GLY A 28 14.81 -12.27 -3.59
CA GLY A 28 14.14 -13.28 -2.79
C GLY A 28 13.63 -12.74 -1.48
N SER A 29 13.95 -11.47 -1.21
CA SER A 29 13.52 -10.81 0.02
C SER A 29 13.49 -9.30 -0.17
N PHE A 30 12.72 -8.61 0.65
CA PHE A 30 12.61 -7.16 0.55
C PHE A 30 13.33 -6.47 1.71
N LYS A 31 13.06 -6.91 2.94
CA LYS A 31 13.72 -6.35 4.11
C LYS A 31 14.90 -7.21 4.53
N LEU A 32 15.86 -6.62 5.23
CA LEU A 32 17.05 -7.35 5.64
C LEU A 32 17.30 -7.30 7.14
N THR A 33 16.87 -6.23 7.80
CA THR A 33 17.10 -6.09 9.23
C THR A 33 15.99 -5.34 9.92
N SER A 34 16.04 -5.30 11.24
CA SER A 34 15.03 -4.59 12.01
C SER A 34 15.24 -3.09 11.83
N THR A 35 14.15 -2.38 11.60
CA THR A 35 14.17 -0.94 11.39
C THR A 35 14.84 -0.61 10.07
N LYS A 36 14.47 -1.37 9.04
CA LYS A 36 15.00 -1.19 7.69
C LYS A 36 13.84 -0.84 6.77
N TRP A 37 14.08 0.01 5.77
CA TRP A 37 13.02 0.43 4.87
C TRP A 37 13.36 0.30 3.39
N PRO A 38 12.89 -0.78 2.73
CA PRO A 38 13.09 -0.96 1.30
C PRO A 38 12.26 0.08 0.54
N GLU A 39 12.90 0.85 -0.34
CA GLU A 39 12.18 1.90 -1.05
C GLU A 39 11.10 1.33 -1.97
N LEU A 40 9.98 2.06 -2.02
CA LEU A 40 8.83 1.68 -2.82
C LEU A 40 8.87 2.31 -4.21
N PRO A 41 8.45 1.56 -5.25
CA PRO A 41 8.41 2.05 -6.63
C PRO A 41 7.23 3.00 -6.90
N VAL A 42 6.00 2.48 -6.85
CA VAL A 42 4.82 3.32 -7.10
C VAL A 42 4.49 4.17 -5.88
N LYS A 43 4.35 5.46 -6.10
CA LYS A 43 4.02 6.39 -5.04
C LYS A 43 2.71 7.09 -5.34
N GLU A 44 2.11 6.71 -6.47
CA GLU A 44 0.86 7.30 -6.90
C GLU A 44 0.22 6.50 -8.03
N ALA A 45 -1.09 6.36 -7.94
CA ALA A 45 -1.87 5.65 -8.95
C ALA A 45 -2.52 6.65 -9.91
N GLY A 46 -3.84 6.78 -9.80
CA GLY A 46 -4.57 7.71 -10.64
C GLY A 46 -5.52 8.55 -9.81
N GLY A 47 -5.54 8.24 -8.52
CA GLY A 47 -6.39 8.96 -7.57
C GLY A 47 -5.97 8.65 -6.15
N PHE A 48 -5.05 7.69 -6.02
CA PHE A 48 -4.51 7.29 -4.73
C PHE A 48 -2.99 7.54 -4.71
N CYS A 49 -2.42 7.56 -3.51
CA CYS A 49 -0.98 7.74 -3.38
C CYS A 49 -0.43 6.55 -2.60
N ILE A 50 0.71 6.06 -3.04
CA ILE A 50 1.29 4.86 -2.45
C ILE A 50 2.62 5.11 -1.73
N ARG A 51 2.86 4.26 -0.73
CA ARG A 51 4.08 4.30 0.08
C ARG A 51 4.39 2.90 0.61
N MET A 52 5.66 2.67 0.93
CA MET A 52 6.10 1.38 1.43
C MET A 52 5.40 1.03 2.74
N SER A 53 5.31 -0.27 3.05
CA SER A 53 4.66 -0.76 4.27
C SER A 53 5.01 0.10 5.49
N GLY A 54 4.41 -0.23 6.63
CA GLY A 54 4.58 0.52 7.87
C GLY A 54 6.01 0.86 8.30
N GLN A 55 6.22 0.85 9.62
CA GLN A 55 7.52 1.18 10.21
C GLN A 55 8.59 0.18 9.86
N ALA A 56 9.79 0.69 9.62
CA ALA A 56 10.94 -0.13 9.26
C ALA A 56 11.15 -1.31 10.20
N LYS A 57 10.64 -1.19 11.43
CA LYS A 57 10.79 -2.26 12.41
C LYS A 57 9.80 -3.39 12.12
N GLY A 58 8.70 -3.02 11.46
CA GLY A 58 7.68 -3.99 11.09
C GLY A 58 7.44 -4.02 9.61
N ILE A 59 8.48 -4.38 8.87
CA ILE A 59 8.39 -4.40 7.43
C ILE A 59 8.42 -5.79 6.82
N LEU A 60 7.65 -5.90 5.77
CA LEU A 60 7.49 -7.12 5.00
C LEU A 60 8.77 -7.93 4.88
N GLU A 61 8.63 -9.22 4.61
CA GLU A 61 9.77 -10.12 4.47
C GLU A 61 9.43 -11.30 3.57
N GLY A 62 10.01 -11.33 2.38
CA GLY A 62 9.69 -12.39 1.45
C GLY A 62 8.29 -12.21 0.91
N LYS A 63 7.64 -11.18 1.45
CA LYS A 63 6.29 -10.81 1.09
C LYS A 63 6.24 -9.30 0.88
N PHE A 64 5.49 -8.83 -0.09
CA PHE A 64 5.39 -7.39 -0.29
C PHE A 64 3.95 -6.93 -0.15
N THR A 65 3.75 -5.78 0.47
CA THR A 65 2.43 -5.19 0.54
C THR A 65 2.51 -3.67 0.68
N LEU A 66 2.01 -2.96 -0.32
CA LEU A 66 1.99 -1.51 -0.27
C LEU A 66 0.57 -1.02 -0.12
N LYS A 67 0.42 0.09 0.57
CA LYS A 67 -0.90 0.66 0.77
C LYS A 67 -1.02 1.99 0.06
N ALA A 68 -2.17 2.18 -0.53
CA ALA A 68 -2.48 3.40 -1.24
C ALA A 68 -3.59 4.14 -0.53
N VAL A 69 -3.59 5.45 -0.66
CA VAL A 69 -4.60 6.28 -0.03
C VAL A 69 -5.18 7.27 -1.03
N ALA A 70 -6.45 7.56 -0.89
CA ALA A 70 -7.10 8.49 -1.79
C ALA A 70 -6.48 9.88 -1.69
N LEU A 71 -6.29 10.50 -2.83
CA LEU A 71 -5.77 11.85 -2.88
C LEU A 71 -6.84 12.78 -2.36
N ASP A 72 -8.07 12.40 -2.68
CA ASP A 72 -9.26 13.09 -2.22
C ASP A 72 -9.82 12.36 -1.01
N ARG A 73 -8.94 11.64 -0.30
CA ARG A 73 -9.35 10.86 0.86
C ARG A 73 -10.17 11.67 1.87
N GLU A 74 -9.99 12.98 1.86
CA GLU A 74 -10.76 13.84 2.75
C GLU A 74 -12.24 13.53 2.53
N ALA A 75 -12.50 13.08 1.32
CA ALA A 75 -13.82 12.70 0.87
C ALA A 75 -13.93 11.17 0.77
N GLU A 76 -12.78 10.51 0.60
CA GLU A 76 -12.74 9.06 0.46
C GLU A 76 -11.77 8.42 1.47
N PRO A 77 -12.24 8.20 2.72
CA PRO A 77 -11.41 7.60 3.77
C PRO A 77 -10.92 6.21 3.39
N ARG A 78 -11.50 5.66 2.33
CA ARG A 78 -11.13 4.32 1.86
C ARG A 78 -9.65 4.22 1.53
N VAL A 79 -9.09 3.07 1.88
CA VAL A 79 -7.69 2.77 1.62
C VAL A 79 -7.57 1.44 0.89
N LEU A 80 -6.41 1.17 0.30
CA LEU A 80 -6.22 -0.10 -0.40
C LEU A 80 -4.81 -0.64 -0.22
N ARG A 81 -4.67 -1.93 -0.49
CA ARG A 81 -3.39 -2.62 -0.39
C ARG A 81 -3.35 -3.75 -1.38
N LEU A 82 -2.18 -4.05 -1.92
CA LEU A 82 -2.02 -5.14 -2.87
C LEU A 82 -0.64 -5.74 -2.72
N ASN A 83 -0.58 -7.05 -2.55
CA ASN A 83 0.70 -7.72 -2.36
C ASN A 83 1.20 -8.37 -3.66
N GLU A 84 2.42 -8.93 -3.58
CA GLU A 84 3.05 -9.59 -4.74
C GLU A 84 2.22 -10.79 -5.21
N SER A 85 1.22 -11.15 -4.42
CA SER A 85 0.35 -12.28 -4.74
C SER A 85 -0.93 -11.76 -5.35
N LEU A 86 -0.90 -10.49 -5.69
CA LEU A 86 -2.03 -9.81 -6.31
C LEU A 86 -3.29 -9.87 -5.46
N THR A 87 -3.10 -10.09 -4.17
CA THR A 87 -4.19 -10.12 -3.21
C THR A 87 -4.34 -8.76 -2.58
N ALA A 88 -5.46 -8.10 -2.84
CA ALA A 88 -5.69 -6.76 -2.31
C ALA A 88 -6.75 -6.72 -1.24
N VAL A 89 -6.66 -5.68 -0.43
CA VAL A 89 -7.62 -5.46 0.62
C VAL A 89 -7.88 -3.97 0.77
N VAL A 90 -9.16 -3.65 0.80
CA VAL A 90 -9.60 -2.28 0.90
C VAL A 90 -10.13 -1.97 2.28
N CYS A 91 -9.96 -0.73 2.68
CA CYS A 91 -10.43 -0.26 3.96
C CYS A 91 -11.36 0.92 3.75
N GLY A 92 -12.15 1.21 4.77
CA GLY A 92 -13.07 2.31 4.69
C GLY A 92 -12.73 3.36 5.71
N LYS A 93 -11.63 3.11 6.42
CA LYS A 93 -11.16 3.99 7.45
C LYS A 93 -9.65 3.84 7.63
N MET A 94 -8.93 4.94 7.50
CA MET A 94 -7.49 4.91 7.66
C MET A 94 -7.09 5.74 8.86
N LYS A 95 -6.67 5.04 9.91
CA LYS A 95 -6.28 5.69 11.16
C LYS A 95 -4.88 6.30 11.10
N GLY A 96 -3.85 5.46 11.23
CA GLY A 96 -2.49 5.94 11.20
C GLY A 96 -1.84 5.86 9.83
N LYS A 97 -0.72 5.13 9.78
CA LYS A 97 0.03 4.93 8.54
C LYS A 97 0.36 6.25 7.85
N GLY A 98 -0.50 6.66 6.94
CA GLY A 98 -0.29 7.89 6.22
C GLY A 98 -1.37 8.11 5.17
N SER A 99 -1.67 9.37 4.88
CA SER A 99 -2.70 9.68 3.90
C SER A 99 -2.27 10.85 3.02
N CYS A 100 -2.65 10.78 1.74
CA CYS A 100 -2.35 11.85 0.82
C CYS A 100 -2.92 13.15 1.37
N THR A 101 -2.52 14.28 0.78
CA THR A 101 -3.01 15.58 1.22
C THR A 101 -3.10 15.66 2.75
N ASP A 102 -2.23 14.91 3.42
CA ASP A 102 -2.18 14.86 4.87
C ASP A 102 -0.79 14.53 5.38
N GLY A 103 -0.05 13.73 4.60
CA GLY A 103 1.29 13.35 4.98
C GLY A 103 1.55 11.87 4.84
N GLU A 104 1.54 11.37 3.61
CA GLU A 104 1.79 9.96 3.34
C GLU A 104 3.24 9.60 3.59
N GLU A 105 3.49 8.39 4.07
CA GLU A 105 4.85 7.94 4.34
C GLU A 105 4.95 6.42 4.30
N ILE A 106 4.10 5.75 5.08
CA ILE A 106 4.11 4.29 5.13
C ILE A 106 2.76 3.72 5.59
N PHE A 107 2.68 2.40 5.63
CA PHE A 107 1.46 1.69 6.03
C PHE A 107 1.59 1.03 7.42
N ARG A 108 1.63 1.86 8.48
CA ARG A 108 1.72 1.35 9.85
C ARG A 108 0.53 1.79 10.68
N GLY A 109 0.19 1.02 11.70
CA GLY A 109 -0.93 1.40 12.57
C GLY A 109 -2.10 0.46 12.47
N ASN A 110 -3.28 1.03 12.21
CA ASN A 110 -4.50 0.24 12.11
C ASN A 110 -5.50 0.85 11.13
N ASP A 111 -6.26 -0.02 10.49
CA ASP A 111 -7.29 0.40 9.54
C ASP A 111 -8.64 -0.20 9.93
N ALA A 112 -9.70 0.54 9.68
CA ALA A 112 -11.05 0.10 10.00
C ALA A 112 -11.89 -0.06 8.76
N GLU A 113 -13.02 -0.74 8.91
CA GLU A 113 -13.94 -0.94 7.81
C GLU A 113 -13.22 -1.49 6.58
N CYS A 114 -12.62 -2.68 6.71
CA CYS A 114 -11.90 -3.26 5.57
C CYS A 114 -12.44 -4.62 5.16
N ARG A 115 -12.36 -4.86 3.86
CA ARG A 115 -12.78 -6.10 3.25
C ARG A 115 -11.80 -6.47 2.13
N PRO A 116 -11.78 -7.74 1.69
CA PRO A 116 -10.88 -8.20 0.63
C PRO A 116 -11.27 -7.65 -0.73
N PHE A 117 -10.33 -7.00 -1.40
CA PHE A 117 -10.57 -6.43 -2.72
C PHE A 117 -9.80 -7.14 -3.80
N THR A 118 -10.43 -7.28 -4.97
CA THR A 118 -9.80 -7.91 -6.11
C THR A 118 -9.89 -7.02 -7.34
N GLY A 119 -8.77 -6.42 -7.70
CA GLY A 119 -8.73 -5.55 -8.86
C GLY A 119 -8.93 -6.30 -10.17
N HIS A 1 -20.89 4.27 -2.76
CA HIS A 1 -20.92 5.75 -2.74
C HIS A 1 -19.56 6.32 -2.38
N ARG A 2 -19.02 5.89 -1.24
CA ARG A 2 -17.73 6.36 -0.77
C ARG A 2 -16.60 5.61 -1.46
N SER A 3 -16.95 4.71 -2.38
CA SER A 3 -15.95 3.94 -3.10
C SER A 3 -14.88 4.85 -3.67
N ALA A 4 -13.82 5.05 -2.90
CA ALA A 4 -12.72 5.91 -3.30
C ALA A 4 -12.10 5.43 -4.60
N ASN A 5 -11.07 6.15 -5.06
CA ASN A 5 -10.39 5.80 -6.30
C ASN A 5 -9.44 4.61 -6.12
N LEU A 6 -9.89 3.60 -5.37
CA LEU A 6 -9.08 2.41 -5.15
C LEU A 6 -8.71 1.76 -6.46
N ARG A 7 -9.56 1.98 -7.45
CA ARG A 7 -9.39 1.40 -8.76
C ARG A 7 -8.06 1.79 -9.38
N ALA A 8 -7.73 3.08 -9.30
CA ALA A 8 -6.47 3.56 -9.83
C ALA A 8 -5.34 2.89 -9.08
N ALA A 9 -5.56 2.74 -7.78
CA ALA A 9 -4.59 2.15 -6.90
C ALA A 9 -4.44 0.67 -7.14
N HIS A 10 -5.56 0.01 -7.39
CA HIS A 10 -5.57 -1.40 -7.65
C HIS A 10 -4.51 -1.73 -8.70
N ALA A 11 -4.31 -0.79 -9.62
CA ALA A 11 -3.30 -0.94 -10.66
C ALA A 11 -1.94 -0.47 -10.17
N ALA A 12 -1.94 0.44 -9.20
CA ALA A 12 -0.69 0.96 -8.64
C ALA A 12 -0.04 -0.09 -7.74
N LEU A 13 -0.76 -0.51 -6.70
CA LEU A 13 -0.25 -1.53 -5.80
C LEU A 13 0.07 -2.77 -6.62
N LEU A 14 -0.63 -2.90 -7.75
CA LEU A 14 -0.39 -3.99 -8.68
C LEU A 14 0.91 -3.67 -9.41
N GLU A 15 1.00 -2.42 -9.83
CA GLU A 15 2.16 -1.89 -10.52
C GLU A 15 3.38 -2.13 -9.64
N ASN A 16 3.14 -2.13 -8.34
CA ASN A 16 4.19 -2.38 -7.36
C ASN A 16 4.38 -3.88 -7.23
N ALA A 17 3.26 -4.58 -7.10
CA ALA A 17 3.25 -6.03 -6.97
C ALA A 17 4.15 -6.72 -7.98
N ARG A 18 4.20 -6.19 -9.20
CA ARG A 18 5.04 -6.77 -10.24
C ARG A 18 6.49 -6.41 -9.98
N PHE A 19 6.71 -5.13 -9.67
CA PHE A 19 8.04 -4.63 -9.37
C PHE A 19 8.57 -5.33 -8.13
N MET A 20 7.66 -5.82 -7.30
CA MET A 20 8.01 -6.54 -6.09
C MET A 20 8.21 -8.00 -6.44
N GLU A 21 7.34 -8.50 -7.30
CA GLU A 21 7.44 -9.85 -7.80
C GLU A 21 8.79 -9.97 -8.49
N GLN A 22 9.26 -8.82 -8.97
CA GLN A 22 10.53 -8.71 -9.67
C GLN A 22 11.66 -8.49 -8.68
N PHE A 23 11.46 -7.59 -7.71
CA PHE A 23 12.48 -7.32 -6.71
C PHE A 23 12.91 -8.64 -6.09
N TYR A 24 11.94 -9.53 -5.92
CA TYR A 24 12.20 -10.85 -5.38
C TYR A 24 12.89 -11.69 -6.45
N ALA A 25 12.45 -11.52 -7.69
CA ALA A 25 13.03 -12.23 -8.82
C ALA A 25 14.47 -11.78 -9.04
N LYS A 26 14.82 -10.65 -8.45
CA LYS A 26 16.16 -10.08 -8.57
C LYS A 26 16.95 -10.28 -7.28
N LYS A 27 16.22 -10.32 -6.15
CA LYS A 27 16.83 -10.47 -4.84
C LYS A 27 16.47 -11.82 -4.21
N GLY A 28 15.30 -11.86 -3.59
CA GLY A 28 14.83 -13.05 -2.93
C GLY A 28 14.13 -12.73 -1.61
N SER A 29 14.25 -11.48 -1.19
CA SER A 29 13.62 -11.00 0.03
C SER A 29 13.54 -9.48 0.03
N PHE A 30 12.72 -8.93 0.92
CA PHE A 30 12.58 -7.47 1.00
C PHE A 30 13.29 -6.90 2.23
N LYS A 31 12.73 -7.17 3.41
CA LYS A 31 13.32 -6.66 4.64
C LYS A 31 14.51 -7.52 5.07
N LEU A 32 15.49 -6.88 5.68
CA LEU A 32 16.69 -7.55 6.12
C LEU A 32 16.96 -7.38 7.60
N THR A 33 16.50 -6.28 8.19
CA THR A 33 16.74 -6.02 9.60
C THR A 33 15.57 -5.29 10.24
N SER A 34 15.69 -5.03 11.54
CA SER A 34 14.67 -4.31 12.28
C SER A 34 14.87 -2.81 12.12
N THR A 35 13.78 -2.12 11.80
CA THR A 35 13.78 -0.66 11.63
C THR A 35 14.55 -0.24 10.38
N LYS A 36 14.19 -0.88 9.27
CA LYS A 36 14.79 -0.61 7.97
C LYS A 36 13.66 -0.40 6.95
N TRP A 37 13.93 0.33 5.87
CA TRP A 37 12.88 0.58 4.89
C TRP A 37 13.27 0.36 3.43
N PRO A 38 12.86 -0.77 2.83
CA PRO A 38 13.11 -1.04 1.41
C PRO A 38 12.25 -0.08 0.56
N GLU A 39 12.87 0.64 -0.36
CA GLU A 39 12.14 1.61 -1.16
C GLU A 39 11.02 0.98 -1.99
N LEU A 40 9.92 1.73 -2.10
CA LEU A 40 8.74 1.30 -2.84
C LEU A 40 8.77 1.80 -4.28
N PRO A 41 8.14 1.06 -5.22
CA PRO A 41 8.09 1.43 -6.63
C PRO A 41 7.03 2.49 -6.94
N VAL A 42 5.76 2.11 -6.91
CA VAL A 42 4.67 3.06 -7.21
C VAL A 42 4.39 3.94 -6.01
N LYS A 43 4.26 5.24 -6.27
CA LYS A 43 3.99 6.20 -5.22
C LYS A 43 2.69 6.92 -5.52
N GLU A 44 2.07 6.55 -6.64
CA GLU A 44 0.82 7.15 -7.06
C GLU A 44 0.16 6.35 -8.17
N ALA A 45 -1.16 6.26 -8.09
CA ALA A 45 -1.97 5.54 -9.07
C ALA A 45 -2.63 6.51 -10.05
N GLY A 46 -3.49 7.36 -9.50
CA GLY A 46 -4.21 8.33 -10.30
C GLY A 46 -5.20 9.09 -9.43
N GLY A 47 -5.65 8.40 -8.39
CA GLY A 47 -6.57 8.97 -7.44
C GLY A 47 -6.13 8.63 -6.04
N PHE A 48 -5.16 7.72 -5.96
CA PHE A 48 -4.56 7.29 -4.70
C PHE A 48 -3.05 7.50 -4.77
N CYS A 49 -2.41 7.51 -3.61
CA CYS A 49 -0.95 7.64 -3.55
C CYS A 49 -0.39 6.47 -2.78
N ILE A 50 0.72 5.94 -3.25
CA ILE A 50 1.30 4.75 -2.65
C ILE A 50 2.63 4.99 -1.94
N ARG A 51 2.88 4.14 -0.94
CA ARG A 51 4.10 4.17 -0.16
C ARG A 51 4.42 2.77 0.34
N MET A 52 5.67 2.56 0.75
CA MET A 52 6.11 1.27 1.23
C MET A 52 5.37 0.89 2.51
N SER A 53 5.28 -0.41 2.78
CA SER A 53 4.59 -0.92 3.98
C SER A 53 4.88 -0.05 5.20
N GLY A 54 4.25 -0.38 6.33
CA GLY A 54 4.37 0.40 7.56
C GLY A 54 5.75 0.78 8.01
N GLN A 55 5.89 0.71 9.32
CA GLN A 55 7.11 1.06 10.01
C GLN A 55 8.27 0.14 9.71
N ALA A 56 9.44 0.76 9.59
CA ALA A 56 10.67 0.04 9.32
C ALA A 56 10.83 -1.10 10.31
N LYS A 57 10.25 -0.92 11.50
CA LYS A 57 10.32 -1.93 12.54
C LYS A 57 9.31 -3.06 12.26
N GLY A 58 8.30 -2.71 11.48
CA GLY A 58 7.27 -3.66 11.10
C GLY A 58 7.12 -3.75 9.60
N ILE A 59 8.17 -4.17 8.93
CA ILE A 59 8.16 -4.25 7.48
C ILE A 59 8.11 -5.66 6.94
N LEU A 60 7.36 -5.76 5.85
CA LEU A 60 7.11 -7.00 5.13
C LEU A 60 8.26 -7.98 5.19
N GLU A 61 7.90 -9.26 5.18
CA GLU A 61 8.86 -10.35 5.23
C GLU A 61 8.23 -11.59 4.61
N GLY A 62 8.75 -12.02 3.47
CA GLY A 62 8.16 -13.16 2.79
C GLY A 62 6.88 -12.74 2.11
N LYS A 63 6.58 -11.45 2.26
CA LYS A 63 5.38 -10.84 1.69
C LYS A 63 5.72 -9.44 1.20
N PHE A 64 5.27 -9.07 0.02
CA PHE A 64 5.53 -7.72 -0.47
C PHE A 64 4.19 -7.02 -0.71
N THR A 65 3.94 -5.92 0.00
CA THR A 65 2.67 -5.22 -0.15
C THR A 65 2.76 -3.72 0.08
N LEU A 66 2.00 -2.97 -0.71
CA LEU A 66 1.93 -1.53 -0.59
C LEU A 66 0.49 -1.08 -0.42
N LYS A 67 0.28 -0.04 0.38
CA LYS A 67 -1.06 0.47 0.57
C LYS A 67 -1.20 1.87 0.01
N ALA A 68 -2.18 2.02 -0.85
CA ALA A 68 -2.47 3.27 -1.49
C ALA A 68 -3.53 4.02 -0.71
N VAL A 69 -3.45 5.34 -0.76
CA VAL A 69 -4.40 6.18 -0.05
C VAL A 69 -5.02 7.20 -0.98
N ALA A 70 -6.29 7.45 -0.82
CA ALA A 70 -6.97 8.42 -1.67
C ALA A 70 -6.32 9.78 -1.59
N LEU A 71 -6.25 10.45 -2.72
CA LEU A 71 -5.69 11.78 -2.78
C LEU A 71 -6.71 12.73 -2.19
N ASP A 72 -7.97 12.39 -2.45
CA ASP A 72 -9.10 13.13 -1.91
C ASP A 72 -9.62 12.38 -0.69
N ARG A 73 -8.72 11.63 -0.06
CA ARG A 73 -9.04 10.83 1.12
C ARG A 73 -9.81 11.61 2.18
N GLU A 74 -9.60 12.93 2.24
CA GLU A 74 -10.33 13.75 3.20
C GLU A 74 -11.82 13.48 3.03
N ALA A 75 -12.15 13.07 1.82
CA ALA A 75 -13.49 12.71 1.43
C ALA A 75 -13.63 11.20 1.26
N GLU A 76 -12.51 10.53 1.06
CA GLU A 76 -12.50 9.07 0.87
C GLU A 76 -11.47 8.38 1.77
N PRO A 77 -11.80 8.17 3.06
CA PRO A 77 -10.89 7.49 4.00
C PRO A 77 -10.51 6.10 3.48
N ARG A 78 -11.23 5.64 2.46
CA ARG A 78 -10.97 4.33 1.88
C ARG A 78 -9.51 4.19 1.46
N VAL A 79 -8.94 3.06 1.82
CA VAL A 79 -7.55 2.75 1.51
C VAL A 79 -7.47 1.41 0.79
N LEU A 80 -6.40 1.16 0.05
CA LEU A 80 -6.25 -0.11 -0.66
C LEU A 80 -4.83 -0.65 -0.53
N ARG A 81 -4.70 -1.95 -0.79
CA ARG A 81 -3.41 -2.62 -0.73
C ARG A 81 -3.39 -3.76 -1.72
N LEU A 82 -2.22 -4.04 -2.27
CA LEU A 82 -2.07 -5.15 -3.22
C LEU A 82 -0.67 -5.71 -3.11
N ASN A 83 -0.57 -7.01 -2.85
CA ASN A 83 0.73 -7.65 -2.70
C ASN A 83 1.19 -8.33 -3.99
N GLU A 84 2.40 -8.91 -3.93
CA GLU A 84 2.97 -9.60 -5.09
C GLU A 84 2.09 -10.76 -5.51
N SER A 85 1.26 -11.24 -4.57
CA SER A 85 0.35 -12.36 -4.83
C SER A 85 -0.93 -11.85 -5.44
N LEU A 86 -0.91 -10.56 -5.78
CA LEU A 86 -2.04 -9.91 -6.40
C LEU A 86 -3.30 -10.01 -5.55
N THR A 87 -3.10 -10.06 -4.24
CA THR A 87 -4.20 -10.11 -3.29
C THR A 87 -4.39 -8.71 -2.69
N ALA A 88 -5.52 -8.09 -2.98
CA ALA A 88 -5.79 -6.75 -2.49
C ALA A 88 -6.78 -6.72 -1.35
N VAL A 89 -6.64 -5.67 -0.54
CA VAL A 89 -7.54 -5.43 0.56
C VAL A 89 -7.78 -3.95 0.74
N VAL A 90 -9.04 -3.61 0.82
CA VAL A 90 -9.47 -2.24 0.98
C VAL A 90 -9.92 -1.96 2.40
N CYS A 91 -9.74 -0.71 2.81
CA CYS A 91 -10.15 -0.27 4.12
C CYS A 91 -11.13 0.87 3.99
N GLY A 92 -11.94 1.05 5.01
CA GLY A 92 -12.91 2.12 5.00
C GLY A 92 -12.53 3.21 5.96
N LYS A 93 -11.40 3.00 6.61
CA LYS A 93 -10.88 3.94 7.58
C LYS A 93 -9.36 3.86 7.63
N MET A 94 -8.72 5.01 7.44
CA MET A 94 -7.27 5.08 7.50
C MET A 94 -6.88 6.03 8.61
N LYS A 95 -6.38 5.47 9.70
CA LYS A 95 -6.00 6.26 10.86
C LYS A 95 -4.50 6.57 10.90
N GLY A 96 -3.70 5.53 11.05
CA GLY A 96 -2.27 5.70 11.13
C GLY A 96 -1.60 5.79 9.78
N LYS A 97 -0.82 4.76 9.46
CA LYS A 97 -0.07 4.68 8.20
C LYS A 97 0.36 6.06 7.69
N GLY A 98 -0.46 6.64 6.83
CA GLY A 98 -0.18 7.94 6.28
C GLY A 98 -1.22 8.32 5.24
N SER A 99 -1.52 9.61 5.13
CA SER A 99 -2.52 10.05 4.17
C SER A 99 -1.95 10.99 3.13
N CYS A 100 -2.41 10.83 1.90
CA CYS A 100 -1.98 11.69 0.80
C CYS A 100 -2.35 13.13 1.10
N THR A 101 -2.09 14.03 0.17
CA THR A 101 -2.40 15.45 0.33
C THR A 101 -2.02 15.94 1.73
N ASP A 102 -1.05 15.27 2.33
CA ASP A 102 -0.58 15.62 3.67
C ASP A 102 0.88 15.17 3.87
N GLY A 103 1.21 14.01 3.31
CA GLY A 103 2.56 13.49 3.43
C GLY A 103 2.59 12.00 3.73
N GLU A 104 2.07 11.20 2.82
CA GLU A 104 2.04 9.75 2.99
C GLU A 104 3.44 9.17 3.19
N GLU A 105 3.63 8.47 4.30
CA GLU A 105 4.90 7.85 4.60
C GLU A 105 4.88 6.35 4.36
N ILE A 106 4.10 5.64 5.17
CA ILE A 106 4.04 4.20 5.08
C ILE A 106 2.68 3.64 5.49
N PHE A 107 2.54 2.33 5.36
CA PHE A 107 1.31 1.63 5.71
C PHE A 107 1.48 0.82 6.99
N ARG A 108 1.35 1.49 8.13
CA ARG A 108 1.50 0.81 9.41
C ARG A 108 0.13 0.47 10.01
N GLY A 109 -0.08 -0.82 10.25
CA GLY A 109 -1.34 -1.34 10.79
C GLY A 109 -2.08 -0.41 11.73
N ASN A 110 -3.09 0.27 11.19
CA ASN A 110 -3.94 1.19 11.96
C ASN A 110 -5.22 1.51 11.22
N ASP A 111 -5.64 0.62 10.33
CA ASP A 111 -6.85 0.85 9.53
C ASP A 111 -8.06 0.18 10.16
N ALA A 112 -9.24 0.64 9.73
CA ALA A 112 -10.50 0.10 10.21
C ALA A 112 -11.45 -0.10 9.05
N GLU A 113 -12.51 -0.87 9.31
CA GLU A 113 -13.51 -1.13 8.29
C GLU A 113 -12.86 -1.61 7.00
N CYS A 114 -12.20 -2.76 7.04
CA CYS A 114 -11.54 -3.28 5.84
C CYS A 114 -12.06 -4.65 5.42
N ARG A 115 -12.04 -4.86 4.11
CA ARG A 115 -12.48 -6.09 3.49
C ARG A 115 -11.55 -6.44 2.31
N PRO A 116 -11.54 -7.70 1.87
CA PRO A 116 -10.70 -8.13 0.76
C PRO A 116 -11.20 -7.61 -0.58
N PHE A 117 -10.31 -6.94 -1.31
CA PHE A 117 -10.67 -6.36 -2.61
C PHE A 117 -10.00 -7.09 -3.76
N THR A 118 -10.72 -7.21 -4.87
CA THR A 118 -10.18 -7.86 -6.05
C THR A 118 -10.32 -6.98 -7.28
N GLY A 119 -9.19 -6.44 -7.72
CA GLY A 119 -9.18 -5.57 -8.89
C GLY A 119 -9.59 -6.29 -10.15
N HIS A 1 -21.07 5.55 -4.08
CA HIS A 1 -21.37 5.88 -2.66
C HIS A 1 -20.12 6.35 -1.94
N ARG A 2 -19.16 5.44 -1.73
CA ARG A 2 -17.92 5.76 -1.05
C ARG A 2 -16.73 5.15 -1.78
N SER A 3 -16.99 4.15 -2.62
CA SER A 3 -15.93 3.48 -3.37
C SER A 3 -14.94 4.50 -3.94
N ALA A 4 -13.86 4.72 -3.21
CA ALA A 4 -12.84 5.67 -3.62
C ALA A 4 -12.15 5.21 -4.89
N ASN A 5 -11.08 5.90 -5.27
CA ASN A 5 -10.33 5.57 -6.46
C ASN A 5 -9.40 4.38 -6.24
N LEU A 6 -9.90 3.37 -5.53
CA LEU A 6 -9.10 2.17 -5.26
C LEU A 6 -8.71 1.50 -6.56
N ARG A 7 -9.46 1.81 -7.60
CA ARG A 7 -9.23 1.25 -8.92
C ARG A 7 -7.92 1.78 -9.47
N ALA A 8 -7.56 2.98 -9.03
CA ALA A 8 -6.31 3.61 -9.44
C ALA A 8 -5.17 2.99 -8.67
N ALA A 9 -5.44 2.71 -7.40
CA ALA A 9 -4.47 2.12 -6.51
C ALA A 9 -4.28 0.66 -6.83
N HIS A 10 -5.39 -0.01 -7.11
CA HIS A 10 -5.37 -1.40 -7.43
C HIS A 10 -4.30 -1.67 -8.46
N ALA A 11 -4.10 -0.69 -9.35
CA ALA A 11 -3.10 -0.78 -10.39
C ALA A 11 -1.75 -0.31 -9.86
N ALA A 12 -1.77 0.61 -8.90
CA ALA A 12 -0.54 1.11 -8.31
C ALA A 12 0.12 0.03 -7.47
N LEU A 13 -0.59 -0.44 -6.44
CA LEU A 13 -0.08 -1.51 -5.59
C LEU A 13 0.20 -2.72 -6.44
N LEU A 14 -0.51 -2.83 -7.55
CA LEU A 14 -0.30 -3.90 -8.50
C LEU A 14 1.02 -3.61 -9.22
N GLU A 15 1.16 -2.36 -9.61
CA GLU A 15 2.37 -1.87 -10.26
C GLU A 15 3.55 -2.09 -9.33
N ASN A 16 3.25 -2.05 -8.03
CA ASN A 16 4.24 -2.29 -7.00
C ASN A 16 4.41 -3.79 -6.88
N ALA A 17 3.29 -4.49 -7.09
CA ALA A 17 3.25 -5.94 -7.04
C ALA A 17 4.13 -6.58 -8.10
N ARG A 18 4.15 -6.01 -9.29
CA ARG A 18 4.97 -6.53 -10.36
C ARG A 18 6.41 -6.21 -10.09
N PHE A 19 6.65 -4.98 -9.64
CA PHE A 19 7.99 -4.52 -9.31
C PHE A 19 8.53 -5.28 -8.11
N MET A 20 7.64 -5.74 -7.23
CA MET A 20 8.06 -6.52 -6.08
C MET A 20 8.18 -7.97 -6.48
N GLU A 21 7.25 -8.41 -7.32
CA GLU A 21 7.29 -9.75 -7.88
C GLU A 21 8.61 -9.88 -8.64
N GLN A 22 9.09 -8.73 -9.12
CA GLN A 22 10.33 -8.65 -9.86
C GLN A 22 11.52 -8.49 -8.93
N PHE A 23 11.42 -7.57 -7.96
CA PHE A 23 12.50 -7.35 -7.03
C PHE A 23 12.88 -8.65 -6.38
N TYR A 24 11.85 -9.44 -6.07
CA TYR A 24 12.04 -10.75 -5.48
C TYR A 24 12.59 -11.69 -6.54
N ALA A 25 12.18 -11.44 -7.78
CA ALA A 25 12.64 -12.23 -8.92
C ALA A 25 14.08 -11.85 -9.26
N LYS A 26 14.53 -10.73 -8.71
CA LYS A 26 15.88 -10.24 -8.94
C LYS A 26 16.75 -10.47 -7.71
N LYS A 27 16.09 -10.54 -6.56
CA LYS A 27 16.76 -10.73 -5.28
C LYS A 27 16.34 -12.04 -4.60
N GLY A 28 15.12 -12.07 -4.12
CA GLY A 28 14.61 -13.26 -3.44
C GLY A 28 14.12 -12.93 -2.04
N SER A 29 14.12 -11.64 -1.71
CA SER A 29 13.69 -11.18 -0.40
C SER A 29 13.25 -9.72 -0.48
N PHE A 30 12.71 -9.21 0.62
CA PHE A 30 12.25 -7.83 0.69
C PHE A 30 12.96 -7.08 1.81
N LYS A 31 12.83 -7.58 3.04
CA LYS A 31 13.48 -6.96 4.19
C LYS A 31 14.69 -7.80 4.59
N LEU A 32 15.68 -7.16 5.19
CA LEU A 32 16.91 -7.83 5.58
C LEU A 32 17.22 -7.70 7.07
N THR A 33 16.77 -6.63 7.70
CA THR A 33 17.06 -6.40 9.10
C THR A 33 15.93 -5.67 9.81
N SER A 34 16.10 -5.46 11.11
CA SER A 34 15.11 -4.75 11.89
C SER A 34 15.35 -3.26 11.78
N THR A 35 14.27 -2.53 11.52
CA THR A 35 14.31 -1.07 11.38
C THR A 35 15.02 -0.64 10.10
N LYS A 36 14.59 -1.25 8.99
CA LYS A 36 15.12 -0.96 7.68
C LYS A 36 13.97 -0.68 6.72
N TRP A 37 14.21 0.07 5.65
CA TRP A 37 13.14 0.41 4.73
C TRP A 37 13.47 0.19 3.26
N PRO A 38 13.02 -0.95 2.68
CA PRO A 38 13.22 -1.21 1.24
C PRO A 38 12.41 -0.18 0.45
N GLU A 39 13.06 0.52 -0.49
CA GLU A 39 12.37 1.55 -1.25
C GLU A 39 11.28 0.98 -2.15
N LEU A 40 10.15 1.70 -2.16
CA LEU A 40 8.99 1.32 -2.94
C LEU A 40 8.98 1.99 -4.33
N PRO A 41 8.44 1.29 -5.34
CA PRO A 41 8.34 1.82 -6.71
C PRO A 41 7.20 2.84 -6.88
N VAL A 42 5.95 2.39 -6.80
CA VAL A 42 4.80 3.30 -6.96
C VAL A 42 4.51 4.05 -5.66
N LYS A 43 4.36 5.36 -5.76
CA LYS A 43 4.09 6.18 -4.59
C LYS A 43 2.80 6.95 -4.78
N GLU A 44 2.14 6.74 -5.91
CA GLU A 44 0.89 7.42 -6.21
C GLU A 44 0.17 6.80 -7.41
N ALA A 45 -1.09 6.49 -7.20
CA ALA A 45 -1.95 5.94 -8.24
C ALA A 45 -2.66 7.07 -8.97
N GLY A 46 -3.63 6.72 -9.78
CA GLY A 46 -4.38 7.73 -10.52
C GLY A 46 -5.29 8.55 -9.61
N GLY A 47 -5.53 8.05 -8.41
CA GLY A 47 -6.39 8.75 -7.46
C GLY A 47 -6.05 8.41 -6.03
N PHE A 48 -5.06 7.55 -5.87
CA PHE A 48 -4.57 7.13 -4.56
C PHE A 48 -3.08 7.40 -4.48
N CYS A 49 -2.52 7.35 -3.28
CA CYS A 49 -1.09 7.56 -3.10
C CYS A 49 -0.51 6.37 -2.37
N ILE A 50 0.65 5.93 -2.82
CA ILE A 50 1.27 4.74 -2.26
C ILE A 50 2.59 4.99 -1.55
N ARG A 51 2.87 4.10 -0.60
CA ARG A 51 4.10 4.15 0.19
C ARG A 51 4.40 2.75 0.73
N MET A 52 5.68 2.46 0.94
CA MET A 52 6.10 1.15 1.45
C MET A 52 5.46 0.90 2.80
N SER A 53 5.32 -0.39 3.15
CA SER A 53 4.71 -0.80 4.43
C SER A 53 5.15 0.09 5.60
N GLY A 54 4.51 -0.13 6.75
CA GLY A 54 4.73 0.67 7.96
C GLY A 54 6.17 0.97 8.36
N GLN A 55 6.38 1.00 9.68
CA GLN A 55 7.69 1.30 10.24
C GLN A 55 8.75 0.29 9.86
N ALA A 56 9.97 0.78 9.63
CA ALA A 56 11.09 -0.06 9.26
C ALA A 56 11.21 -1.30 10.15
N LYS A 57 10.75 -1.17 11.39
CA LYS A 57 10.80 -2.28 12.33
C LYS A 57 9.68 -3.29 12.04
N GLY A 58 8.57 -2.77 11.53
CA GLY A 58 7.44 -3.61 11.19
C GLY A 58 7.26 -3.71 9.69
N ILE A 59 8.31 -4.15 9.03
CA ILE A 59 8.30 -4.24 7.58
C ILE A 59 8.26 -5.66 7.06
N LEU A 60 7.53 -5.79 5.95
CA LEU A 60 7.32 -7.04 5.24
C LEU A 60 8.57 -7.92 5.22
N GLU A 61 8.37 -9.19 4.87
CA GLU A 61 9.48 -10.15 4.82
C GLU A 61 9.10 -11.35 3.97
N GLY A 62 9.79 -11.51 2.85
CA GLY A 62 9.47 -12.60 1.94
C GLY A 62 8.10 -12.35 1.34
N LYS A 63 7.52 -11.22 1.71
CA LYS A 63 6.21 -10.80 1.26
C LYS A 63 6.21 -9.29 1.03
N PHE A 64 5.48 -8.81 0.03
CA PHE A 64 5.39 -7.38 -0.18
C PHE A 64 3.95 -6.91 -0.06
N THR A 65 3.74 -5.77 0.55
CA THR A 65 2.41 -5.18 0.61
C THR A 65 2.49 -3.67 0.75
N LEU A 66 1.99 -2.97 -0.26
CA LEU A 66 1.98 -1.52 -0.21
C LEU A 66 0.56 -1.02 -0.09
N LYS A 67 0.37 0.03 0.70
CA LYS A 67 -0.96 0.59 0.86
C LYS A 67 -1.07 1.93 0.20
N ALA A 68 -2.19 2.11 -0.46
CA ALA A 68 -2.47 3.34 -1.16
C ALA A 68 -3.55 4.13 -0.44
N VAL A 69 -3.54 5.43 -0.61
CA VAL A 69 -4.52 6.29 0.04
C VAL A 69 -5.07 7.34 -0.92
N ALA A 70 -6.39 7.45 -0.95
CA ALA A 70 -7.05 8.40 -1.83
C ALA A 70 -6.45 9.79 -1.71
N LEU A 71 -6.18 10.38 -2.87
CA LEU A 71 -5.66 11.72 -2.92
C LEU A 71 -6.76 12.66 -2.48
N ASP A 72 -7.98 12.27 -2.80
CA ASP A 72 -9.18 13.00 -2.40
C ASP A 72 -9.75 12.35 -1.15
N ARG A 73 -8.89 11.67 -0.40
CA ARG A 73 -9.29 10.97 0.81
C ARG A 73 -10.12 11.83 1.75
N GLU A 74 -9.91 13.15 1.71
CA GLU A 74 -10.69 14.05 2.54
C GLU A 74 -12.16 13.74 2.32
N ALA A 75 -12.42 13.22 1.13
CA ALA A 75 -13.73 12.82 0.69
C ALA A 75 -13.87 11.30 0.65
N GLU A 76 -12.74 10.61 0.49
CA GLU A 76 -12.73 9.15 0.41
C GLU A 76 -11.78 8.51 1.43
N PRO A 77 -12.25 8.22 2.65
CA PRO A 77 -11.42 7.60 3.69
C PRO A 77 -10.95 6.21 3.29
N ARG A 78 -11.58 5.66 2.25
CA ARG A 78 -11.23 4.33 1.75
C ARG A 78 -9.75 4.22 1.42
N VAL A 79 -9.19 3.06 1.73
CA VAL A 79 -7.78 2.77 1.50
C VAL A 79 -7.64 1.42 0.81
N LEU A 80 -6.48 1.15 0.20
CA LEU A 80 -6.28 -0.13 -0.46
C LEU A 80 -4.86 -0.66 -0.26
N ARG A 81 -4.71 -1.95 -0.50
CA ARG A 81 -3.41 -2.61 -0.40
C ARG A 81 -3.36 -3.77 -1.40
N LEU A 82 -2.18 -4.07 -1.90
CA LEU A 82 -2.01 -5.16 -2.86
C LEU A 82 -0.63 -5.77 -2.70
N ASN A 83 -0.57 -7.07 -2.52
CA ASN A 83 0.71 -7.75 -2.33
C ASN A 83 1.22 -8.41 -3.62
N GLU A 84 2.43 -8.97 -3.55
CA GLU A 84 3.06 -9.62 -4.69
C GLU A 84 2.23 -10.80 -5.20
N SER A 85 1.21 -11.17 -4.43
CA SER A 85 0.33 -12.28 -4.80
C SER A 85 -0.97 -11.76 -5.38
N LEU A 86 -0.94 -10.49 -5.72
CA LEU A 86 -2.08 -9.81 -6.30
C LEU A 86 -3.32 -9.89 -5.42
N THR A 87 -3.09 -10.08 -4.12
CA THR A 87 -4.17 -10.12 -3.15
C THR A 87 -4.32 -8.74 -2.52
N ALA A 88 -5.46 -8.10 -2.77
CA ALA A 88 -5.69 -6.77 -2.25
C ALA A 88 -6.74 -6.72 -1.16
N VAL A 89 -6.65 -5.67 -0.38
CA VAL A 89 -7.62 -5.43 0.69
C VAL A 89 -7.87 -3.95 0.84
N VAL A 90 -9.14 -3.62 0.88
CA VAL A 90 -9.57 -2.25 0.99
C VAL A 90 -10.10 -1.93 2.38
N CYS A 91 -9.92 -0.70 2.79
CA CYS A 91 -10.39 -0.24 4.08
C CYS A 91 -11.37 0.91 3.88
N GLY A 92 -12.26 1.08 4.84
CA GLY A 92 -13.24 2.14 4.75
C GLY A 92 -12.93 3.25 5.72
N LYS A 93 -11.82 3.07 6.41
CA LYS A 93 -11.36 4.04 7.39
C LYS A 93 -9.85 3.98 7.53
N MET A 94 -9.20 5.10 7.32
CA MET A 94 -7.75 5.16 7.45
C MET A 94 -7.38 6.09 8.60
N LYS A 95 -6.91 5.48 9.68
CA LYS A 95 -6.53 6.23 10.87
C LYS A 95 -5.05 6.61 10.86
N GLY A 96 -4.18 5.61 11.01
CA GLY A 96 -2.75 5.86 11.03
C GLY A 96 -2.15 5.88 9.64
N LYS A 97 -1.39 4.85 9.31
CA LYS A 97 -0.73 4.71 8.01
C LYS A 97 -0.21 6.06 7.52
N GLY A 98 -0.27 6.28 6.22
CA GLY A 98 0.19 7.53 5.63
C GLY A 98 -0.75 7.98 4.53
N SER A 99 -0.91 9.29 4.37
CA SER A 99 -1.82 9.81 3.37
C SER A 99 -1.21 10.97 2.60
N CYS A 100 -1.47 11.00 1.30
CA CYS A 100 -0.98 12.07 0.44
C CYS A 100 -1.70 13.36 0.81
N THR A 101 -1.42 14.43 0.07
CA THR A 101 -2.03 15.73 0.33
C THR A 101 -1.46 16.33 1.60
N ASP A 102 -0.61 15.56 2.27
CA ASP A 102 0.03 16.00 3.51
C ASP A 102 1.50 15.59 3.54
N GLY A 103 1.77 14.33 3.18
CA GLY A 103 3.14 13.85 3.17
C GLY A 103 3.24 12.37 3.51
N GLU A 104 2.82 11.52 2.58
CA GLU A 104 2.88 10.08 2.77
C GLU A 104 4.31 9.61 3.01
N GLU A 105 4.46 8.46 3.66
CA GLU A 105 5.77 7.89 3.93
C GLU A 105 5.70 6.37 3.99
N ILE A 106 4.81 5.86 4.84
CA ILE A 106 4.64 4.41 4.99
C ILE A 106 3.25 4.05 5.51
N PHE A 107 3.01 2.76 5.60
CA PHE A 107 1.72 2.23 6.06
C PHE A 107 1.81 1.60 7.46
N ARG A 108 1.90 2.45 8.49
CA ARG A 108 1.94 1.98 9.88
C ARG A 108 0.81 2.61 10.68
N GLY A 109 0.11 1.81 11.48
CA GLY A 109 -0.97 2.33 12.28
C GLY A 109 -2.14 1.38 12.39
N ASN A 110 -3.33 1.88 12.05
CA ASN A 110 -4.55 1.07 12.12
C ASN A 110 -5.63 1.60 11.19
N ASP A 111 -6.34 0.66 10.56
CA ASP A 111 -7.44 1.00 9.64
C ASP A 111 -8.72 0.33 10.11
N ALA A 112 -9.86 0.83 9.64
CA ALA A 112 -11.15 0.27 10.01
C ALA A 112 -12.03 0.04 8.79
N GLU A 113 -13.11 -0.71 9.00
CA GLU A 113 -14.04 -0.99 7.93
C GLU A 113 -13.32 -1.51 6.69
N CYS A 114 -12.66 -2.67 6.81
CA CYS A 114 -11.92 -3.22 5.67
C CYS A 114 -12.42 -4.59 5.25
N ARG A 115 -12.34 -4.82 3.94
CA ARG A 115 -12.74 -6.07 3.34
C ARG A 115 -11.75 -6.45 2.23
N PRO A 116 -11.72 -7.72 1.82
CA PRO A 116 -10.80 -8.19 0.77
C PRO A 116 -11.21 -7.69 -0.61
N PHE A 117 -10.28 -7.03 -1.28
CA PHE A 117 -10.53 -6.48 -2.61
C PHE A 117 -9.73 -7.20 -3.68
N THR A 118 -10.33 -7.37 -4.85
CA THR A 118 -9.67 -8.03 -5.96
C THR A 118 -9.75 -7.18 -7.23
N GLY A 119 -8.62 -6.57 -7.59
CA GLY A 119 -8.57 -5.75 -8.78
C GLY A 119 -8.75 -6.55 -10.05
N HIS A 1 -21.21 5.26 -3.35
CA HIS A 1 -21.15 6.73 -3.43
C HIS A 1 -19.83 7.26 -2.85
N ARG A 2 -19.19 6.43 -2.04
CA ARG A 2 -17.93 6.82 -1.41
C ARG A 2 -16.77 6.06 -2.03
N SER A 3 -17.08 4.96 -2.72
CA SER A 3 -16.04 4.14 -3.36
C SER A 3 -14.91 5.00 -3.89
N ALA A 4 -13.85 5.08 -3.11
CA ALA A 4 -12.70 5.88 -3.46
C ALA A 4 -12.06 5.39 -4.76
N ASN A 5 -10.95 6.02 -5.13
CA ASN A 5 -10.25 5.67 -6.35
C ASN A 5 -9.37 4.43 -6.14
N LEU A 6 -9.88 3.43 -5.42
CA LEU A 6 -9.12 2.21 -5.17
C LEU A 6 -8.79 1.54 -6.49
N ARG A 7 -9.57 1.89 -7.49
CA ARG A 7 -9.39 1.33 -8.82
C ARG A 7 -8.08 1.82 -9.42
N ALA A 8 -7.69 3.02 -9.03
CA ALA A 8 -6.45 3.61 -9.48
C ALA A 8 -5.29 2.98 -8.73
N ALA A 9 -5.55 2.70 -7.47
CA ALA A 9 -4.56 2.10 -6.60
C ALA A 9 -4.40 0.63 -6.90
N HIS A 10 -5.52 -0.01 -7.17
CA HIS A 10 -5.52 -1.41 -7.48
C HIS A 10 -4.47 -1.69 -8.53
N ALA A 11 -4.27 -0.72 -9.42
CA ALA A 11 -3.28 -0.83 -10.47
C ALA A 11 -1.91 -0.38 -9.97
N ALA A 12 -1.89 0.52 -8.99
CA ALA A 12 -0.64 1.01 -8.42
C ALA A 12 -0.01 -0.06 -7.55
N LEU A 13 -0.73 -0.48 -6.50
CA LEU A 13 -0.23 -1.53 -5.62
C LEU A 13 0.05 -2.77 -6.45
N LEU A 14 -0.64 -2.87 -7.58
CA LEU A 14 -0.44 -3.96 -8.52
C LEU A 14 0.85 -3.66 -9.28
N GLU A 15 0.93 -2.42 -9.73
CA GLU A 15 2.09 -1.91 -10.44
C GLU A 15 3.32 -2.13 -9.58
N ASN A 16 3.09 -2.19 -8.28
CA ASN A 16 4.13 -2.45 -7.31
C ASN A 16 4.31 -3.95 -7.17
N ALA A 17 3.19 -4.62 -6.97
CA ALA A 17 3.17 -6.08 -6.80
C ALA A 17 3.98 -6.77 -7.89
N ARG A 18 3.95 -6.22 -9.09
CA ARG A 18 4.70 -6.80 -10.20
C ARG A 18 6.17 -6.46 -10.02
N PHE A 19 6.45 -5.19 -9.78
CA PHE A 19 7.80 -4.72 -9.58
C PHE A 19 8.39 -5.39 -8.34
N MET A 20 7.52 -5.86 -7.47
CA MET A 20 7.93 -6.56 -6.26
C MET A 20 8.16 -8.01 -6.62
N GLU A 21 7.26 -8.52 -7.45
CA GLU A 21 7.39 -9.85 -7.98
C GLU A 21 8.70 -9.91 -8.76
N GLN A 22 9.14 -8.72 -9.16
CA GLN A 22 10.38 -8.53 -9.90
C GLN A 22 11.56 -8.41 -8.95
N PHE A 23 11.45 -7.46 -8.01
CA PHE A 23 12.50 -7.23 -7.02
C PHE A 23 12.94 -8.54 -6.40
N TYR A 24 11.96 -9.38 -6.07
CA TYR A 24 12.23 -10.69 -5.50
C TYR A 24 12.92 -11.55 -6.55
N ALA A 25 12.40 -11.48 -7.76
CA ALA A 25 12.96 -12.22 -8.89
C ALA A 25 14.39 -11.74 -9.18
N LYS A 26 14.71 -10.56 -8.65
CA LYS A 26 16.02 -9.97 -8.82
C LYS A 26 16.85 -10.09 -7.55
N LYS A 27 16.17 -10.26 -6.42
CA LYS A 27 16.81 -10.37 -5.12
C LYS A 27 16.41 -11.65 -4.40
N GLY A 28 15.23 -11.63 -3.79
CA GLY A 28 14.74 -12.78 -3.06
C GLY A 28 14.10 -12.40 -1.74
N SER A 29 14.31 -11.15 -1.32
CA SER A 29 13.74 -10.66 -0.07
C SER A 29 13.74 -9.13 -0.04
N PHE A 30 12.80 -8.56 0.71
CA PHE A 30 12.72 -7.10 0.83
C PHE A 30 13.52 -6.61 2.03
N LYS A 31 12.97 -6.75 3.22
CA LYS A 31 13.69 -6.33 4.42
C LYS A 31 14.79 -7.31 4.70
N LEU A 32 15.80 -6.84 5.40
CA LEU A 32 16.94 -7.65 5.73
C LEU A 32 17.09 -7.78 7.24
N THR A 33 16.64 -6.74 7.95
CA THR A 33 16.73 -6.68 9.39
C THR A 33 15.58 -5.88 9.96
N SER A 34 15.25 -6.11 11.23
CA SER A 34 14.20 -5.34 11.87
C SER A 34 14.61 -3.90 11.95
N THR A 35 13.70 -3.01 11.58
CA THR A 35 13.91 -1.56 11.58
C THR A 35 14.65 -1.09 10.34
N LYS A 36 14.32 -1.70 9.19
CA LYS A 36 14.91 -1.32 7.90
C LYS A 36 13.80 -0.97 6.92
N TRP A 37 14.09 -0.11 5.96
CA TRP A 37 13.07 0.32 5.01
C TRP A 37 13.44 0.12 3.54
N PRO A 38 12.97 -0.97 2.92
CA PRO A 38 13.19 -1.22 1.49
C PRO A 38 12.47 -0.15 0.67
N GLU A 39 12.93 0.10 -0.56
CA GLU A 39 12.31 1.13 -1.38
C GLU A 39 11.14 0.59 -2.21
N LEU A 40 10.01 1.32 -2.16
CA LEU A 40 8.82 0.92 -2.91
C LEU A 40 8.78 1.58 -4.29
N PRO A 41 8.16 0.90 -5.28
CA PRO A 41 8.07 1.39 -6.65
C PRO A 41 7.04 2.52 -6.83
N VAL A 42 5.75 2.17 -6.91
CA VAL A 42 4.70 3.16 -7.10
C VAL A 42 4.47 3.95 -5.83
N LYS A 43 4.36 5.27 -5.98
CA LYS A 43 4.14 6.16 -4.85
C LYS A 43 2.82 6.91 -5.01
N GLU A 44 2.14 6.66 -6.13
CA GLU A 44 0.87 7.35 -6.39
C GLU A 44 0.14 6.70 -7.57
N ALA A 45 -1.14 6.42 -7.36
CA ALA A 45 -2.00 5.87 -8.39
C ALA A 45 -2.70 7.01 -9.13
N GLY A 46 -3.70 6.67 -9.92
CA GLY A 46 -4.43 7.69 -10.67
C GLY A 46 -5.36 8.50 -9.77
N GLY A 47 -5.54 8.05 -8.53
CA GLY A 47 -6.41 8.74 -7.60
C GLY A 47 -6.05 8.43 -6.17
N PHE A 48 -5.08 7.54 -6.02
CA PHE A 48 -4.58 7.12 -4.71
C PHE A 48 -3.08 7.40 -4.65
N CYS A 49 -2.52 7.36 -3.46
CA CYS A 49 -1.09 7.57 -3.31
C CYS A 49 -0.50 6.38 -2.58
N ILE A 50 0.66 5.95 -3.03
CA ILE A 50 1.29 4.77 -2.48
C ILE A 50 2.62 5.05 -1.79
N ARG A 51 2.93 4.17 -0.85
CA ARG A 51 4.17 4.25 -0.10
C ARG A 51 4.53 2.85 0.41
N MET A 52 5.72 2.71 0.98
CA MET A 52 6.16 1.42 1.48
C MET A 52 5.42 1.07 2.76
N SER A 53 5.31 -0.23 3.05
CA SER A 53 4.63 -0.70 4.26
C SER A 53 5.01 0.15 5.49
N GLY A 54 4.39 -0.13 6.63
CA GLY A 54 4.60 0.62 7.87
C GLY A 54 6.04 0.95 8.27
N GLN A 55 6.27 0.96 9.58
CA GLN A 55 7.59 1.27 10.14
C GLN A 55 8.61 0.23 9.78
N ALA A 56 9.85 0.68 9.66
CA ALA A 56 10.96 -0.20 9.29
C ALA A 56 11.06 -1.35 10.25
N LYS A 57 10.61 -1.09 11.47
CA LYS A 57 10.62 -2.05 12.53
C LYS A 57 9.63 -3.18 12.25
N GLY A 58 8.61 -2.86 11.46
CA GLY A 58 7.59 -3.82 11.10
C GLY A 58 7.36 -3.84 9.61
N ILE A 59 8.37 -4.27 8.87
CA ILE A 59 8.29 -4.30 7.43
C ILE A 59 8.25 -5.69 6.86
N LEU A 60 7.44 -5.79 5.81
CA LEU A 60 7.21 -7.01 5.08
C LEU A 60 8.41 -7.94 5.04
N GLU A 61 8.14 -9.24 5.04
CA GLU A 61 9.18 -10.25 4.97
C GLU A 61 8.61 -11.52 4.34
N GLY A 62 9.11 -11.86 3.17
CA GLY A 62 8.58 -13.01 2.46
C GLY A 62 7.26 -12.64 1.83
N LYS A 63 6.88 -11.39 2.04
CA LYS A 63 5.64 -10.83 1.51
C LYS A 63 5.90 -9.39 1.07
N PHE A 64 5.39 -9.00 -0.08
CA PHE A 64 5.56 -7.61 -0.52
C PHE A 64 4.21 -6.95 -0.68
N THR A 65 3.95 -5.89 0.08
CA THR A 65 2.66 -5.20 0.01
C THR A 65 2.78 -3.70 0.19
N LEU A 66 1.99 -2.97 -0.59
CA LEU A 66 1.96 -1.51 -0.49
C LEU A 66 0.53 -1.04 -0.23
N LYS A 67 0.40 -0.01 0.59
CA LYS A 67 -0.93 0.53 0.88
C LYS A 67 -1.09 1.90 0.28
N ALA A 68 -2.09 2.01 -0.56
CA ALA A 68 -2.41 3.26 -1.23
C ALA A 68 -3.49 4.01 -0.49
N VAL A 69 -3.45 5.33 -0.60
CA VAL A 69 -4.42 6.18 0.06
C VAL A 69 -4.95 7.23 -0.90
N ALA A 70 -6.27 7.38 -0.93
CA ALA A 70 -6.91 8.32 -1.81
C ALA A 70 -6.27 9.70 -1.73
N LEU A 71 -6.11 10.33 -2.88
CA LEU A 71 -5.55 11.66 -2.94
C LEU A 71 -6.59 12.61 -2.38
N ASP A 72 -7.84 12.29 -2.66
CA ASP A 72 -8.98 13.04 -2.14
C ASP A 72 -9.52 12.32 -0.93
N ARG A 73 -8.65 11.53 -0.28
CA ARG A 73 -9.02 10.75 0.89
C ARG A 73 -9.73 11.58 1.95
N GLU A 74 -9.46 12.89 1.97
CA GLU A 74 -10.15 13.77 2.92
C GLU A 74 -11.64 13.54 2.77
N ALA A 75 -11.99 13.12 1.57
CA ALA A 75 -13.36 12.81 1.19
C ALA A 75 -13.56 11.30 1.06
N GLU A 76 -12.47 10.58 0.78
CA GLU A 76 -12.52 9.14 0.61
C GLU A 76 -11.57 8.41 1.57
N PRO A 77 -12.00 8.17 2.83
CA PRO A 77 -11.17 7.47 3.82
C PRO A 77 -10.75 6.09 3.34
N ARG A 78 -11.40 5.61 2.29
CA ARG A 78 -11.10 4.28 1.75
C ARG A 78 -9.62 4.16 1.40
N VAL A 79 -9.06 3.03 1.80
CA VAL A 79 -7.65 2.73 1.56
C VAL A 79 -7.53 1.38 0.87
N LEU A 80 -6.42 1.12 0.19
CA LEU A 80 -6.24 -0.17 -0.48
C LEU A 80 -4.82 -0.69 -0.32
N ARG A 81 -4.66 -1.98 -0.56
CA ARG A 81 -3.37 -2.64 -0.49
C ARG A 81 -3.34 -3.79 -1.47
N LEU A 82 -2.18 -4.05 -2.05
CA LEU A 82 -2.03 -5.15 -2.99
C LEU A 82 -0.63 -5.72 -2.92
N ASN A 83 -0.54 -7.01 -2.69
CA ASN A 83 0.76 -7.66 -2.56
C ASN A 83 1.18 -8.35 -3.86
N GLU A 84 2.39 -8.94 -3.84
CA GLU A 84 2.93 -9.64 -5.00
C GLU A 84 2.03 -10.80 -5.40
N SER A 85 1.24 -11.28 -4.45
CA SER A 85 0.32 -12.39 -4.71
C SER A 85 -0.95 -11.86 -5.33
N LEU A 86 -0.92 -10.58 -5.64
CA LEU A 86 -2.03 -9.90 -6.26
C LEU A 86 -3.29 -9.99 -5.41
N THR A 87 -3.11 -10.06 -4.10
CA THR A 87 -4.22 -10.10 -3.16
C THR A 87 -4.39 -8.72 -2.54
N ALA A 88 -5.51 -8.08 -2.83
CA ALA A 88 -5.75 -6.74 -2.31
C ALA A 88 -6.76 -6.71 -1.20
N VAL A 89 -6.63 -5.68 -0.38
CA VAL A 89 -7.56 -5.44 0.71
C VAL A 89 -7.82 -3.96 0.88
N VAL A 90 -9.09 -3.64 0.92
CA VAL A 90 -9.53 -2.27 1.05
C VAL A 90 -10.06 -1.97 2.44
N CYS A 91 -9.89 -0.73 2.85
CA CYS A 91 -10.38 -0.25 4.13
C CYS A 91 -11.34 0.89 3.90
N GLY A 92 -12.19 1.14 4.87
CA GLY A 92 -13.15 2.19 4.76
C GLY A 92 -12.82 3.32 5.71
N LYS A 93 -11.73 3.12 6.42
CA LYS A 93 -11.27 4.10 7.39
C LYS A 93 -9.76 4.04 7.52
N MET A 94 -9.12 5.18 7.31
CA MET A 94 -7.68 5.26 7.42
C MET A 94 -7.32 6.20 8.55
N LYS A 95 -6.83 5.63 9.65
CA LYS A 95 -6.48 6.41 10.82
C LYS A 95 -4.99 6.76 10.85
N GLY A 96 -4.15 5.75 11.06
CA GLY A 96 -2.71 5.98 11.13
C GLY A 96 -2.03 5.95 9.78
N LYS A 97 -0.85 5.34 9.72
CA LYS A 97 -0.09 5.24 8.49
C LYS A 97 0.22 6.63 7.91
N GLY A 98 0.28 6.72 6.59
CA GLY A 98 0.57 7.98 5.94
C GLY A 98 -0.29 8.18 4.71
N SER A 99 -0.62 9.44 4.41
CA SER A 99 -1.47 9.74 3.27
C SER A 99 -0.99 10.97 2.52
N CYS A 100 -1.13 10.92 1.18
CA CYS A 100 -0.76 12.05 0.34
C CYS A 100 -1.58 13.26 0.72
N THR A 101 -1.40 14.36 -0.01
CA THR A 101 -2.14 15.61 0.25
C THR A 101 -2.10 15.96 1.74
N ASP A 102 -1.14 15.38 2.46
CA ASP A 102 -0.98 15.63 3.89
C ASP A 102 0.43 15.26 4.32
N GLY A 103 0.97 14.21 3.72
CA GLY A 103 2.32 13.76 4.05
C GLY A 103 2.42 12.26 4.23
N GLU A 104 2.30 11.52 3.13
CA GLU A 104 2.36 10.06 3.16
C GLU A 104 3.80 9.60 3.43
N GLU A 105 3.94 8.44 4.04
CA GLU A 105 5.26 7.89 4.33
C GLU A 105 5.25 6.37 4.33
N ILE A 106 4.39 5.77 5.17
CA ILE A 106 4.31 4.32 5.29
C ILE A 106 2.94 3.84 5.77
N PHE A 107 2.79 2.52 5.85
CA PHE A 107 1.54 1.90 6.28
C PHE A 107 1.68 1.29 7.69
N ARG A 108 1.73 2.16 8.71
CA ARG A 108 1.81 1.70 10.10
C ARG A 108 0.76 2.41 10.95
N GLY A 109 -0.10 1.64 11.60
CA GLY A 109 -1.14 2.22 12.43
C GLY A 109 -2.38 1.35 12.54
N ASN A 110 -3.54 1.95 12.31
CA ASN A 110 -4.80 1.22 12.40
C ASN A 110 -5.79 1.65 11.33
N ASP A 111 -6.50 0.67 10.76
CA ASP A 111 -7.49 0.93 9.73
C ASP A 111 -8.80 0.23 10.08
N ALA A 112 -9.91 0.84 9.70
CA ALA A 112 -11.23 0.28 9.97
C ALA A 112 -12.03 0.10 8.71
N GLU A 113 -13.12 -0.64 8.81
CA GLU A 113 -13.99 -0.88 7.68
C GLU A 113 -13.23 -1.50 6.51
N CYS A 114 -12.61 -2.66 6.71
CA CYS A 114 -11.83 -3.27 5.63
C CYS A 114 -12.34 -4.64 5.23
N ARG A 115 -12.26 -4.90 3.94
CA ARG A 115 -12.67 -6.16 3.35
C ARG A 115 -11.70 -6.52 2.23
N PRO A 116 -11.66 -7.80 1.82
CA PRO A 116 -10.77 -8.24 0.74
C PRO A 116 -11.21 -7.73 -0.62
N PHE A 117 -10.31 -7.04 -1.30
CA PHE A 117 -10.59 -6.47 -2.61
C PHE A 117 -9.83 -7.18 -3.72
N THR A 118 -10.48 -7.32 -4.87
CA THR A 118 -9.85 -7.96 -6.01
C THR A 118 -9.96 -7.08 -7.26
N GLY A 119 -8.84 -6.49 -7.64
CA GLY A 119 -8.81 -5.63 -8.81
C GLY A 119 -8.95 -6.40 -10.11
#